data_6C7J
#
_entry.id   6C7J
#
_cell.length_a   55.930
_cell.length_b   73.450
_cell.length_c   91.030
_cell.angle_alpha   109.120
_cell.angle_beta   91.250
_cell.angle_gamma   91.560
#
_symmetry.space_group_name_H-M   'P 1'
#
loop_
_entity.id
_entity.type
_entity.pdbx_description
1 polymer "cGMP-dependent 3',5'-cyclic phosphodiesterase"
2 non-polymer 1-(5-tert-butoxy-2-chlorophenyl)-4-methyl-N-(2-methylpropyl)[1,2,4]triazolo[4,3-a]quinoxaline-8-carboxamide
3 non-polymer 'ZINC ION'
4 non-polymer 'MAGNESIUM ION'
5 water water
#
_entity_poly.entity_id   1
_entity_poly.type   'polypeptide(L)'
_entity_poly.pdbx_seq_one_letter_code
;SAMDDEYTKLLHDGIQPVAAIDSNFASFTYTPRSLPEDDTSMAILSMLQDMNFINNYKIDCPTLARFCLMVKKGYRDPPY
HNWMHAFSVSHFCYLLYKNLELTNYLEDIEIFALFISCMCHDLDHRGTNNSFQVASKSVLAALYSSEGSVMERHHFAQAI
AILNTHGCNIFDHFSRKDYQRMLDLMRDIILATDLAHHLRIFKDLQKMAEVGYDRNNKQHHRLLLCLLMTSCDLSDQTKG
WKTTRKIAELIYKEFFSQGDLEKAMGNRPMEMMDREKAYIPELQISFMEHIAMPIYKLLQDLFPKAAELYERVASNREHW
TKVSHKFTIRGLPSNNSLDFLD
;
_entity_poly.pdbx_strand_id   A,B,C,D
#
# COMPACT_ATOMS: atom_id res chain seq x y z
N SER A 1 -15.90 -2.41 17.78
CA SER A 1 -14.52 -2.73 18.15
C SER A 1 -14.46 -3.44 19.49
N ALA A 2 -13.80 -4.59 19.49
CA ALA A 2 -13.74 -5.41 20.68
C ALA A 2 -12.90 -4.74 21.75
N MET A 3 -11.75 -4.20 21.35
CA MET A 3 -10.84 -3.59 22.30
C MET A 3 -11.52 -2.42 23.02
N ASP A 4 -12.38 -1.69 22.32
CA ASP A 4 -13.07 -0.58 22.96
C ASP A 4 -14.03 -1.08 24.04
N ASP A 5 -14.68 -2.21 23.79
CA ASP A 5 -15.57 -2.80 24.76
C ASP A 5 -14.79 -3.37 25.93
N GLU A 6 -13.69 -4.05 25.62
CA GLU A 6 -12.79 -4.57 26.65
C GLU A 6 -12.28 -3.41 27.51
N TYR A 7 -11.83 -2.35 26.85
CA TYR A 7 -11.33 -1.14 27.53
C TYR A 7 -12.38 -0.53 28.46
N THR A 8 -13.60 -0.45 27.97
CA THR A 8 -14.68 0.19 28.70
C THR A 8 -14.94 -0.52 30.03
N LYS A 9 -14.91 -1.85 30.00
CA LYS A 9 -15.10 -2.63 31.21
C LYS A 9 -13.86 -2.57 32.09
N LEU A 10 -12.71 -2.63 31.45
CA LEU A 10 -11.44 -2.65 32.18
C LEU A 10 -11.32 -1.38 33.01
N LEU A 11 -11.81 -0.28 32.44
CA LEU A 11 -11.72 1.03 33.07
C LEU A 11 -12.83 1.26 34.10
N HIS A 12 -14.07 1.02 33.71
CA HIS A 12 -15.18 1.41 34.55
C HIS A 12 -15.56 0.37 35.59
N ASP A 13 -15.24 -0.89 35.38
CA ASP A 13 -15.61 -1.94 36.34
C ASP A 13 -14.70 -1.92 37.57
N GLY A 14 -13.48 -1.45 37.39
CA GLY A 14 -12.57 -1.31 38.52
C GLY A 14 -11.58 -2.45 38.68
N ILE A 15 -10.45 -2.13 39.31
CA ILE A 15 -9.35 -3.08 39.49
C ILE A 15 -9.58 -4.06 40.63
N GLN A 16 -9.84 -5.31 40.27
CA GLN A 16 -10.14 -6.40 41.20
C GLN A 16 -8.94 -6.75 42.10
N PRO A 17 -9.20 -7.10 43.38
CA PRO A 17 -8.13 -7.49 44.32
C PRO A 17 -7.29 -8.66 43.82
N VAL A 18 -5.96 -8.64 43.99
CA VAL A 18 -5.14 -9.76 43.52
C VAL A 18 -5.53 -11.11 44.13
N ALA A 19 -5.94 -11.11 45.39
CA ALA A 19 -6.31 -12.36 46.05
C ALA A 19 -7.58 -12.98 45.44
N ALA A 20 -8.37 -12.15 44.76
CA ALA A 20 -9.55 -12.66 44.07
C ALA A 20 -9.15 -13.40 42.79
N ILE A 21 -7.97 -13.13 42.27
CA ILE A 21 -7.52 -13.79 41.05
C ILE A 21 -7.24 -15.23 41.39
N ASP A 22 -6.53 -15.43 42.49
CA ASP A 22 -6.22 -16.76 43.00
C ASP A 22 -5.69 -16.63 44.43
N SER A 23 -6.13 -17.52 45.32
CA SER A 23 -5.66 -17.54 46.70
C SER A 23 -4.14 -17.54 46.82
N ASN A 24 -3.48 -18.22 45.88
CA ASN A 24 -2.03 -18.33 45.91
C ASN A 24 -1.35 -17.50 44.83
N PHE A 25 -2.04 -16.48 44.32
CA PHE A 25 -1.53 -15.70 43.20
C PHE A 25 -0.12 -15.13 43.44
N ALA A 26 0.23 -14.90 44.70
CA ALA A 26 1.54 -14.32 45.02
C ALA A 26 2.56 -15.38 45.45
N SER A 27 2.26 -16.65 45.20
CA SER A 27 3.16 -17.73 45.58
C SER A 27 4.01 -18.20 44.40
N PHE A 28 5.24 -18.63 44.69
CA PHE A 28 6.10 -19.20 43.67
C PHE A 28 5.52 -20.50 43.11
N THR A 29 4.53 -21.07 43.80
CA THR A 29 3.93 -22.32 43.33
C THR A 29 2.80 -22.04 42.35
N TYR A 30 2.34 -20.80 42.30
CA TYR A 30 1.26 -20.48 41.37
C TYR A 30 1.72 -20.47 39.90
N THR A 31 0.93 -21.08 39.03
CA THR A 31 1.21 -21.12 37.58
C THR A 31 0.30 -20.14 36.84
N PRO A 32 0.87 -19.00 36.42
CA PRO A 32 0.04 -17.92 35.87
C PRO A 32 -0.58 -18.30 34.51
N ARG A 33 -0.01 -19.29 33.84
CA ARG A 33 -0.61 -19.78 32.62
C ARG A 33 -1.94 -20.49 32.88
N SER A 34 -2.25 -20.79 34.14
CA SER A 34 -3.56 -21.36 34.49
C SER A 34 -4.66 -20.31 34.36
N LEU A 35 -4.28 -19.03 34.37
CA LEU A 35 -5.30 -17.97 34.30
C LEU A 35 -5.84 -17.84 32.89
N PRO A 36 -7.17 -17.83 32.75
CA PRO A 36 -7.79 -17.59 31.44
C PRO A 36 -7.25 -16.33 30.79
N GLU A 37 -6.93 -16.39 29.50
CA GLU A 37 -6.32 -15.25 28.81
C GLU A 37 -7.21 -14.02 28.88
N ASP A 38 -8.52 -14.21 28.80
CA ASP A 38 -9.48 -13.10 28.95
C ASP A 38 -9.38 -12.38 30.30
N ASP A 39 -8.69 -12.96 31.28
CA ASP A 39 -8.58 -12.35 32.60
C ASP A 39 -7.20 -11.71 32.83
N THR A 40 -6.30 -11.80 31.86
CA THR A 40 -4.90 -11.44 32.14
C THR A 40 -4.68 -9.93 32.18
N SER A 41 -5.43 -9.20 31.37
CA SER A 41 -5.33 -7.74 31.36
C SER A 41 -5.74 -7.17 32.70
N MET A 42 -6.87 -7.66 33.24
CA MET A 42 -7.31 -7.21 34.56
C MET A 42 -6.28 -7.56 35.62
N ALA A 43 -5.69 -8.76 35.52
CA ALA A 43 -4.67 -9.19 36.45
C ALA A 43 -3.39 -8.34 36.38
N ILE A 44 -3.01 -7.90 35.18
CA ILE A 44 -1.91 -6.94 35.04
C ILE A 44 -2.21 -5.69 35.86
N LEU A 45 -3.40 -5.12 35.67
CA LEU A 45 -3.80 -3.95 36.45
C LEU A 45 -3.79 -4.25 37.96
N SER A 46 -4.29 -5.41 38.34
CA SER A 46 -4.31 -5.78 39.76
C SER A 46 -2.89 -5.80 40.32
N MET A 47 -1.96 -6.34 39.54
CA MET A 47 -0.58 -6.45 40.01
C MET A 47 0.08 -5.07 40.14
N LEU A 48 -0.15 -4.23 39.15
CA LEU A 48 0.35 -2.86 39.14
C LEU A 48 -0.12 -2.10 40.37
N GLN A 49 -1.40 -2.23 40.69
CA GLN A 49 -1.96 -1.65 41.90
C GLN A 49 -1.38 -2.25 43.17
N ASP A 50 -1.26 -3.56 43.23
CA ASP A 50 -0.79 -4.21 44.46
C ASP A 50 0.67 -3.86 44.75
N MET A 51 1.42 -3.49 43.72
CA MET A 51 2.81 -3.09 43.91
C MET A 51 2.89 -1.58 44.15
N ASN A 52 1.72 -0.95 44.28
CA ASN A 52 1.60 0.49 44.54
C ASN A 52 2.12 1.44 43.45
N PHE A 53 2.40 0.92 42.25
CA PHE A 53 2.88 1.76 41.15
C PHE A 53 1.85 2.76 40.66
N ILE A 54 0.59 2.36 40.63
CA ILE A 54 -0.46 3.24 40.15
C ILE A 54 -0.55 4.46 41.07
N ASN A 55 -0.60 4.23 42.36
CA ASN A 55 -0.62 5.32 43.36
C ASN A 55 0.66 6.14 43.37
N ASN A 56 1.80 5.47 43.51
CA ASN A 56 3.09 6.14 43.65
C ASN A 56 3.41 7.06 42.47
N TYR A 57 3.12 6.59 41.26
CA TYR A 57 3.44 7.36 40.06
C TYR A 57 2.23 8.08 39.49
N LYS A 58 1.14 8.10 40.25
CA LYS A 58 -0.10 8.75 39.84
C LYS A 58 -0.46 8.44 38.39
N ILE A 59 -0.48 7.15 38.07
CA ILE A 59 -0.75 6.72 36.72
C ILE A 59 -2.21 6.99 36.39
N ASP A 60 -2.45 7.64 35.26
CA ASP A 60 -3.80 7.85 34.75
C ASP A 60 -4.44 6.51 34.37
N CYS A 61 -5.57 6.18 34.99
CA CYS A 61 -6.16 4.87 34.80
C CYS A 61 -6.71 4.64 33.39
N PRO A 62 -7.42 5.64 32.79
CA PRO A 62 -7.78 5.43 31.38
C PRO A 62 -6.55 5.13 30.52
N THR A 63 -5.46 5.87 30.73
CA THR A 63 -4.23 5.67 29.94
C THR A 63 -3.60 4.29 30.20
N LEU A 64 -3.58 3.87 31.45
CA LEU A 64 -3.01 2.58 31.82
C LEU A 64 -3.81 1.41 31.23
N ALA A 65 -5.13 1.56 31.22
CA ALA A 65 -5.99 0.54 30.64
C ALA A 65 -5.73 0.40 29.14
N ARG A 66 -5.67 1.53 28.45
CA ARG A 66 -5.36 1.54 27.02
C ARG A 66 -3.98 0.95 26.77
N PHE A 67 -3.00 1.36 27.56
CA PHE A 67 -1.64 0.85 27.44
C PHE A 67 -1.58 -0.67 27.59
N CYS A 68 -2.20 -1.20 28.63
CA CYS A 68 -2.16 -2.65 28.87
C CYS A 68 -2.76 -3.44 27.70
N LEU A 69 -3.88 -2.97 27.16
CA LEU A 69 -4.53 -3.67 26.06
C LEU A 69 -3.71 -3.57 24.78
N MET A 70 -3.14 -2.41 24.56
CA MET A 70 -2.24 -2.20 23.43
C MET A 70 -1.05 -3.16 23.46
N VAL A 71 -0.46 -3.34 24.63
CA VAL A 71 0.67 -4.25 24.77
C VAL A 71 0.24 -5.69 24.51
N LYS A 72 -0.90 -6.07 25.08
CA LYS A 72 -1.47 -7.40 24.82
C LYS A 72 -1.72 -7.63 23.34
N LYS A 73 -2.31 -6.63 22.70
CA LYS A 73 -2.67 -6.66 21.28
C LYS A 73 -1.41 -6.60 20.40
N GLY A 74 -0.28 -6.26 21.00
CA GLY A 74 0.97 -6.11 20.27
C GLY A 74 1.77 -7.39 20.19
N TYR A 75 1.26 -8.47 20.78
CA TYR A 75 1.83 -9.79 20.58
C TYR A 75 1.09 -10.56 19.51
N ARG A 76 1.83 -11.29 18.68
CA ARG A 76 1.21 -12.18 17.71
C ARG A 76 0.99 -13.53 18.38
N ASP A 77 0.67 -14.58 17.61
CA ASP A 77 0.38 -15.84 18.27
C ASP A 77 1.26 -17.03 17.81
N PRO A 78 2.59 -16.88 17.84
CA PRO A 78 3.40 -18.09 17.61
C PRO A 78 3.23 -18.99 18.82
N PRO A 79 3.69 -20.25 18.75
CA PRO A 79 3.39 -21.14 19.88
C PRO A 79 3.94 -20.68 21.25
N TYR A 80 5.14 -20.12 21.29
CA TYR A 80 5.71 -19.71 22.57
C TYR A 80 5.70 -18.18 22.79
N HIS A 81 6.25 -17.42 21.85
CA HIS A 81 6.41 -15.97 22.10
C HIS A 81 5.13 -15.17 21.84
N ASN A 82 4.11 -15.48 22.64
CA ASN A 82 2.82 -14.82 22.53
C ASN A 82 2.52 -14.04 23.82
N TRP A 83 1.32 -13.48 23.93
CA TRP A 83 0.97 -12.66 25.09
C TRP A 83 1.00 -13.48 26.40
N MET A 84 0.62 -14.75 26.37
CA MET A 84 0.64 -15.54 27.60
C MET A 84 2.06 -15.73 28.15
N HIS A 85 3.05 -15.69 27.27
CA HIS A 85 4.44 -15.67 27.70
C HIS A 85 4.76 -14.36 28.42
N ALA A 86 4.44 -13.22 27.78
CA ALA A 86 4.70 -11.92 28.42
C ALA A 86 3.96 -11.78 29.74
N PHE A 87 2.75 -12.28 29.80
CA PHE A 87 1.97 -12.23 31.04
C PHE A 87 2.61 -13.07 32.14
N SER A 88 3.02 -14.29 31.80
CA SER A 88 3.61 -15.14 32.83
C SER A 88 4.98 -14.58 33.23
N VAL A 89 5.67 -13.95 32.29
CA VAL A 89 6.95 -13.32 32.62
C VAL A 89 6.73 -12.15 33.60
N SER A 90 5.73 -11.32 33.32
CA SER A 90 5.35 -10.19 34.17
C SER A 90 4.90 -10.70 35.54
N HIS A 91 4.12 -11.77 35.54
CA HIS A 91 3.67 -12.34 36.80
C HIS A 91 4.84 -12.76 37.66
N PHE A 92 5.88 -13.31 37.05
CA PHE A 92 7.02 -13.73 37.85
C PHE A 92 7.74 -12.51 38.43
N CYS A 93 7.78 -11.41 37.67
CA CYS A 93 8.35 -10.17 38.19
C CYS A 93 7.58 -9.75 39.46
N TYR A 94 6.25 -9.85 39.40
CA TYR A 94 5.41 -9.58 40.56
C TYR A 94 5.76 -10.49 41.75
N LEU A 95 5.92 -11.78 41.49
CA LEU A 95 6.34 -12.72 42.53
C LEU A 95 7.65 -12.29 43.20
N LEU A 96 8.62 -11.83 42.40
CA LEU A 96 9.91 -11.44 42.93
C LEU A 96 9.72 -10.24 43.85
N TYR A 97 8.88 -9.30 43.40
CA TYR A 97 8.50 -8.16 44.23
C TYR A 97 7.87 -8.61 45.57
N LYS A 98 6.91 -9.53 45.50
CA LYS A 98 6.18 -9.96 46.70
C LYS A 98 7.03 -10.83 47.61
N ASN A 99 7.97 -11.57 47.05
CA ASN A 99 8.68 -12.60 47.80
C ASN A 99 10.12 -12.26 48.19
N LEU A 100 10.77 -11.37 47.43
CA LEU A 100 12.21 -11.18 47.59
C LEU A 100 12.62 -9.81 48.10
N GLU A 101 11.64 -8.96 48.40
CA GLU A 101 11.92 -7.64 48.98
C GLU A 101 12.91 -6.81 48.13
N LEU A 102 12.52 -6.58 46.88
CA LEU A 102 13.38 -5.90 45.91
C LEU A 102 13.70 -4.48 46.31
N THR A 103 12.84 -3.89 47.13
CA THR A 103 13.00 -2.50 47.55
C THR A 103 14.24 -2.29 48.44
N ASN A 104 14.82 -3.39 48.91
CA ASN A 104 16.09 -3.32 49.61
C ASN A 104 17.28 -3.27 48.65
N TYR A 105 17.04 -3.56 47.38
CA TYR A 105 18.10 -3.67 46.38
C TYR A 105 18.00 -2.61 45.29
N LEU A 106 16.77 -2.29 44.90
CA LEU A 106 16.54 -1.48 43.72
C LEU A 106 15.73 -0.24 44.04
N GLU A 107 15.87 0.77 43.20
CA GLU A 107 15.03 1.95 43.29
C GLU A 107 13.59 1.64 42.89
N ASP A 108 12.64 2.43 43.39
CA ASP A 108 11.25 2.33 42.97
C ASP A 108 11.11 2.36 41.47
N ILE A 109 11.81 3.30 40.82
CA ILE A 109 11.63 3.47 39.38
C ILE A 109 12.20 2.28 38.60
N GLU A 110 13.24 1.65 39.16
CA GLU A 110 13.88 0.50 38.53
C GLU A 110 13.00 -0.73 38.55
N ILE A 111 12.30 -0.94 39.67
CA ILE A 111 11.39 -2.07 39.81
C ILE A 111 10.18 -1.89 38.89
N PHE A 112 9.70 -0.65 38.79
CA PHE A 112 8.61 -0.31 37.88
C PHE A 112 9.02 -0.58 36.43
N ALA A 113 10.20 -0.10 36.06
CA ALA A 113 10.75 -0.33 34.73
C ALA A 113 10.87 -1.81 34.41
N LEU A 114 11.26 -2.61 35.40
CA LEU A 114 11.44 -4.04 35.22
C LEU A 114 10.12 -4.69 34.86
N PHE A 115 9.06 -4.37 35.62
CA PHE A 115 7.74 -4.95 35.35
C PHE A 115 7.19 -4.53 34.00
N ILE A 116 7.28 -3.24 33.68
CA ILE A 116 6.80 -2.78 32.38
C ILE A 116 7.63 -3.44 31.26
N SER A 117 8.94 -3.57 31.48
CA SER A 117 9.81 -4.22 30.51
C SER A 117 9.39 -5.67 30.30
N CYS A 118 9.02 -6.36 31.38
CA CYS A 118 8.52 -7.73 31.27
C CYS A 118 7.29 -7.82 30.35
N MET A 119 6.37 -6.87 30.49
CA MET A 119 5.17 -6.88 29.65
C MET A 119 5.50 -6.71 28.18
N CYS A 120 6.52 -5.89 27.91
CA CYS A 120 6.85 -5.46 26.55
C CYS A 120 8.00 -6.23 25.88
N HIS A 121 8.68 -7.10 26.63
CA HIS A 121 10.04 -7.51 26.23
C HIS A 121 10.09 -8.38 24.96
N ASP A 122 8.96 -8.92 24.52
CA ASP A 122 8.92 -9.77 23.32
C ASP A 122 7.90 -9.25 22.29
N LEU A 123 7.52 -7.97 22.40
CA LEU A 123 6.50 -7.36 21.56
C LEU A 123 6.67 -7.66 20.07
N ASP A 124 5.59 -8.12 19.43
CA ASP A 124 5.58 -8.34 17.98
C ASP A 124 6.58 -9.42 17.53
N HIS A 125 6.92 -10.35 18.43
CA HIS A 125 7.75 -11.51 18.06
C HIS A 125 7.09 -12.31 16.90
N ARG A 126 7.88 -12.72 15.91
CA ARG A 126 7.33 -13.44 14.75
C ARG A 126 7.65 -14.93 14.81
N GLY A 127 8.12 -15.39 15.97
CA GLY A 127 8.45 -16.79 16.16
C GLY A 127 9.77 -17.20 15.54
N THR A 128 10.58 -16.22 15.16
CA THR A 128 11.93 -16.53 14.67
C THR A 128 12.99 -15.74 15.45
N ASN A 129 14.21 -16.27 15.49
CA ASN A 129 15.29 -15.62 16.24
C ASN A 129 16.02 -14.53 15.41
N ASN A 130 17.09 -13.99 15.98
CA ASN A 130 17.83 -12.89 15.36
C ASN A 130 18.55 -13.33 14.09
N SER A 131 19.14 -14.52 14.15
CA SER A 131 19.87 -15.05 13.01
C SER A 131 18.94 -15.19 11.80
N PHE A 132 17.70 -15.63 12.04
CA PHE A 132 16.75 -15.76 10.95
C PHE A 132 16.43 -14.40 10.35
N GLN A 133 16.32 -13.39 11.19
CA GLN A 133 16.16 -12.05 10.68
C GLN A 133 17.24 -11.71 9.63
N VAL A 134 18.48 -11.98 9.99
CA VAL A 134 19.56 -11.62 9.09
C VAL A 134 19.50 -12.49 7.84
N ALA A 135 19.32 -13.79 8.04
CA ALA A 135 19.35 -14.77 6.96
C ALA A 135 18.29 -14.48 5.90
N SER A 136 17.11 -14.10 6.37
CA SER A 136 15.98 -13.82 5.48
C SER A 136 15.95 -12.37 5.04
N LYS A 137 17.00 -11.61 5.38
CA LYS A 137 17.09 -10.16 5.10
C LYS A 137 15.79 -9.42 5.39
N SER A 138 15.28 -9.60 6.60
CA SER A 138 14.02 -9.00 7.00
C SER A 138 14.20 -7.50 7.20
N VAL A 139 13.08 -6.78 7.21
CA VAL A 139 13.07 -5.35 7.51
C VAL A 139 13.72 -5.07 8.85
N LEU A 140 13.46 -5.94 9.83
CA LEU A 140 14.03 -5.74 11.17
C LEU A 140 15.57 -5.83 11.13
N ALA A 141 16.10 -6.77 10.33
CA ALA A 141 17.54 -6.84 10.10
C ALA A 141 18.08 -5.59 9.40
N ALA A 142 17.34 -5.07 8.41
CA ALA A 142 17.76 -3.86 7.71
C ALA A 142 17.92 -2.68 8.70
N LEU A 143 17.02 -2.62 9.67
CA LEU A 143 17.05 -1.56 10.69
C LEU A 143 18.22 -1.74 11.67
N TYR A 144 18.37 -2.95 12.22
CA TYR A 144 19.13 -3.14 13.46
C TYR A 144 20.32 -4.12 13.45
N SER A 145 20.51 -4.87 12.36
CA SER A 145 21.54 -5.92 12.34
C SER A 145 22.95 -5.37 12.55
N SER A 146 23.21 -4.13 12.14
CA SER A 146 24.52 -3.54 12.37
C SER A 146 24.74 -3.37 13.88
N GLU A 147 23.65 -3.30 14.65
CA GLU A 147 23.78 -3.12 16.09
C GLU A 147 23.73 -4.43 16.87
N GLY A 148 23.13 -5.46 16.28
CA GLY A 148 22.93 -6.71 17.00
C GLY A 148 21.66 -6.65 17.82
N SER A 149 21.32 -7.78 18.45
CA SER A 149 20.06 -7.92 19.16
C SER A 149 18.88 -7.41 18.34
N VAL A 150 18.72 -7.92 17.11
CA VAL A 150 17.72 -7.38 16.21
C VAL A 150 16.30 -7.43 16.78
N MET A 151 15.83 -8.61 17.20
CA MET A 151 14.48 -8.70 17.74
C MET A 151 14.30 -7.84 19.01
N GLU A 152 15.29 -7.84 19.89
CA GLU A 152 15.16 -7.11 21.15
C GLU A 152 15.09 -5.59 20.91
N ARG A 153 15.86 -5.10 19.96
CA ARG A 153 15.73 -3.67 19.61
C ARG A 153 14.32 -3.41 19.09
N HIS A 154 13.78 -4.37 18.36
CA HIS A 154 12.44 -4.21 17.81
C HIS A 154 11.39 -4.22 18.92
N HIS A 155 11.57 -5.10 19.90
CA HIS A 155 10.62 -5.19 21.02
C HIS A 155 10.59 -3.86 21.72
N PHE A 156 11.77 -3.31 21.98
CA PHE A 156 11.86 -2.02 22.65
C PHE A 156 11.24 -0.89 21.82
N ALA A 157 11.52 -0.86 20.52
CA ALA A 157 10.93 0.17 19.66
C ALA A 157 9.40 0.06 19.61
N GLN A 158 8.87 -1.17 19.71
CA GLN A 158 7.44 -1.38 19.72
C GLN A 158 6.81 -0.84 21.01
N ALA A 159 7.51 -0.98 22.13
CA ALA A 159 7.03 -0.48 23.41
C ALA A 159 6.93 1.03 23.33
N ILE A 160 7.94 1.65 22.74
CA ILE A 160 7.96 3.11 22.58
C ILE A 160 6.87 3.57 21.62
N ALA A 161 6.66 2.82 20.54
CA ALA A 161 5.58 3.11 19.60
C ALA A 161 4.23 3.08 20.31
N ILE A 162 4.09 2.20 21.28
CA ILE A 162 2.84 2.12 22.02
C ILE A 162 2.68 3.32 22.94
N LEU A 163 3.76 3.68 23.65
CA LEU A 163 3.77 4.90 24.46
C LEU A 163 3.48 6.14 23.61
N ASN A 164 4.05 6.19 22.39
CA ASN A 164 3.83 7.34 21.53
C ASN A 164 2.46 7.36 20.85
N THR A 165 1.68 6.30 21.05
CA THR A 165 0.30 6.29 20.57
C THR A 165 -0.58 7.13 21.49
N HIS A 166 -1.40 8.01 20.90
CA HIS A 166 -2.19 8.96 21.67
C HIS A 166 -3.04 8.26 22.72
N GLY A 167 -2.97 8.75 23.95
CA GLY A 167 -3.76 8.21 25.03
C GLY A 167 -3.19 6.97 25.67
N CYS A 168 -1.94 6.63 25.34
CA CYS A 168 -1.30 5.42 25.85
C CYS A 168 -0.01 5.71 26.63
N ASN A 169 0.39 6.97 26.70
CA ASN A 169 1.66 7.21 27.39
C ASN A 169 1.48 7.34 28.89
N ILE A 170 1.66 6.21 29.57
CA ILE A 170 1.45 6.12 31.01
C ILE A 170 2.50 6.90 31.77
N PHE A 171 3.57 7.33 31.07
CA PHE A 171 4.63 8.12 31.70
C PHE A 171 4.61 9.63 31.39
N ASP A 172 3.60 10.14 30.68
CA ASP A 172 3.80 11.44 30.05
C ASP A 172 3.69 12.62 31.02
N HIS A 173 3.38 12.33 32.27
CA HIS A 173 3.37 13.35 33.31
C HIS A 173 4.67 13.33 34.12
N PHE A 174 5.51 12.31 33.89
CA PHE A 174 6.82 12.23 34.53
C PHE A 174 7.66 13.47 34.27
N SER A 175 8.52 13.84 35.21
CA SER A 175 9.54 14.85 34.96
C SER A 175 10.41 14.43 33.77
N ARG A 176 11.05 15.38 33.12
CA ARG A 176 11.91 15.08 31.97
C ARG A 176 12.98 14.05 32.30
N LYS A 177 13.62 14.23 33.44
CA LYS A 177 14.65 13.29 33.88
C LYS A 177 14.07 11.90 34.18
N ASP A 178 12.96 11.83 34.91
CA ASP A 178 12.36 10.52 35.19
C ASP A 178 11.88 9.82 33.92
N TYR A 179 11.38 10.62 32.97
CA TYR A 179 10.88 10.07 31.70
C TYR A 179 12.05 9.44 30.96
N GLN A 180 13.12 10.21 30.84
CA GLN A 180 14.39 9.81 30.25
C GLN A 180 14.91 8.52 30.89
N ARG A 181 14.92 8.55 32.23
CA ARG A 181 15.40 7.41 33.01
C ARG A 181 14.62 6.12 32.73
N MET A 182 13.29 6.21 32.77
CA MET A 182 12.43 5.06 32.55
C MET A 182 12.68 4.41 31.19
N LEU A 183 12.80 5.24 30.16
CA LEU A 183 13.00 4.72 28.80
C LEU A 183 14.37 4.10 28.63
N ASP A 184 15.37 4.70 29.27
CA ASP A 184 16.72 4.15 29.27
C ASP A 184 16.73 2.79 29.98
N LEU A 185 16.07 2.72 31.14
CA LEU A 185 15.93 1.43 31.82
C LEU A 185 15.24 0.40 30.92
N MET A 186 14.15 0.78 30.25
CA MET A 186 13.44 -0.21 29.45
C MET A 186 14.36 -0.70 28.35
N ARG A 187 15.17 0.20 27.81
CA ARG A 187 16.14 -0.17 26.78
C ARG A 187 17.07 -1.28 27.29
N ASP A 188 17.72 -0.99 28.42
CA ASP A 188 18.76 -1.89 28.93
C ASP A 188 18.17 -3.23 29.34
N ILE A 189 16.99 -3.19 29.96
CA ILE A 189 16.35 -4.40 30.46
C ILE A 189 15.85 -5.29 29.31
N ILE A 190 15.21 -4.69 28.31
CA ILE A 190 14.75 -5.48 27.19
C ILE A 190 15.96 -6.01 26.39
N LEU A 191 17.01 -5.20 26.21
CA LEU A 191 18.20 -5.70 25.52
C LEU A 191 18.90 -6.86 26.26
N ALA A 192 18.70 -6.93 27.59
CA ALA A 192 19.29 -7.99 28.40
C ALA A 192 18.67 -9.36 28.10
N THR A 193 17.58 -9.42 27.33
CA THR A 193 16.94 -10.71 27.05
C THR A 193 17.54 -11.41 25.82
N ASP A 194 18.55 -10.78 25.22
CA ASP A 194 19.32 -11.40 24.15
C ASP A 194 20.36 -12.31 24.81
N LEU A 195 20.37 -13.60 24.49
CA LEU A 195 21.31 -14.52 25.14
C LEU A 195 22.77 -14.07 24.95
N ALA A 196 23.08 -13.47 23.80
CA ALA A 196 24.40 -12.89 23.56
C ALA A 196 24.78 -11.90 24.66
N HIS A 197 23.78 -11.15 25.11
CA HIS A 197 24.01 -10.13 26.14
C HIS A 197 24.31 -10.79 27.49
N HIS A 198 23.49 -11.79 27.84
CA HIS A 198 23.68 -12.54 29.06
C HIS A 198 25.05 -13.19 29.11
N LEU A 199 25.47 -13.80 28.00
CA LEU A 199 26.76 -14.48 27.96
C LEU A 199 27.91 -13.50 28.19
N ARG A 200 27.74 -12.28 27.68
CA ARG A 200 28.73 -11.23 27.77
C ARG A 200 28.86 -10.66 29.19
N ILE A 201 27.77 -10.62 29.96
CA ILE A 201 27.85 -10.07 31.31
C ILE A 201 27.93 -11.14 32.40
N PHE A 202 27.95 -12.41 32.01
CA PHE A 202 27.87 -13.49 32.98
C PHE A 202 29.02 -13.45 34.02
N LYS A 203 30.26 -13.22 33.58
CA LYS A 203 31.38 -13.13 34.51
C LYS A 203 31.17 -12.00 35.53
N ASP A 204 30.57 -10.91 35.09
CA ASP A 204 30.31 -9.77 35.96
C ASP A 204 29.21 -10.08 36.98
N LEU A 205 28.19 -10.82 36.53
CA LEU A 205 27.13 -11.27 37.40
C LEU A 205 27.71 -12.13 38.51
N GLN A 206 28.65 -12.99 38.11
CA GLN A 206 29.40 -13.82 39.05
C GLN A 206 30.23 -13.03 40.04
N LYS A 207 30.97 -12.03 39.55
CA LYS A 207 31.80 -11.23 40.44
C LYS A 207 30.93 -10.48 41.43
N MET A 208 29.80 -9.98 40.93
CA MET A 208 28.86 -9.28 41.79
C MET A 208 28.39 -10.17 42.93
N ALA A 209 28.00 -11.38 42.59
CA ALA A 209 27.48 -12.31 43.57
C ALA A 209 28.59 -12.70 44.55
N GLU A 210 29.82 -12.77 44.06
CA GLU A 210 30.96 -13.14 44.90
C GLU A 210 31.28 -12.07 45.95
N VAL A 211 31.43 -10.82 45.51
CA VAL A 211 31.82 -9.74 46.41
C VAL A 211 30.66 -9.31 47.32
N GLY A 212 29.43 -9.51 46.86
CA GLY A 212 28.26 -9.11 47.61
C GLY A 212 27.61 -7.86 47.05
N TYR A 213 26.29 -7.87 46.98
CA TYR A 213 25.55 -6.77 46.37
C TYR A 213 25.72 -5.47 47.14
N ASP A 214 26.09 -4.43 46.42
CA ASP A 214 26.27 -3.11 46.99
C ASP A 214 25.20 -2.17 46.43
N ARG A 215 24.19 -1.89 47.25
CA ARG A 215 23.06 -1.08 46.81
C ARG A 215 23.50 0.34 46.43
N ASN A 216 24.70 0.74 46.84
CA ASN A 216 25.24 2.05 46.46
C ASN A 216 26.06 2.00 45.17
N ASN A 217 26.12 0.82 44.54
CA ASN A 217 26.87 0.62 43.31
C ASN A 217 25.91 0.60 42.12
N LYS A 218 26.01 1.61 41.26
CA LYS A 218 25.09 1.78 40.13
C LYS A 218 25.24 0.65 39.13
N GLN A 219 26.46 0.19 38.92
CA GLN A 219 26.66 -0.94 38.02
C GLN A 219 26.01 -2.19 38.60
N HIS A 220 26.00 -2.31 39.93
CA HIS A 220 25.35 -3.46 40.56
C HIS A 220 23.84 -3.44 40.32
N HIS A 221 23.25 -2.24 40.36
CA HIS A 221 21.83 -2.10 40.06
C HIS A 221 21.55 -2.56 38.64
N ARG A 222 22.40 -2.17 37.70
CA ARG A 222 22.16 -2.55 36.30
C ARG A 222 22.32 -4.06 36.06
N LEU A 223 23.33 -4.65 36.70
CA LEU A 223 23.57 -6.08 36.55
C LEU A 223 22.40 -6.85 37.15
N LEU A 224 21.90 -6.36 38.29
CA LEU A 224 20.81 -7.06 38.98
C LEU A 224 19.54 -7.03 38.13
N LEU A 225 19.25 -5.87 37.54
CA LEU A 225 18.08 -5.76 36.68
C LEU A 225 18.19 -6.76 35.53
N CYS A 226 19.38 -6.92 34.96
CA CYS A 226 19.55 -7.85 33.85
C CYS A 226 19.29 -9.28 34.32
N LEU A 227 19.87 -9.65 35.46
CA LEU A 227 19.66 -10.98 36.02
C LEU A 227 18.17 -11.23 36.32
N LEU A 228 17.50 -10.26 36.94
CA LEU A 228 16.08 -10.43 37.30
C LEU A 228 15.23 -10.61 36.04
N MET A 229 15.50 -9.79 35.03
CA MET A 229 14.79 -9.87 33.77
C MET A 229 14.96 -11.27 33.18
N THR A 230 16.19 -11.77 33.13
CA THR A 230 16.41 -13.08 32.53
C THR A 230 15.78 -14.19 33.38
N SER A 231 15.67 -13.98 34.70
CA SER A 231 15.01 -14.98 35.54
C SER A 231 13.49 -14.94 35.35
N CYS A 232 12.92 -13.77 35.07
CA CYS A 232 11.51 -13.69 34.66
C CYS A 232 11.28 -14.40 33.30
N ASP A 233 12.16 -14.17 32.34
CA ASP A 233 12.05 -14.76 31.01
C ASP A 233 12.02 -16.29 31.05
N LEU A 234 12.74 -16.89 32.00
CA LEU A 234 12.89 -18.35 32.12
C LEU A 234 11.98 -18.95 33.19
N SER A 235 11.05 -18.15 33.71
CA SER A 235 10.33 -18.55 34.93
C SER A 235 9.41 -19.78 34.76
N ASP A 236 9.10 -20.13 33.51
CA ASP A 236 8.39 -21.40 33.26
C ASP A 236 9.14 -22.64 33.78
N GLN A 237 10.45 -22.54 33.92
CA GLN A 237 11.24 -23.65 34.43
C GLN A 237 11.17 -23.80 35.95
N THR A 238 10.52 -22.84 36.63
CA THR A 238 10.48 -22.84 38.09
C THR A 238 9.17 -23.40 38.62
N LYS A 239 8.32 -23.90 37.75
CA LYS A 239 7.06 -24.46 38.19
C LYS A 239 7.18 -25.97 38.27
N GLY A 240 6.09 -26.69 38.05
CA GLY A 240 6.13 -28.15 38.08
C GLY A 240 6.56 -28.77 36.77
N TRP A 241 6.57 -30.09 36.73
CA TRP A 241 6.97 -30.81 35.54
C TRP A 241 6.07 -30.50 34.36
N LYS A 242 4.78 -30.43 34.62
CA LYS A 242 3.82 -30.22 33.55
C LYS A 242 4.11 -28.93 32.82
N THR A 243 4.45 -27.88 33.55
CA THR A 243 4.73 -26.61 32.92
C THR A 243 5.99 -26.71 32.06
N THR A 244 7.04 -27.35 32.58
CA THR A 244 8.26 -27.40 31.79
C THR A 244 8.08 -28.32 30.57
N ARG A 245 7.29 -29.37 30.73
CA ARG A 245 6.95 -30.22 29.59
C ARG A 245 6.17 -29.45 28.52
N LYS A 246 5.15 -28.70 28.95
CA LYS A 246 4.31 -27.96 28.02
C LYS A 246 5.12 -26.92 27.27
N ILE A 247 5.96 -26.19 27.99
CA ILE A 247 6.69 -25.11 27.37
C ILE A 247 7.75 -25.68 26.41
N ALA A 248 8.26 -26.88 26.69
CA ALA A 248 9.11 -27.58 25.72
C ALA A 248 8.36 -27.83 24.42
N GLU A 249 7.11 -28.29 24.51
CA GLU A 249 6.31 -28.52 23.31
C GLU A 249 6.15 -27.24 22.50
N LEU A 250 5.90 -26.16 23.23
CA LEU A 250 5.61 -24.88 22.60
C LEU A 250 6.84 -24.32 21.92
N ILE A 251 7.95 -24.28 22.64
CA ILE A 251 9.11 -23.66 22.05
C ILE A 251 9.70 -24.51 20.93
N TYR A 252 9.61 -25.83 21.01
CA TYR A 252 10.16 -26.63 19.90
C TYR A 252 9.24 -26.57 18.68
N LYS A 253 7.93 -26.47 18.90
CA LYS A 253 7.02 -26.21 17.79
C LYS A 253 7.46 -24.97 17.05
N GLU A 254 7.78 -23.93 17.82
CA GLU A 254 8.15 -22.67 17.27
C GLU A 254 9.51 -22.79 16.58
N PHE A 255 10.46 -23.48 17.22
CA PHE A 255 11.80 -23.65 16.65
C PHE A 255 11.74 -24.38 15.32
N PHE A 256 11.00 -25.49 15.32
CA PHE A 256 10.96 -26.37 14.15
C PHE A 256 10.27 -25.69 12.97
N SER A 257 9.34 -24.79 13.26
CA SER A 257 8.72 -24.03 12.19
C SER A 257 9.77 -23.10 11.57
N GLN A 258 10.63 -22.51 12.41
CA GLN A 258 11.71 -21.70 11.87
C GLN A 258 12.61 -22.56 10.96
N GLY A 259 13.05 -23.70 11.47
CA GLY A 259 13.93 -24.60 10.73
C GLY A 259 13.34 -25.01 9.40
N ASP A 260 12.03 -25.30 9.40
CA ASP A 260 11.34 -25.65 8.16
C ASP A 260 11.45 -24.50 7.15
N LEU A 261 11.37 -23.26 7.63
CA LEU A 261 11.47 -22.12 6.73
C LEU A 261 12.92 -21.95 6.25
N GLU A 262 13.87 -22.29 7.11
CA GLU A 262 15.28 -22.18 6.74
C GLU A 262 15.60 -23.19 5.64
N LYS A 263 15.16 -24.44 5.82
CA LYS A 263 15.33 -25.47 4.81
C LYS A 263 14.72 -25.04 3.46
N ALA A 264 13.59 -24.36 3.52
CA ALA A 264 12.92 -23.91 2.30
C ALA A 264 13.72 -22.80 1.61
N MET A 265 14.52 -22.07 2.40
CA MET A 265 15.43 -21.06 1.85
C MET A 265 16.75 -21.67 1.41
N GLY A 266 16.89 -22.98 1.58
CA GLY A 266 18.12 -23.68 1.21
C GLY A 266 19.25 -23.62 2.22
N ASN A 267 18.94 -23.24 3.45
CA ASN A 267 19.95 -23.15 4.50
C ASN A 267 19.80 -24.26 5.55
N ARG A 268 20.91 -24.60 6.21
CA ARG A 268 20.90 -25.62 7.26
C ARG A 268 20.54 -25.00 8.61
N PRO A 269 19.44 -25.48 9.20
CA PRO A 269 19.00 -25.00 10.52
C PRO A 269 19.98 -25.41 11.61
N MET A 270 20.08 -24.65 12.70
CA MET A 270 20.68 -25.17 13.92
C MET A 270 19.99 -26.48 14.21
N GLU A 271 20.76 -27.43 14.73
CA GLU A 271 20.23 -28.74 15.11
C GLU A 271 18.93 -28.64 15.93
N MET A 272 18.92 -27.79 16.97
CA MET A 272 17.76 -27.64 17.84
C MET A 272 16.52 -27.10 17.12
N MET A 273 16.71 -26.62 15.89
CA MET A 273 15.63 -26.09 15.05
C MET A 273 15.22 -27.04 13.97
N ASP A 274 15.90 -28.17 13.91
CA ASP A 274 15.73 -29.11 12.82
C ASP A 274 14.95 -30.30 13.35
N ARG A 275 13.70 -30.45 12.91
CA ARG A 275 12.81 -31.46 13.48
C ARG A 275 13.31 -32.87 13.14
N GLU A 276 14.17 -32.97 12.13
CA GLU A 276 14.74 -34.28 11.77
C GLU A 276 15.95 -34.66 12.61
N LYS A 277 16.55 -33.69 13.30
CA LYS A 277 17.80 -33.91 14.05
C LYS A 277 17.67 -33.68 15.56
N ALA A 278 16.78 -32.78 15.94
CA ALA A 278 16.65 -32.34 17.32
C ALA A 278 16.15 -33.44 18.26
N TYR A 279 16.92 -33.72 19.31
CA TYR A 279 16.53 -34.72 20.30
C TYR A 279 16.18 -33.95 21.58
N ILE A 280 14.88 -33.77 21.77
CA ILE A 280 14.39 -32.84 22.78
C ILE A 280 14.93 -33.05 24.20
N PRO A 281 14.99 -34.29 24.71
CA PRO A 281 15.45 -34.41 26.09
C PRO A 281 16.85 -33.82 26.34
N GLU A 282 17.75 -34.09 25.40
CA GLU A 282 19.13 -33.66 25.48
C GLU A 282 19.23 -32.14 25.37
N LEU A 283 18.47 -31.58 24.42
CA LEU A 283 18.46 -30.15 24.20
C LEU A 283 17.88 -29.42 25.40
N GLN A 284 16.82 -29.97 25.98
CA GLN A 284 16.22 -29.32 27.15
C GLN A 284 17.15 -29.43 28.35
N ILE A 285 17.77 -30.59 28.53
CA ILE A 285 18.72 -30.77 29.62
C ILE A 285 19.86 -29.75 29.48
N SER A 286 20.37 -29.59 28.26
CA SER A 286 21.48 -28.66 28.00
C SER A 286 21.08 -27.20 28.28
N PHE A 287 19.90 -26.79 27.82
CA PHE A 287 19.38 -25.45 28.11
C PHE A 287 19.26 -25.23 29.62
N MET A 288 18.84 -26.25 30.36
CA MET A 288 18.73 -26.11 31.80
C MET A 288 20.10 -25.96 32.47
N GLU A 289 21.06 -26.79 32.08
CA GLU A 289 22.41 -26.78 32.64
C GLU A 289 23.17 -25.51 32.33
N HIS A 290 23.07 -25.05 31.08
CA HIS A 290 23.96 -23.97 30.65
C HIS A 290 23.29 -22.62 30.73
N ILE A 291 21.97 -22.59 30.66
CA ILE A 291 21.30 -21.30 30.70
C ILE A 291 20.46 -21.11 31.97
N ALA A 292 19.46 -21.95 32.20
CA ALA A 292 18.50 -21.71 33.27
C ALA A 292 19.09 -21.89 34.67
N MET A 293 19.75 -23.01 34.92
CA MET A 293 20.25 -23.27 36.27
C MET A 293 21.30 -22.26 36.77
N PRO A 294 22.25 -21.83 35.92
CA PRO A 294 23.20 -20.82 36.41
C PRO A 294 22.57 -19.45 36.68
N ILE A 295 21.51 -19.12 35.97
CA ILE A 295 20.79 -17.88 36.26
C ILE A 295 20.11 -17.97 37.63
N TYR A 296 19.47 -19.09 37.93
CA TYR A 296 18.81 -19.22 39.23
C TYR A 296 19.79 -19.48 40.35
N LYS A 297 20.97 -20.00 40.01
CA LYS A 297 21.97 -20.20 41.02
C LYS A 297 22.50 -18.81 41.45
N LEU A 298 22.65 -17.93 40.47
CA LEU A 298 23.03 -16.55 40.73
C LEU A 298 21.97 -15.84 41.57
N LEU A 299 20.71 -16.10 41.25
CA LEU A 299 19.62 -15.47 42.00
C LEU A 299 19.60 -15.93 43.46
N GLN A 300 19.80 -17.23 43.67
CA GLN A 300 19.90 -17.79 45.02
C GLN A 300 21.08 -17.21 45.78
N ASP A 301 22.21 -17.06 45.11
CA ASP A 301 23.38 -16.47 45.73
C ASP A 301 23.10 -15.06 46.23
N LEU A 302 22.36 -14.30 45.44
CA LEU A 302 22.05 -12.91 45.79
C LEU A 302 20.85 -12.80 46.73
N PHE A 303 19.92 -13.75 46.62
CA PHE A 303 18.69 -13.78 47.40
C PHE A 303 18.48 -15.16 48.00
N PRO A 304 18.80 -15.31 49.29
CA PRO A 304 18.62 -16.56 50.01
C PRO A 304 17.23 -17.16 49.83
N LYS A 305 16.18 -16.33 49.83
CA LYS A 305 14.82 -16.86 49.68
C LYS A 305 14.51 -17.34 48.25
N ALA A 306 15.43 -17.17 47.31
CA ALA A 306 15.22 -17.67 45.95
C ALA A 306 15.71 -19.11 45.82
N ALA A 307 16.17 -19.69 46.91
CA ALA A 307 16.72 -21.06 46.91
C ALA A 307 15.75 -22.10 46.32
N GLU A 308 14.47 -22.01 46.70
CA GLU A 308 13.48 -22.95 46.19
C GLU A 308 13.35 -22.92 44.66
N LEU A 309 13.56 -21.74 44.07
CA LEU A 309 13.49 -21.60 42.62
C LEU A 309 14.58 -22.41 41.93
N TYR A 310 15.82 -22.20 42.35
CA TYR A 310 16.94 -23.02 41.84
C TYR A 310 16.67 -24.52 42.03
N GLU A 311 16.20 -24.90 43.22
CA GLU A 311 15.97 -26.31 43.53
C GLU A 311 14.87 -26.88 42.65
N ARG A 312 13.89 -26.06 42.32
CA ARG A 312 12.82 -26.54 41.47
C ARG A 312 13.33 -26.74 40.04
N VAL A 313 14.18 -25.82 39.58
CA VAL A 313 14.73 -25.95 38.23
C VAL A 313 15.61 -27.20 38.12
N ALA A 314 16.47 -27.42 39.11
CA ALA A 314 17.34 -28.59 39.14
C ALA A 314 16.51 -29.88 39.16
N SER A 315 15.41 -29.83 39.90
CA SER A 315 14.53 -30.98 40.00
C SER A 315 13.88 -31.29 38.66
N ASN A 316 13.32 -30.26 38.02
CA ASN A 316 12.75 -30.40 36.69
C ASN A 316 13.73 -30.96 35.66
N ARG A 317 14.96 -30.48 35.71
CA ARG A 317 16.03 -31.07 34.92
C ARG A 317 16.19 -32.59 35.15
N GLU A 318 16.12 -33.01 36.41
CA GLU A 318 16.34 -34.43 36.70
C GLU A 318 15.16 -35.21 36.17
N HIS A 319 13.98 -34.59 36.17
CA HIS A 319 12.78 -35.24 35.63
C HIS A 319 12.94 -35.45 34.11
N TRP A 320 13.55 -34.51 33.41
CA TRP A 320 13.85 -34.72 32.00
C TRP A 320 14.77 -35.91 31.81
N THR A 321 15.75 -36.05 32.69
CA THR A 321 16.66 -37.17 32.66
C THR A 321 15.90 -38.50 32.83
N LYS A 322 14.92 -38.49 33.73
CA LYS A 322 14.15 -39.68 34.02
C LYS A 322 13.21 -40.13 32.89
N VAL A 323 12.72 -39.18 32.10
CA VAL A 323 11.77 -39.52 31.05
C VAL A 323 12.39 -39.67 29.67
N SER A 324 13.70 -39.52 29.60
CA SER A 324 14.39 -39.48 28.32
C SER A 324 14.27 -40.80 27.57
N HIS A 325 14.27 -41.90 28.33
CA HIS A 325 14.14 -43.24 27.76
C HIS A 325 12.84 -43.44 27.01
N LYS A 326 11.85 -42.60 27.29
CA LYS A 326 10.56 -42.70 26.61
C LYS A 326 10.60 -42.21 25.16
N PHE A 327 11.68 -41.52 24.78
CA PHE A 327 11.83 -41.07 23.39
C PHE A 327 12.42 -42.16 22.51
N THR A 328 12.75 -43.30 23.12
CA THR A 328 13.16 -44.48 22.37
C THR A 328 11.96 -45.42 22.28
N ILE A 329 11.62 -45.84 21.06
CA ILE A 329 10.49 -46.73 20.86
C ILE A 329 10.87 -48.16 21.15
N ARG A 330 10.30 -48.69 22.23
CA ARG A 330 10.48 -50.08 22.61
C ARG A 330 9.21 -50.88 22.30
N GLY A 331 9.38 -52.14 21.93
CA GLY A 331 8.27 -52.89 21.41
C GLY A 331 7.91 -52.31 20.05
N LEU A 332 6.63 -52.34 19.72
CA LEU A 332 6.13 -51.71 18.50
C LEU A 332 5.52 -50.38 18.88
N PRO A 333 5.34 -49.48 17.89
CA PRO A 333 4.50 -48.30 18.09
C PRO A 333 3.11 -48.71 18.56
N SER A 334 2.37 -47.81 19.17
CA SER A 334 1.08 -48.18 19.75
C SER A 334 0.03 -48.47 18.69
N ASN A 335 0.42 -48.50 17.42
CA ASN A 335 -0.48 -48.92 16.36
C ASN A 335 -0.02 -50.23 15.73
N ASN A 336 0.94 -50.88 16.39
CA ASN A 336 1.44 -52.19 15.98
C ASN A 336 2.07 -52.25 14.60
N SER A 337 2.50 -51.12 14.06
CA SER A 337 2.97 -51.07 12.69
C SER A 337 4.40 -50.55 12.58
N LEU A 338 5.19 -51.17 11.71
CA LEU A 338 6.52 -50.67 11.40
C LEU A 338 6.54 -49.88 10.08
N ASP A 339 5.37 -49.39 9.68
CA ASP A 339 5.24 -48.68 8.40
C ASP A 339 6.05 -47.40 8.39
N PHE A 340 6.29 -46.83 9.57
CA PHE A 340 7.03 -45.59 9.68
C PHE A 340 8.50 -45.77 9.26
N LEU A 341 8.95 -47.01 9.16
CA LEU A 341 10.34 -47.29 8.80
C LEU A 341 10.62 -47.00 7.33
N ASP A 342 9.59 -47.09 6.50
CA ASP A 342 9.72 -46.82 5.07
C ASP A 342 9.65 -45.32 4.79
N MET B 3 -6.20 16.35 1.99
CA MET B 3 -5.25 15.25 1.84
C MET B 3 -5.73 14.18 0.87
N ASP B 4 -6.91 13.63 1.19
CA ASP B 4 -7.37 12.62 0.25
C ASP B 4 -7.88 13.32 -1.01
N ASP B 5 -8.23 14.60 -0.90
CA ASP B 5 -8.45 15.40 -2.10
C ASP B 5 -7.15 15.60 -2.88
N GLU B 6 -6.03 15.74 -2.18
CA GLU B 6 -4.74 15.86 -2.84
C GLU B 6 -4.34 14.54 -3.49
N TYR B 7 -4.65 13.44 -2.82
CA TYR B 7 -4.36 12.13 -3.38
C TYR B 7 -5.15 11.87 -4.67
N THR B 8 -6.43 12.21 -4.64
CA THR B 8 -7.32 12.05 -5.79
C THR B 8 -6.82 12.79 -7.03
N LYS B 9 -6.46 14.05 -6.84
CA LYS B 9 -5.90 14.84 -7.92
C LYS B 9 -4.55 14.30 -8.38
N LEU B 10 -3.70 13.97 -7.42
CA LEU B 10 -2.35 13.51 -7.72
C LEU B 10 -2.43 12.23 -8.56
N LEU B 11 -3.37 11.35 -8.22
CA LEU B 11 -3.48 10.11 -8.97
C LEU B 11 -4.17 10.31 -10.32
N HIS B 12 -5.27 11.05 -10.37
CA HIS B 12 -6.12 11.02 -11.55
C HIS B 12 -5.90 12.14 -12.57
N ASP B 13 -5.24 13.22 -12.17
CA ASP B 13 -4.86 14.27 -13.10
C ASP B 13 -3.59 13.89 -13.83
N GLY B 14 -3.44 14.34 -15.07
CA GLY B 14 -2.18 14.16 -15.77
C GLY B 14 -1.06 14.80 -14.98
N ILE B 15 0.12 14.21 -15.06
CA ILE B 15 1.30 14.81 -14.44
C ILE B 15 1.84 15.91 -15.35
N GLN B 16 1.68 17.15 -14.93
CA GLN B 16 2.11 18.32 -15.71
C GLN B 16 3.55 18.18 -16.16
N PRO B 17 3.83 18.48 -17.44
CA PRO B 17 5.21 18.53 -17.91
C PRO B 17 6.02 19.51 -17.07
N VAL B 18 7.29 19.19 -16.80
CA VAL B 18 8.13 20.03 -15.94
C VAL B 18 8.23 21.51 -16.39
N ALA B 19 8.32 21.75 -17.69
CA ALA B 19 8.49 23.12 -18.19
C ALA B 19 7.18 23.89 -18.09
N ALA B 20 6.07 23.17 -17.96
CA ALA B 20 4.78 23.80 -17.70
C ALA B 20 4.67 24.24 -16.24
N ILE B 21 5.50 23.67 -15.36
CA ILE B 21 5.54 24.12 -13.96
C ILE B 21 6.16 25.52 -13.88
N ASP B 22 7.28 25.67 -14.56
CA ASP B 22 7.97 26.95 -14.68
C ASP B 22 8.95 26.82 -15.85
N SER B 23 9.01 27.84 -16.69
CA SER B 23 9.82 27.74 -17.91
C SER B 23 11.31 27.50 -17.60
N ASN B 24 11.70 27.73 -16.35
CA ASN B 24 13.11 27.70 -15.99
C ASN B 24 13.33 26.61 -14.92
N PHE B 25 12.34 25.71 -14.82
CA PHE B 25 12.30 24.66 -13.79
C PHE B 25 13.55 23.76 -13.77
N ALA B 26 14.14 23.53 -14.92
CA ALA B 26 15.28 22.61 -15.01
C ALA B 26 16.61 23.36 -15.04
N SER B 27 16.61 24.59 -14.55
CA SER B 27 17.83 25.39 -14.54
C SER B 27 18.36 25.64 -13.13
N PHE B 28 19.69 25.73 -13.00
CA PHE B 28 20.34 26.02 -11.73
C PHE B 28 19.92 27.36 -11.09
N THR B 29 19.28 28.23 -11.87
CA THR B 29 18.85 29.53 -11.35
C THR B 29 17.49 29.44 -10.68
N TYR B 30 16.77 28.35 -10.95
CA TYR B 30 15.45 28.15 -10.36
C TYR B 30 15.49 27.91 -8.85
N THR B 31 14.62 28.60 -8.12
CA THR B 31 14.50 28.40 -6.68
C THR B 31 13.24 27.60 -6.33
N PRO B 32 13.39 26.29 -6.08
CA PRO B 32 12.22 25.41 -5.88
C PRO B 32 11.38 25.76 -4.65
N ARG B 33 11.95 26.49 -3.69
CA ARG B 33 11.17 26.98 -2.55
C ARG B 33 10.17 28.05 -2.97
N SER B 34 10.27 28.56 -4.21
CA SER B 34 9.26 29.48 -4.74
C SER B 34 7.96 28.76 -5.11
N LEU B 35 8.05 27.45 -5.32
CA LEU B 35 6.87 26.67 -5.67
C LEU B 35 5.98 26.56 -4.43
N PRO B 36 4.67 26.81 -4.58
CA PRO B 36 3.70 26.63 -3.49
C PRO B 36 3.78 25.24 -2.92
N GLU B 37 3.68 25.07 -1.59
CA GLU B 37 3.85 23.73 -1.02
C GLU B 37 2.80 22.73 -1.52
N ASP B 38 1.62 23.24 -1.84
CA ASP B 38 0.53 22.40 -2.37
C ASP B 38 0.86 21.80 -3.75
N ASP B 39 1.83 22.38 -4.44
CA ASP B 39 2.20 21.88 -5.75
C ASP B 39 3.42 20.96 -5.72
N THR B 40 4.02 20.75 -4.56
CA THR B 40 5.32 20.05 -4.53
C THR B 40 5.23 18.57 -4.85
N SER B 41 4.18 17.90 -4.39
CA SER B 41 4.03 16.47 -4.69
C SER B 41 3.86 16.24 -6.18
N MET B 42 3.02 17.07 -6.81
CA MET B 42 2.88 17.02 -8.26
C MET B 42 4.22 17.19 -8.95
N ALA B 43 5.02 18.13 -8.47
CA ALA B 43 6.33 18.42 -9.06
C ALA B 43 7.31 17.27 -8.92
N ILE B 44 7.26 16.59 -7.78
CA ILE B 44 8.02 15.35 -7.61
C ILE B 44 7.66 14.36 -8.71
N LEU B 45 6.36 14.17 -8.96
CA LEU B 45 5.92 13.22 -10.00
C LEU B 45 6.38 13.67 -11.37
N SER B 46 6.33 15.00 -11.61
CA SER B 46 6.76 15.57 -12.89
C SER B 46 8.22 15.31 -13.15
N MET B 47 9.03 15.47 -12.11
CA MET B 47 10.46 15.20 -12.21
C MET B 47 10.73 13.72 -12.48
N LEU B 48 10.10 12.85 -11.70
CA LEU B 48 10.25 11.42 -11.91
C LEU B 48 9.81 11.00 -13.32
N GLN B 49 8.72 11.59 -13.80
CA GLN B 49 8.27 11.35 -15.16
C GLN B 49 9.29 11.85 -16.20
N ASP B 50 9.89 13.00 -15.94
CA ASP B 50 10.85 13.58 -16.88
C ASP B 50 12.15 12.76 -16.90
N MET B 51 12.52 12.19 -15.75
CA MET B 51 13.68 11.30 -15.69
C MET B 51 13.37 9.88 -16.19
N ASN B 52 12.15 9.66 -16.66
CA ASN B 52 11.68 8.38 -17.19
C ASN B 52 11.76 7.22 -16.20
N PHE B 53 11.83 7.53 -14.91
CA PHE B 53 11.95 6.47 -13.91
C PHE B 53 10.64 5.70 -13.77
N ILE B 54 9.52 6.38 -13.96
CA ILE B 54 8.21 5.76 -13.78
C ILE B 54 8.07 4.61 -14.79
N ASN B 55 8.61 4.80 -15.99
CA ASN B 55 8.60 3.77 -17.04
C ASN B 55 9.66 2.69 -16.83
N ASN B 56 10.90 3.12 -16.63
CA ASN B 56 12.02 2.20 -16.47
C ASN B 56 11.79 1.14 -15.39
N TYR B 57 11.11 1.54 -14.33
CA TYR B 57 10.90 0.67 -13.18
C TYR B 57 9.43 0.31 -13.00
N LYS B 58 8.64 0.51 -14.06
CA LYS B 58 7.21 0.15 -14.05
C LYS B 58 6.49 0.56 -12.77
N ILE B 59 6.61 1.81 -12.34
CA ILE B 59 6.04 2.21 -11.06
C ILE B 59 4.53 2.32 -11.16
N ASP B 60 3.83 1.53 -10.36
CA ASP B 60 2.40 1.67 -10.25
C ASP B 60 2.05 3.10 -9.81
N CYS B 61 1.25 3.78 -10.63
CA CYS B 61 0.92 5.19 -10.40
C CYS B 61 0.22 5.46 -9.07
N PRO B 62 -0.77 4.62 -8.68
CA PRO B 62 -1.33 4.85 -7.34
C PRO B 62 -0.28 4.69 -6.24
N THR B 63 0.60 3.71 -6.39
CA THR B 63 1.64 3.45 -5.40
C THR B 63 2.62 4.64 -5.30
N LEU B 64 3.00 5.20 -6.44
CA LEU B 64 3.92 6.32 -6.47
C LEU B 64 3.29 7.57 -5.80
N ALA B 65 2.01 7.80 -6.06
CA ALA B 65 1.27 8.90 -5.45
C ALA B 65 1.21 8.73 -3.93
N ARG B 66 0.77 7.55 -3.49
CA ARG B 66 0.71 7.26 -2.06
C ARG B 66 2.10 7.40 -1.45
N PHE B 67 3.12 6.92 -2.14
CA PHE B 67 4.47 7.02 -1.61
C PHE B 67 4.89 8.48 -1.39
N CYS B 68 4.72 9.31 -2.42
CA CYS B 68 5.09 10.71 -2.34
C CYS B 68 4.36 11.44 -1.24
N LEU B 69 3.08 11.13 -1.08
CA LEU B 69 2.30 11.78 -0.03
C LEU B 69 2.71 11.27 1.36
N MET B 70 3.04 9.99 1.48
CA MET B 70 3.52 9.43 2.75
C MET B 70 4.88 9.99 3.17
N VAL B 71 5.76 10.19 2.20
CA VAL B 71 7.05 10.81 2.46
C VAL B 71 6.85 12.25 2.97
N LYS B 72 6.00 12.99 2.27
CA LYS B 72 5.73 14.37 2.67
C LYS B 72 5.16 14.45 4.08
N LYS B 73 4.22 13.56 4.37
CA LYS B 73 3.54 13.48 5.66
C LYS B 73 4.50 13.00 6.76
N GLY B 74 5.62 12.41 6.35
CA GLY B 74 6.59 11.87 7.28
C GLY B 74 7.58 12.90 7.78
N TYR B 75 7.47 14.13 7.28
CA TYR B 75 8.27 15.24 7.82
C TYR B 75 7.46 16.00 8.86
N ARG B 76 8.13 16.48 9.90
CA ARG B 76 7.51 17.37 10.87
C ARG B 76 7.70 18.79 10.38
N ASP B 77 7.53 19.75 11.27
CA ASP B 77 7.63 21.15 10.87
C ASP B 77 8.61 21.97 11.72
N PRO B 78 9.86 21.49 11.89
CA PRO B 78 10.81 22.44 12.49
C PRO B 78 11.11 23.54 11.47
N PRO B 79 11.79 24.62 11.87
CA PRO B 79 11.96 25.73 10.92
C PRO B 79 12.68 25.38 9.63
N TYR B 80 13.66 24.47 9.69
CA TYR B 80 14.46 24.11 8.52
C TYR B 80 14.25 22.68 8.03
N HIS B 81 14.34 21.70 8.92
CA HIS B 81 14.28 20.30 8.48
C HIS B 81 12.84 19.82 8.30
N ASN B 82 12.17 20.42 7.31
CA ASN B 82 10.78 20.12 7.00
C ASN B 82 10.66 19.61 5.56
N TRP B 83 9.45 19.36 5.10
CA TRP B 83 9.27 18.79 3.76
C TRP B 83 9.78 19.73 2.65
N MET B 84 9.61 21.04 2.84
CA MET B 84 10.12 21.98 1.82
C MET B 84 11.63 21.88 1.66
N HIS B 85 12.34 21.50 2.72
CA HIS B 85 13.76 21.17 2.59
C HIS B 85 13.96 19.93 1.72
N ALA B 86 13.29 18.85 2.07
CA ALA B 86 13.40 17.61 1.30
C ALA B 86 13.04 17.82 -0.17
N PHE B 87 12.01 18.61 -0.44
CA PHE B 87 11.60 18.87 -1.81
C PHE B 87 12.67 19.64 -2.57
N SER B 88 13.21 20.68 -1.95
CA SER B 88 14.21 21.48 -2.67
C SER B 88 15.52 20.69 -2.85
N VAL B 89 15.81 19.80 -1.92
CA VAL B 89 16.95 18.90 -2.05
C VAL B 89 16.70 17.93 -3.21
N SER B 90 15.50 17.37 -3.28
CA SER B 90 15.14 16.47 -4.38
C SER B 90 15.14 17.20 -5.74
N HIS B 91 14.67 18.44 -5.74
CA HIS B 91 14.73 19.23 -6.97
C HIS B 91 16.16 19.40 -7.47
N PHE B 92 17.10 19.61 -6.56
CA PHE B 92 18.48 19.82 -6.98
C PHE B 92 19.07 18.55 -7.57
N CYS B 93 18.66 17.40 -7.03
CA CYS B 93 19.04 16.13 -7.60
C CYS B 93 18.56 16.07 -9.05
N TYR B 94 17.32 16.49 -9.29
CA TYR B 94 16.81 16.58 -10.65
C TYR B 94 17.67 17.48 -11.53
N LEU B 95 18.05 18.65 -11.01
CA LEU B 95 18.92 19.58 -11.73
C LEU B 95 20.27 18.96 -12.10
N LEU B 96 20.83 18.15 -11.20
CA LEU B 96 22.09 17.47 -11.49
C LEU B 96 21.90 16.46 -12.61
N TYR B 97 20.81 15.72 -12.55
CA TYR B 97 20.43 14.79 -13.60
C TYR B 97 20.36 15.50 -14.95
N LYS B 98 19.61 16.60 -14.99
CA LYS B 98 19.37 17.32 -16.23
C LYS B 98 20.60 18.06 -16.74
N ASN B 99 21.36 18.67 -15.83
CA ASN B 99 22.44 19.57 -16.25
C ASN B 99 23.82 18.90 -16.34
N LEU B 100 24.07 17.89 -15.52
CA LEU B 100 25.36 17.21 -15.53
C LEU B 100 25.32 15.91 -16.35
N GLU B 101 24.14 15.53 -16.80
CA GLU B 101 23.97 14.30 -17.59
C GLU B 101 24.50 13.06 -16.84
N LEU B 102 23.86 12.76 -15.71
CA LEU B 102 24.35 11.72 -14.81
C LEU B 102 24.35 10.33 -15.43
N THR B 103 23.52 10.12 -16.44
CA THR B 103 23.40 8.78 -17.01
C THR B 103 24.70 8.35 -17.68
N ASN B 104 25.63 9.29 -17.80
CA ASN B 104 26.96 8.98 -18.31
C ASN B 104 27.96 8.58 -17.23
N TYR B 105 27.55 8.63 -15.97
CA TYR B 105 28.47 8.42 -14.87
C TYR B 105 27.97 7.32 -13.94
N LEU B 106 26.65 7.25 -13.83
CA LEU B 106 26.00 6.35 -12.88
C LEU B 106 25.01 5.43 -13.58
N GLU B 107 24.78 4.25 -13.00
CA GLU B 107 23.71 3.37 -13.45
C GLU B 107 22.35 4.00 -13.15
N ASP B 108 21.33 3.60 -13.90
CA ASP B 108 20.06 4.31 -13.72
C ASP B 108 19.45 3.96 -12.36
N ILE B 109 19.70 2.74 -11.87
CA ILE B 109 19.27 2.34 -10.53
C ILE B 109 19.89 3.21 -9.42
N GLU B 110 21.12 3.68 -9.66
CA GLU B 110 21.84 4.51 -8.68
C GLU B 110 21.29 5.92 -8.66
N ILE B 111 20.93 6.44 -9.84
CA ILE B 111 20.35 7.77 -9.94
C ILE B 111 18.99 7.78 -9.26
N PHE B 112 18.19 6.74 -9.54
CA PHE B 112 16.87 6.56 -8.94
C PHE B 112 16.99 6.47 -7.40
N ALA B 113 17.95 5.69 -6.91
CA ALA B 113 18.19 5.59 -5.49
C ALA B 113 18.57 6.94 -4.89
N LEU B 114 19.41 7.69 -5.60
CA LEU B 114 19.81 9.03 -5.13
C LEU B 114 18.61 9.96 -5.00
N PHE B 115 17.71 9.93 -5.99
CA PHE B 115 16.55 10.82 -5.96
C PHE B 115 15.60 10.44 -4.83
N ILE B 116 15.35 9.14 -4.66
CA ILE B 116 14.45 8.70 -3.61
C ILE B 116 15.05 9.02 -2.24
N SER B 117 16.36 8.80 -2.13
CA SER B 117 17.09 9.15 -0.92
C SER B 117 16.94 10.64 -0.57
N CYS B 118 16.99 11.52 -1.57
CA CYS B 118 16.82 12.96 -1.32
C CYS B 118 15.45 13.25 -0.71
N MET B 119 14.41 12.60 -1.23
CA MET B 119 13.07 12.80 -0.69
C MET B 119 13.00 12.37 0.77
N CYS B 120 13.70 11.28 1.07
CA CYS B 120 13.57 10.62 2.34
C CYS B 120 14.62 11.01 3.39
N HIS B 121 15.65 11.76 2.98
CA HIS B 121 16.89 11.76 3.74
C HIS B 121 16.85 12.42 5.12
N ASP B 122 15.81 13.21 5.41
CA ASP B 122 15.66 13.84 6.72
C ASP B 122 14.31 13.48 7.36
N LEU B 123 13.73 12.36 6.97
CA LEU B 123 12.40 11.95 7.46
C LEU B 123 12.28 11.96 9.00
N ASP B 124 11.18 12.54 9.48
CA ASP B 124 10.89 12.60 10.92
C ASP B 124 11.95 13.34 11.74
N HIS B 125 12.72 14.22 11.09
CA HIS B 125 13.64 15.12 11.83
C HIS B 125 12.89 15.97 12.86
N ARG B 126 13.45 16.12 14.06
CA ARG B 126 12.76 16.82 15.15
C ARG B 126 13.42 18.14 15.50
N GLY B 127 14.35 18.60 14.66
CA GLY B 127 14.98 19.88 14.89
C GLY B 127 16.19 19.79 15.82
N THR B 128 16.66 18.57 16.07
CA THR B 128 17.83 18.40 16.92
C THR B 128 18.87 17.51 16.22
N ASN B 129 20.16 17.75 16.51
CA ASN B 129 21.23 17.02 15.82
C ASN B 129 21.60 15.72 16.52
N ASN B 130 22.61 15.02 16.00
CA ASN B 130 23.05 13.77 16.60
C ASN B 130 23.63 13.93 18.01
N SER B 131 24.36 15.01 18.25
CA SER B 131 24.90 15.24 19.58
C SER B 131 23.78 15.22 20.61
N PHE B 132 22.67 15.85 20.24
CA PHE B 132 21.54 15.97 21.15
C PHE B 132 20.95 14.61 21.49
N GLN B 133 20.77 13.77 20.46
CA GLN B 133 20.21 12.45 20.67
C GLN B 133 21.00 11.69 21.73
N VAL B 134 22.32 11.71 21.60
CA VAL B 134 23.14 10.95 22.53
C VAL B 134 23.13 11.54 23.92
N ALA B 135 23.37 12.85 24.02
CA ALA B 135 23.42 13.52 25.31
C ALA B 135 22.10 13.43 26.05
N SER B 136 20.98 13.47 25.33
CA SER B 136 19.67 13.43 25.96
C SER B 136 19.21 11.99 26.15
N LYS B 137 20.06 11.06 25.72
CA LYS B 137 19.74 9.63 25.75
C LYS B 137 18.37 9.35 25.13
N SER B 138 18.15 9.86 23.93
CA SER B 138 16.89 9.64 23.24
C SER B 138 16.71 8.16 22.90
N VAL B 139 15.51 7.79 22.45
CA VAL B 139 15.25 6.41 22.07
C VAL B 139 15.99 6.10 20.77
N LEU B 140 16.21 7.11 19.95
CA LEU B 140 16.91 6.93 18.68
C LEU B 140 18.37 6.57 18.95
N ALA B 141 18.98 7.26 19.91
CA ALA B 141 20.34 6.94 20.35
C ALA B 141 20.41 5.58 21.04
N ALA B 142 19.33 5.22 21.73
CA ALA B 142 19.26 3.94 22.43
C ALA B 142 19.23 2.77 21.45
N LEU B 143 18.58 2.97 20.31
CA LEU B 143 18.54 1.95 19.28
C LEU B 143 19.83 1.93 18.47
N TYR B 144 20.29 3.11 18.08
CA TYR B 144 21.49 3.24 17.25
C TYR B 144 22.64 3.68 18.14
N SER B 145 23.08 2.77 19.01
CA SER B 145 23.96 3.11 20.13
C SER B 145 25.44 2.87 19.84
N SER B 146 25.75 2.17 18.76
CA SER B 146 27.13 2.15 18.27
C SER B 146 27.33 3.47 17.55
N GLU B 147 26.21 4.18 17.39
CA GLU B 147 26.05 5.58 17.04
C GLU B 147 26.94 6.11 15.93
N GLY B 148 27.31 7.37 16.05
CA GLY B 148 27.73 8.16 14.92
C GLY B 148 26.44 8.75 14.40
N SER B 149 25.90 8.10 13.37
CA SER B 149 24.84 8.67 12.54
C SER B 149 23.45 8.31 13.04
N VAL B 150 23.13 8.72 14.25
CA VAL B 150 21.87 8.35 14.87
C VAL B 150 20.68 8.86 14.07
N MET B 151 20.62 10.15 13.76
CA MET B 151 19.47 10.66 13.02
C MET B 151 19.35 10.00 11.63
N GLU B 152 20.49 9.86 10.96
CA GLU B 152 20.50 9.41 9.57
C GLU B 152 20.02 7.95 9.48
N ARG B 153 20.40 7.15 10.48
CA ARG B 153 19.88 5.78 10.62
C ARG B 153 18.37 5.80 10.78
N HIS B 154 17.87 6.77 11.54
CA HIS B 154 16.43 6.87 11.75
C HIS B 154 15.73 7.32 10.46
N HIS B 155 16.29 8.31 9.76
CA HIS B 155 15.71 8.74 8.49
C HIS B 155 15.57 7.55 7.54
N PHE B 156 16.63 6.76 7.39
CA PHE B 156 16.58 5.55 6.57
C PHE B 156 15.50 4.62 7.08
N ALA B 157 15.42 4.46 8.41
CA ALA B 157 14.46 3.52 8.99
C ALA B 157 13.03 3.95 8.64
N GLN B 158 12.79 5.25 8.68
CA GLN B 158 11.47 5.79 8.32
C GLN B 158 11.13 5.53 6.85
N ALA B 159 12.10 5.70 5.97
CA ALA B 159 11.92 5.42 4.56
C ALA B 159 11.52 3.96 4.33
N ILE B 160 12.22 3.05 5.00
CA ILE B 160 11.93 1.61 4.88
C ILE B 160 10.53 1.26 5.36
N ALA B 161 10.10 1.92 6.43
CA ALA B 161 8.77 1.68 6.98
C ALA B 161 7.69 2.14 5.98
N ILE B 162 7.94 3.26 5.31
CA ILE B 162 7.00 3.73 4.28
C ILE B 162 6.93 2.74 3.12
N LEU B 163 8.09 2.34 2.61
CA LEU B 163 8.19 1.35 1.53
C LEU B 163 7.46 0.07 1.88
N ASN B 164 7.47 -0.29 3.17
CA ASN B 164 6.82 -1.52 3.59
C ASN B 164 5.38 -1.32 4.01
N THR B 165 4.88 -0.11 3.81
CA THR B 165 3.47 0.12 4.08
C THR B 165 2.69 -0.26 2.83
N HIS B 166 1.62 -1.02 3.03
CA HIS B 166 0.74 -1.46 1.95
C HIS B 166 0.37 -0.30 1.04
N GLY B 167 0.60 -0.48 -0.27
CA GLY B 167 0.26 0.54 -1.24
C GLY B 167 1.34 1.58 -1.49
N CYS B 168 2.48 1.46 -0.80
CA CYS B 168 3.57 2.43 -0.96
C CYS B 168 4.89 1.87 -1.47
N ASN B 169 4.97 0.60 -1.81
CA ASN B 169 6.26 0.07 -2.24
C ASN B 169 6.53 0.35 -3.71
N ILE B 170 7.16 1.50 -3.98
CA ILE B 170 7.45 1.88 -5.36
C ILE B 170 8.56 1.03 -5.97
N PHE B 171 9.17 0.16 -5.16
CA PHE B 171 10.24 -0.73 -5.61
C PHE B 171 9.71 -2.13 -5.85
N ASP B 172 8.39 -2.27 -5.84
CA ASP B 172 7.76 -3.57 -6.02
C ASP B 172 8.15 -4.27 -7.34
N HIS B 173 8.58 -3.48 -8.33
CA HIS B 173 8.99 -4.02 -9.62
C HIS B 173 10.33 -4.77 -9.58
N PHE B 174 11.17 -4.44 -8.60
CA PHE B 174 12.53 -5.00 -8.58
C PHE B 174 12.53 -6.49 -8.23
N SER B 175 13.48 -7.22 -8.81
CA SER B 175 13.82 -8.56 -8.32
C SER B 175 14.26 -8.44 -6.85
N ARG B 176 14.32 -9.54 -6.13
CA ARG B 176 14.78 -9.48 -4.74
C ARG B 176 16.24 -9.02 -4.68
N LYS B 177 17.05 -9.38 -5.66
CA LYS B 177 18.43 -8.90 -5.68
C LYS B 177 18.50 -7.37 -5.85
N ASP B 178 17.75 -6.86 -6.82
CA ASP B 178 17.71 -5.42 -7.05
C ASP B 178 16.98 -4.66 -5.94
N TYR B 179 15.97 -5.28 -5.35
CA TYR B 179 15.35 -4.68 -4.16
C TYR B 179 16.38 -4.50 -3.06
N GLN B 180 17.11 -5.57 -2.73
CA GLN B 180 18.17 -5.47 -1.73
C GLN B 180 19.19 -4.41 -2.12
N ARG B 181 19.62 -4.39 -3.38
CA ARG B 181 20.58 -3.39 -3.83
C ARG B 181 20.08 -1.96 -3.57
N MET B 182 18.80 -1.73 -3.82
CA MET B 182 18.20 -0.40 -3.66
C MET B 182 18.17 0.03 -2.20
N LEU B 183 17.81 -0.89 -1.30
CA LEU B 183 17.81 -0.58 0.14
C LEU B 183 19.20 -0.27 0.65
N ASP B 184 20.18 -1.06 0.21
CA ASP B 184 21.57 -0.79 0.60
C ASP B 184 22.11 0.52 0.02
N LEU B 185 21.75 0.84 -1.24
CA LEU B 185 22.09 2.16 -1.80
C LEU B 185 21.45 3.28 -0.97
N MET B 186 20.16 3.13 -0.67
CA MET B 186 19.48 4.19 0.11
C MET B 186 20.11 4.38 1.48
N ARG B 187 20.47 3.29 2.14
CA ARG B 187 21.14 3.44 3.43
C ARG B 187 22.47 4.18 3.26
N ASP B 188 23.25 3.80 2.26
CA ASP B 188 24.55 4.42 2.05
C ASP B 188 24.42 5.92 1.77
N ILE B 189 23.44 6.26 0.93
CA ILE B 189 23.31 7.63 0.45
C ILE B 189 22.82 8.53 1.56
N ILE B 190 21.83 8.06 2.31
CA ILE B 190 21.31 8.78 3.47
C ILE B 190 22.38 8.91 4.58
N LEU B 191 23.17 7.87 4.80
CA LEU B 191 24.22 7.91 5.82
C LEU B 191 25.28 8.95 5.47
N ALA B 192 25.44 9.20 4.17
CA ALA B 192 26.39 10.19 3.67
C ALA B 192 26.04 11.65 4.06
N THR B 193 24.81 11.88 4.49
CA THR B 193 24.37 13.23 4.90
C THR B 193 24.74 13.56 6.35
N ASP B 194 25.36 12.62 7.05
CA ASP B 194 25.96 12.91 8.34
C ASP B 194 27.27 13.63 8.05
N LEU B 195 27.42 14.84 8.59
CA LEU B 195 28.65 15.60 8.41
C LEU B 195 29.88 14.79 8.83
N ALA B 196 29.79 13.99 9.89
CA ALA B 196 30.94 13.18 10.30
C ALA B 196 31.38 12.24 9.16
N HIS B 197 30.41 11.73 8.39
CA HIS B 197 30.72 10.84 7.26
C HIS B 197 31.44 11.59 6.16
N HIS B 198 30.89 12.72 5.75
CA HIS B 198 31.51 13.55 4.72
C HIS B 198 32.96 13.86 5.07
N LEU B 199 33.22 14.19 6.33
CA LEU B 199 34.57 14.53 6.73
C LEU B 199 35.51 13.33 6.68
N ARG B 200 35.02 12.15 7.03
CA ARG B 200 35.84 10.95 6.95
C ARG B 200 36.22 10.62 5.49
N ILE B 201 35.31 10.84 4.55
CA ILE B 201 35.58 10.44 3.17
C ILE B 201 36.13 11.59 2.32
N PHE B 202 36.33 12.75 2.93
CA PHE B 202 36.70 13.95 2.16
C PHE B 202 37.97 13.76 1.32
N LYS B 203 39.00 13.17 1.91
CA LYS B 203 40.22 13.07 1.10
C LYS B 203 40.13 11.95 0.06
N ASP B 204 39.24 10.98 0.26
CA ASP B 204 38.94 10.03 -0.82
C ASP B 204 38.20 10.72 -1.95
N LEU B 205 37.33 11.66 -1.59
CA LEU B 205 36.66 12.48 -2.61
C LEU B 205 37.68 13.31 -3.39
N GLN B 206 38.60 13.94 -2.67
CA GLN B 206 39.67 14.71 -3.29
C GLN B 206 40.52 13.85 -4.23
N LYS B 207 40.86 12.65 -3.78
CA LYS B 207 41.67 11.78 -4.61
C LYS B 207 40.93 11.39 -5.89
N MET B 208 39.64 11.07 -5.75
CA MET B 208 38.83 10.75 -6.92
C MET B 208 38.81 11.93 -7.91
N ALA B 209 38.68 13.14 -7.38
CA ALA B 209 38.65 14.33 -8.24
C ALA B 209 40.00 14.55 -8.91
N GLU B 210 41.08 14.24 -8.20
CA GLU B 210 42.44 14.42 -8.73
C GLU B 210 42.82 13.40 -9.81
N VAL B 211 42.38 12.16 -9.65
CA VAL B 211 42.75 11.12 -10.63
C VAL B 211 41.70 11.06 -11.73
N GLY B 212 40.48 11.46 -11.40
CA GLY B 212 39.41 11.52 -12.37
C GLY B 212 38.43 10.39 -12.15
N TYR B 213 37.16 10.68 -12.37
CA TYR B 213 36.12 9.68 -12.25
C TYR B 213 36.26 8.51 -13.24
N ASP B 214 36.37 7.30 -12.70
CA ASP B 214 36.38 6.06 -13.47
C ASP B 214 35.04 5.37 -13.30
N ARG B 215 34.24 5.32 -14.35
CA ARG B 215 32.91 4.72 -14.27
C ARG B 215 32.99 3.20 -14.05
N ASN B 216 34.14 2.62 -14.35
CA ASN B 216 34.32 1.19 -14.09
C ASN B 216 34.80 0.89 -12.68
N ASN B 217 34.99 1.94 -11.90
CA ASN B 217 35.44 1.79 -10.52
C ASN B 217 34.25 1.88 -9.56
N LYS B 218 33.92 0.77 -8.91
CA LYS B 218 32.74 0.72 -8.06
C LYS B 218 32.81 1.71 -6.91
N GLN B 219 33.99 1.86 -6.31
CA GLN B 219 34.12 2.82 -5.23
C GLN B 219 33.93 4.25 -5.72
N HIS B 220 34.31 4.53 -6.97
CA HIS B 220 34.06 5.87 -7.52
C HIS B 220 32.56 6.12 -7.62
N HIS B 221 31.81 5.07 -7.98
CA HIS B 221 30.35 5.16 -7.98
C HIS B 221 29.87 5.54 -6.58
N ARG B 222 30.32 4.82 -5.56
CA ARG B 222 29.85 5.06 -4.20
C ARG B 222 30.25 6.45 -3.69
N LEU B 223 31.47 6.87 -4.00
CA LEU B 223 31.94 8.18 -3.56
C LEU B 223 31.16 9.28 -4.25
N LEU B 224 30.89 9.10 -5.54
CA LEU B 224 30.19 10.13 -6.30
C LEU B 224 28.78 10.32 -5.78
N LEU B 225 28.11 9.23 -5.45
CA LEU B 225 26.76 9.30 -4.89
C LEU B 225 26.77 10.07 -3.58
N CYS B 226 27.80 9.83 -2.75
CA CYS B 226 27.94 10.58 -1.50
C CYS B 226 28.08 12.07 -1.77
N LEU B 227 28.96 12.40 -2.71
CA LEU B 227 29.20 13.81 -3.05
C LEU B 227 27.95 14.45 -3.63
N LEU B 228 27.27 13.75 -4.55
CA LEU B 228 26.06 14.29 -5.15
C LEU B 228 24.99 14.49 -4.07
N MET B 229 24.82 13.50 -3.19
CA MET B 229 23.87 13.68 -2.07
C MET B 229 24.20 14.95 -1.25
N THR B 230 25.46 15.15 -0.87
CA THR B 230 25.75 16.26 0.02
C THR B 230 25.61 17.60 -0.72
N SER B 231 25.84 17.62 -2.03
CA SER B 231 25.62 18.86 -2.78
C SER B 231 24.13 19.20 -2.94
N CYS B 232 23.27 18.20 -3.00
CA CYS B 232 21.84 18.40 -2.97
C CYS B 232 21.39 18.98 -1.61
N ASP B 233 21.89 18.37 -0.53
CA ASP B 233 21.53 18.75 0.83
C ASP B 233 21.91 20.23 1.08
N LEU B 234 23.01 20.68 0.48
CA LEU B 234 23.46 22.06 0.68
C LEU B 234 23.02 23.05 -0.40
N SER B 235 22.11 22.63 -1.28
CA SER B 235 21.89 23.39 -2.51
C SER B 235 21.21 24.75 -2.32
N ASP B 236 20.68 25.02 -1.12
CA ASP B 236 20.20 26.37 -0.82
C ASP B 236 21.32 27.39 -0.94
N GLN B 237 22.57 26.94 -0.84
CA GLN B 237 23.68 27.90 -0.87
C GLN B 237 24.05 28.25 -2.30
N THR B 238 23.45 27.56 -3.27
CA THR B 238 23.80 27.77 -4.67
C THR B 238 22.82 28.69 -5.39
N LYS B 239 21.84 29.24 -4.68
CA LYS B 239 20.87 30.13 -5.30
C LYS B 239 21.33 31.57 -5.12
N GLY B 240 20.38 32.50 -4.98
CA GLY B 240 20.73 33.90 -4.80
C GLY B 240 20.91 34.24 -3.33
N TRP B 241 21.22 35.50 -3.04
CA TRP B 241 21.46 35.95 -1.66
C TRP B 241 20.24 35.73 -0.78
N LYS B 242 19.06 35.99 -1.32
CA LYS B 242 17.83 35.90 -0.55
C LYS B 242 17.70 34.54 0.09
N THR B 243 17.91 33.51 -0.71
CA THR B 243 17.74 32.15 -0.26
C THR B 243 18.72 31.79 0.87
N THR B 244 19.98 32.18 0.72
CA THR B 244 20.96 31.81 1.74
C THR B 244 20.67 32.56 3.02
N ARG B 245 20.16 33.79 2.89
CA ARG B 245 19.77 34.58 4.06
C ARG B 245 18.56 33.93 4.74
N LYS B 246 17.59 33.49 3.95
CA LYS B 246 16.38 32.91 4.52
C LYS B 246 16.70 31.58 5.21
N ILE B 247 17.56 30.78 4.61
CA ILE B 247 17.87 29.47 5.19
C ILE B 247 18.70 29.64 6.47
N ALA B 248 19.52 30.69 6.53
CA ALA B 248 20.23 31.04 7.77
C ALA B 248 19.23 31.36 8.89
N GLU B 249 18.22 32.20 8.60
CA GLU B 249 17.10 32.42 9.52
C GLU B 249 16.55 31.14 10.11
N LEU B 250 16.17 30.22 9.22
CA LEU B 250 15.47 29.01 9.64
C LEU B 250 16.38 28.08 10.41
N ILE B 251 17.61 27.90 9.94
CA ILE B 251 18.44 26.89 10.56
C ILE B 251 18.92 27.38 11.95
N TYR B 252 19.24 28.65 12.10
CA TYR B 252 19.65 29.14 13.41
C TYR B 252 18.46 29.23 14.35
N LYS B 253 17.27 29.41 13.80
CA LYS B 253 16.07 29.34 14.62
C LYS B 253 15.94 27.92 15.14
N GLU B 254 16.16 26.94 14.27
CA GLU B 254 16.15 25.55 14.67
C GLU B 254 17.26 25.26 15.69
N PHE B 255 18.47 25.71 15.40
CA PHE B 255 19.62 25.45 16.27
C PHE B 255 19.41 26.05 17.67
N PHE B 256 18.92 27.30 17.71
CA PHE B 256 18.76 27.97 19.00
C PHE B 256 17.68 27.31 19.83
N SER B 257 16.65 26.78 19.18
CA SER B 257 15.65 26.02 19.91
C SER B 257 16.27 24.80 20.58
N GLN B 258 17.21 24.14 19.90
CA GLN B 258 17.92 23.03 20.51
C GLN B 258 18.72 23.51 21.73
N GLY B 259 19.46 24.60 21.54
CA GLY B 259 20.29 25.11 22.63
C GLY B 259 19.48 25.49 23.86
N ASP B 260 18.31 26.11 23.65
CA ASP B 260 17.46 26.52 24.77
C ASP B 260 17.09 25.30 25.62
N LEU B 261 16.72 24.23 24.93
CA LEU B 261 16.36 22.97 25.57
C LEU B 261 17.55 22.39 26.34
N GLU B 262 18.72 22.40 25.70
CA GLU B 262 19.92 21.89 26.32
C GLU B 262 20.26 22.68 27.62
N LYS B 263 20.11 23.99 27.59
CA LYS B 263 20.33 24.81 28.79
C LYS B 263 19.36 24.45 29.91
N ALA B 264 18.11 24.21 29.55
CA ALA B 264 17.10 23.79 30.52
C ALA B 264 17.49 22.45 31.14
N MET B 265 17.89 21.50 30.30
CA MET B 265 18.27 20.17 30.78
C MET B 265 19.55 20.19 31.59
N GLY B 266 20.28 21.30 31.53
CA GLY B 266 21.51 21.44 32.30
C GLY B 266 22.75 21.10 31.49
N ASN B 267 22.57 20.98 30.18
CA ASN B 267 23.70 20.66 29.33
C ASN B 267 24.25 21.90 28.65
N ARG B 268 25.54 21.85 28.36
CA ARG B 268 26.24 22.96 27.72
C ARG B 268 26.11 22.89 26.21
N PRO B 269 25.38 23.84 25.60
CA PRO B 269 25.20 23.73 24.16
C PRO B 269 26.44 24.18 23.39
N MET B 270 26.62 23.69 22.17
CA MET B 270 27.59 24.29 21.25
C MET B 270 27.31 25.79 21.13
N GLU B 271 28.35 26.57 20.84
CA GLU B 271 28.19 28.01 20.67
C GLU B 271 27.22 28.35 19.55
N MET B 272 27.29 27.63 18.43
CA MET B 272 26.44 27.95 17.29
C MET B 272 24.96 27.69 17.61
N MET B 273 24.70 27.00 18.71
CA MET B 273 23.32 26.72 19.13
C MET B 273 22.90 27.53 20.37
N ASP B 274 23.80 28.37 20.85
CA ASP B 274 23.52 29.26 21.97
C ASP B 274 23.17 30.66 21.48
N ARG B 275 21.90 31.05 21.58
CA ARG B 275 21.47 32.33 21.02
C ARG B 275 22.12 33.52 21.73
N GLU B 276 22.66 33.28 22.93
CA GLU B 276 23.34 34.35 23.66
C GLU B 276 24.81 34.48 23.23
N LYS B 277 25.35 33.50 22.53
CA LYS B 277 26.75 33.56 22.12
C LYS B 277 26.91 33.60 20.60
N ALA B 278 26.04 32.89 19.88
CA ALA B 278 26.18 32.74 18.44
C ALA B 278 26.20 34.07 17.71
N TYR B 279 27.18 34.22 16.84
CA TYR B 279 27.27 35.36 15.94
C TYR B 279 27.07 34.86 14.53
N ILE B 280 25.86 35.03 14.03
CA ILE B 280 25.42 34.37 12.81
C ILE B 280 26.32 34.57 11.57
N PRO B 281 26.70 35.83 11.22
CA PRO B 281 27.44 35.99 9.97
C PRO B 281 28.77 35.24 9.96
N GLU B 282 29.45 35.23 11.10
CA GLU B 282 30.72 34.52 11.22
C GLU B 282 30.52 33.01 11.11
N LEU B 283 29.48 32.51 11.78
CA LEU B 283 29.17 31.08 11.76
C LEU B 283 28.80 30.64 10.35
N GLN B 284 27.94 31.42 9.71
CA GLN B 284 27.50 31.14 8.35
C GLN B 284 28.69 31.14 7.37
N ILE B 285 29.56 32.14 7.51
CA ILE B 285 30.74 32.25 6.65
C ILE B 285 31.68 31.04 6.85
N SER B 286 31.90 30.64 8.09
CA SER B 286 32.72 29.47 8.38
C SER B 286 32.14 28.21 7.73
N PHE B 287 30.83 28.00 7.91
CA PHE B 287 30.14 26.89 7.27
C PHE B 287 30.34 26.92 5.76
N MET B 288 30.29 28.11 5.17
CA MET B 288 30.43 28.19 3.72
C MET B 288 31.86 27.89 3.31
N GLU B 289 32.82 28.42 4.06
CA GLU B 289 34.23 28.26 3.73
C GLU B 289 34.69 26.83 3.91
N HIS B 290 34.22 26.19 4.96
CA HIS B 290 34.81 24.92 5.36
C HIS B 290 33.99 23.69 4.97
N ILE B 291 32.69 23.89 4.73
CA ILE B 291 31.80 22.79 4.38
C ILE B 291 31.22 22.92 2.97
N ALA B 292 30.46 23.99 2.71
CA ALA B 292 29.75 24.10 1.45
C ALA B 292 30.69 24.35 0.26
N MET B 293 31.65 25.25 0.37
CA MET B 293 32.53 25.53 -0.77
C MET B 293 33.45 24.35 -1.15
N PRO B 294 34.07 23.67 -0.17
CA PRO B 294 34.83 22.50 -0.62
C PRO B 294 34.00 21.46 -1.37
N ILE B 295 32.72 21.34 -1.06
CA ILE B 295 31.88 20.33 -1.71
C ILE B 295 31.58 20.70 -3.17
N TYR B 296 31.26 21.97 -3.41
CA TYR B 296 30.99 22.39 -4.78
C TYR B 296 32.28 22.53 -5.58
N LYS B 297 33.39 22.74 -4.89
CA LYS B 297 34.69 22.74 -5.54
C LYS B 297 35.01 21.34 -6.08
N LEU B 298 34.74 20.32 -5.26
CA LEU B 298 34.90 18.93 -5.71
C LEU B 298 33.99 18.62 -6.90
N LEU B 299 32.73 19.06 -6.84
CA LEU B 299 31.79 18.84 -7.94
C LEU B 299 32.23 19.54 -9.23
N GLN B 300 32.71 20.77 -9.10
CA GLN B 300 33.32 21.48 -10.20
C GLN B 300 34.54 20.75 -10.76
N ASP B 301 35.39 20.21 -9.89
CA ASP B 301 36.57 19.46 -10.32
C ASP B 301 36.18 18.22 -11.13
N LEU B 302 35.01 17.66 -10.83
CA LEU B 302 34.53 16.45 -11.49
C LEU B 302 33.64 16.75 -12.69
N PHE B 303 32.83 17.80 -12.58
CA PHE B 303 31.90 18.22 -13.63
C PHE B 303 32.10 19.69 -13.97
N PRO B 304 32.83 20.00 -15.06
CA PRO B 304 33.06 21.40 -15.43
C PRO B 304 31.77 22.22 -15.48
N LYS B 305 30.67 21.59 -15.89
CA LYS B 305 29.38 22.26 -15.94
C LYS B 305 28.85 22.72 -14.57
N ALA B 306 29.45 22.19 -13.50
CA ALA B 306 29.04 22.57 -12.14
C ALA B 306 29.79 23.79 -11.62
N ALA B 307 30.65 24.37 -12.46
CA ALA B 307 31.48 25.50 -12.03
C ALA B 307 30.65 26.66 -11.51
N GLU B 308 29.51 26.93 -12.15
CA GLU B 308 28.68 28.08 -11.75
C GLU B 308 28.14 27.91 -10.33
N LEU B 309 27.91 26.66 -9.93
CA LEU B 309 27.42 26.39 -8.58
C LEU B 309 28.44 26.85 -7.55
N TYR B 310 29.68 26.44 -7.75
CA TYR B 310 30.76 26.84 -6.88
C TYR B 310 30.88 28.37 -6.83
N GLU B 311 30.84 28.99 -8.00
CA GLU B 311 30.97 30.44 -8.07
C GLU B 311 29.81 31.16 -7.37
N ARG B 312 28.60 30.63 -7.48
CA ARG B 312 27.46 31.19 -6.76
C ARG B 312 27.64 31.08 -5.24
N VAL B 313 28.11 29.93 -4.78
CA VAL B 313 28.35 29.75 -3.35
C VAL B 313 29.46 30.70 -2.88
N ALA B 314 30.53 30.81 -3.67
CA ALA B 314 31.62 31.74 -3.36
C ALA B 314 31.13 33.19 -3.35
N SER B 315 30.22 33.49 -4.27
CA SER B 315 29.67 34.83 -4.40
C SER B 315 28.74 35.11 -3.22
N ASN B 316 27.98 34.12 -2.80
CA ASN B 316 27.11 34.28 -1.64
C ASN B 316 27.89 34.46 -0.36
N ARG B 317 29.05 33.83 -0.28
CA ARG B 317 29.86 33.94 0.92
C ARG B 317 30.41 35.36 1.04
N GLU B 318 30.89 35.90 -0.07
CA GLU B 318 31.40 37.26 -0.09
C GLU B 318 30.29 38.26 0.25
N HIS B 319 29.05 37.92 -0.12
CA HIS B 319 27.90 38.73 0.27
C HIS B 319 27.72 38.73 1.79
N TRP B 320 27.89 37.56 2.42
CA TRP B 320 27.77 37.48 3.88
C TRP B 320 28.84 38.32 4.55
N THR B 321 30.04 38.33 3.96
CA THR B 321 31.13 39.14 4.50
C THR B 321 30.78 40.62 4.41
N LYS B 322 30.17 41.04 3.30
CA LYS B 322 29.93 42.46 3.13
C LYS B 322 28.75 42.96 3.97
N VAL B 323 27.88 42.08 4.45
CA VAL B 323 26.76 42.49 5.29
C VAL B 323 26.94 42.10 6.76
N SER B 324 28.09 41.52 7.07
CA SER B 324 28.40 41.03 8.41
C SER B 324 28.36 42.15 9.47
N HIS B 325 28.81 43.33 9.08
CA HIS B 325 28.91 44.45 10.01
C HIS B 325 27.54 44.87 10.54
N LYS B 326 26.49 44.54 9.79
CA LYS B 326 25.12 44.93 10.15
C LYS B 326 24.64 44.26 11.44
N PHE B 327 25.32 43.20 11.85
CA PHE B 327 25.00 42.53 13.12
C PHE B 327 25.59 43.25 14.33
N THR B 328 26.36 44.30 14.07
CA THR B 328 26.84 45.18 15.13
C THR B 328 26.11 46.49 14.96
N ILE B 329 25.21 46.79 15.89
CA ILE B 329 24.28 47.88 15.71
C ILE B 329 24.96 49.26 15.70
N ARG B 330 24.90 49.90 14.54
CA ARG B 330 25.40 51.25 14.41
C ARG B 330 24.25 52.22 14.18
N GLY B 331 24.39 53.44 14.66
CA GLY B 331 23.25 54.34 14.75
C GLY B 331 22.26 53.82 15.79
N LEU B 332 20.99 54.17 15.61
CA LEU B 332 19.94 53.68 16.48
C LEU B 332 19.23 52.51 15.83
N PRO B 333 18.64 51.62 16.66
CA PRO B 333 17.74 50.61 16.07
C PRO B 333 16.60 51.28 15.29
N SER B 334 15.80 50.47 14.61
CA SER B 334 14.77 51.00 13.72
C SER B 334 13.81 51.96 14.42
N ASN B 335 13.51 51.67 15.68
CA ASN B 335 12.53 52.47 16.43
C ASN B 335 13.08 53.77 16.97
N ASN B 336 14.36 54.04 16.70
CA ASN B 336 15.05 55.21 17.27
C ASN B 336 15.05 55.20 18.79
N SER B 337 15.03 53.99 19.36
CA SER B 337 14.98 53.80 20.79
C SER B 337 16.10 52.90 21.27
N LEU B 338 16.61 53.21 22.47
CA LEU B 338 17.64 52.40 23.09
C LEU B 338 17.06 51.59 24.25
N ASP B 339 15.74 51.40 24.24
CA ASP B 339 15.07 50.74 25.36
C ASP B 339 15.54 49.28 25.51
N PHE B 340 16.03 48.70 24.43
CA PHE B 340 16.54 47.33 24.45
C PHE B 340 17.74 47.18 25.40
N LEU B 341 18.39 48.30 25.72
CA LEU B 341 19.44 48.29 26.73
C LEU B 341 18.88 47.92 28.10
N ILE C 15 -24.46 7.57 -50.52
CA ILE C 15 -23.33 8.20 -49.85
C ILE C 15 -22.69 9.24 -50.76
N GLN C 16 -22.69 10.49 -50.31
CA GLN C 16 -22.12 11.59 -51.09
C GLN C 16 -20.61 11.47 -51.25
N PRO C 17 -20.09 11.84 -52.42
CA PRO C 17 -18.64 11.95 -52.62
C PRO C 17 -18.08 13.09 -51.78
N VAL C 18 -16.90 12.86 -51.19
CA VAL C 18 -16.22 13.90 -50.43
C VAL C 18 -16.15 15.20 -51.22
N ALA C 19 -15.88 15.08 -52.51
CA ALA C 19 -15.86 16.22 -53.42
C ALA C 19 -17.16 17.02 -53.43
N ALA C 20 -18.29 16.34 -53.25
CA ALA C 20 -19.61 17.00 -53.27
C ALA C 20 -19.90 17.77 -51.98
N ILE C 21 -19.24 17.41 -50.89
CA ILE C 21 -19.46 18.14 -49.64
C ILE C 21 -18.77 19.50 -49.68
N ASP C 22 -17.51 19.49 -50.05
CA ASP C 22 -16.71 20.70 -50.16
C ASP C 22 -15.44 20.38 -50.94
N SER C 23 -15.07 21.25 -51.88
CA SER C 23 -13.95 20.99 -52.76
C SER C 23 -12.62 20.88 -52.00
N ASN C 24 -12.61 21.42 -50.79
CA ASN C 24 -11.42 21.52 -49.97
C ASN C 24 -11.46 20.57 -48.76
N PHE C 25 -12.37 19.58 -48.83
CA PHE C 25 -12.72 18.73 -47.69
C PHE C 25 -11.56 17.88 -47.19
N ALA C 26 -10.60 17.60 -48.07
CA ALA C 26 -9.48 16.73 -47.72
C ALA C 26 -8.20 17.54 -47.46
N SER C 27 -8.35 18.85 -47.31
CA SER C 27 -7.20 19.70 -47.00
C SER C 27 -7.12 20.00 -45.51
N PHE C 28 -5.89 20.13 -45.02
CA PHE C 28 -5.64 20.56 -43.66
C PHE C 28 -6.24 21.95 -43.39
N THR C 29 -6.51 22.72 -44.44
CA THR C 29 -7.06 24.07 -44.24
C THR C 29 -8.57 24.04 -43.97
N TYR C 30 -9.22 22.93 -44.30
CA TYR C 30 -10.67 22.81 -44.09
C TYR C 30 -11.02 22.71 -42.61
N THR C 31 -12.11 23.38 -42.22
CA THR C 31 -12.55 23.39 -40.85
C THR C 31 -13.89 22.64 -40.72
N PRO C 32 -13.83 21.39 -40.28
CA PRO C 32 -15.00 20.49 -40.19
C PRO C 32 -16.13 21.05 -39.32
N ARG C 33 -15.81 21.91 -38.37
CA ARG C 33 -16.83 22.52 -37.53
C ARG C 33 -17.72 23.48 -38.33
N SER C 34 -17.29 23.84 -39.54
CA SER C 34 -18.08 24.68 -40.43
C SER C 34 -19.21 23.89 -41.06
N LEU C 35 -19.10 22.57 -41.00
CA LEU C 35 -20.14 21.71 -41.54
C LEU C 35 -21.35 21.77 -40.62
N PRO C 36 -22.56 21.93 -41.18
CA PRO C 36 -23.75 21.91 -40.32
C PRO C 36 -23.89 20.54 -39.63
N GLU C 37 -24.34 20.54 -38.39
CA GLU C 37 -24.38 19.32 -37.59
C GLU C 37 -25.28 18.26 -38.23
N ASP C 38 -26.37 18.69 -38.85
CA ASP C 38 -27.30 17.78 -39.53
C ASP C 38 -26.67 17.02 -40.69
N ASP C 39 -25.51 17.51 -41.17
CA ASP C 39 -24.83 16.89 -42.30
C ASP C 39 -23.67 15.99 -41.86
N THR C 40 -23.29 16.06 -40.59
CA THR C 40 -22.08 15.36 -40.14
C THR C 40 -22.17 13.82 -40.18
N SER C 41 -23.37 13.25 -40.07
CA SER C 41 -23.50 11.78 -40.12
C SER C 41 -23.20 11.21 -41.50
N MET C 42 -23.72 11.84 -42.56
CA MET C 42 -23.46 11.29 -43.89
C MET C 42 -22.04 11.64 -44.28
N ALA C 43 -21.49 12.67 -43.65
CA ALA C 43 -20.11 13.04 -43.87
C ALA C 43 -19.18 11.95 -43.31
N ILE C 44 -19.56 11.35 -42.19
CA ILE C 44 -18.85 10.18 -41.67
C ILE C 44 -18.90 9.04 -42.70
N LEU C 45 -20.08 8.76 -43.23
CA LEU C 45 -20.23 7.74 -44.28
C LEU C 45 -19.37 8.03 -45.51
N SER C 46 -19.29 9.32 -45.86
CA SER C 46 -18.56 9.72 -47.06
C SER C 46 -17.06 9.48 -46.92
N MET C 47 -16.53 9.77 -45.74
CA MET C 47 -15.11 9.60 -45.44
C MET C 47 -14.70 8.12 -45.45
N LEU C 48 -15.51 7.28 -44.81
CA LEU C 48 -15.28 5.84 -44.80
C LEU C 48 -15.34 5.26 -46.21
N GLN C 49 -16.27 5.79 -47.00
CA GLN C 49 -16.38 5.44 -48.41
C GLN C 49 -15.13 5.87 -49.18
N ASP C 50 -14.76 7.14 -49.03
CA ASP C 50 -13.58 7.70 -49.68
C ASP C 50 -12.32 6.90 -49.34
N MET C 51 -12.23 6.41 -48.11
CA MET C 51 -11.12 5.56 -47.72
C MET C 51 -11.34 4.13 -48.20
N ASN C 52 -12.53 3.88 -48.75
CA ASN C 52 -12.96 2.55 -49.25
C ASN C 52 -12.92 1.44 -48.20
N PHE C 53 -13.20 1.78 -46.94
CA PHE C 53 -13.28 0.79 -45.88
C PHE C 53 -14.56 -0.02 -45.97
N ILE C 54 -15.63 0.63 -46.44
CA ILE C 54 -16.93 -0.03 -46.53
C ILE C 54 -16.85 -1.19 -47.51
N ASN C 55 -16.29 -0.93 -48.69
CA ASN C 55 -16.10 -1.98 -49.68
C ASN C 55 -15.04 -2.99 -49.26
N ASN C 56 -13.89 -2.51 -48.81
CA ASN C 56 -12.80 -3.41 -48.45
C ASN C 56 -13.18 -4.42 -47.37
N TYR C 57 -13.88 -3.95 -46.34
CA TYR C 57 -14.28 -4.82 -45.24
C TYR C 57 -15.71 -5.33 -45.32
N LYS C 58 -16.36 -5.07 -46.46
CA LYS C 58 -17.76 -5.45 -46.70
C LYS C 58 -18.71 -4.95 -45.61
N ILE C 59 -18.53 -3.71 -45.16
CA ILE C 59 -19.44 -3.13 -44.16
C ILE C 59 -20.87 -3.02 -44.69
N ASP C 60 -21.83 -3.46 -43.90
CA ASP C 60 -23.24 -3.30 -44.23
C ASP C 60 -23.63 -1.85 -44.04
N CYS C 61 -24.03 -1.20 -45.13
CA CYS C 61 -24.29 0.23 -45.10
C CYS C 61 -25.44 0.66 -44.18
N PRO C 62 -26.56 -0.09 -44.16
CA PRO C 62 -27.56 0.30 -43.17
C PRO C 62 -27.08 0.12 -41.72
N THR C 63 -26.33 -0.94 -41.45
CA THR C 63 -25.76 -1.12 -40.11
C THR C 63 -24.82 0.04 -39.80
N LEU C 64 -23.99 0.41 -40.76
CA LEU C 64 -23.05 1.50 -40.57
C LEU C 64 -23.77 2.82 -40.31
N ALA C 65 -24.92 3.01 -40.95
CA ALA C 65 -25.71 4.23 -40.77
C ALA C 65 -26.29 4.32 -39.36
N ARG C 66 -26.92 3.24 -38.90
CA ARG C 66 -27.47 3.18 -37.55
C ARG C 66 -26.40 3.34 -36.48
N PHE C 67 -25.23 2.74 -36.71
CA PHE C 67 -24.09 2.89 -35.83
C PHE C 67 -23.70 4.36 -35.69
N CYS C 68 -23.53 5.04 -36.83
CA CYS C 68 -23.14 6.43 -36.82
C CYS C 68 -24.15 7.29 -36.08
N LEU C 69 -25.43 7.04 -36.32
CA LEU C 69 -26.49 7.74 -35.59
C LEU C 69 -26.42 7.49 -34.08
N MET C 70 -26.21 6.22 -33.69
CA MET C 70 -26.07 5.86 -32.28
C MET C 70 -24.90 6.61 -31.63
N VAL C 71 -23.76 6.67 -32.30
CA VAL C 71 -22.59 7.30 -31.74
C VAL C 71 -22.85 8.81 -31.55
N LYS C 72 -23.43 9.43 -32.57
CA LYS C 72 -23.77 10.84 -32.51
C LYS C 72 -24.71 11.15 -31.34
N LYS C 73 -25.71 10.29 -31.16
CA LYS C 73 -26.71 10.44 -30.11
C LYS C 73 -26.12 10.13 -28.74
N GLY C 74 -24.99 9.43 -28.73
CA GLY C 74 -24.31 9.05 -27.50
C GLY C 74 -23.45 10.15 -26.88
N TYR C 75 -23.34 11.29 -27.54
CA TYR C 75 -22.67 12.45 -26.94
C TYR C 75 -23.68 13.34 -26.27
N ARG C 76 -23.29 13.88 -25.12
CA ARG C 76 -24.12 14.87 -24.47
C ARG C 76 -23.79 16.25 -25.01
N ASP C 77 -24.23 17.28 -24.31
CA ASP C 77 -24.06 18.63 -24.84
C ASP C 77 -23.22 19.60 -23.99
N PRO C 78 -22.12 19.11 -23.38
CA PRO C 78 -21.28 20.12 -22.73
C PRO C 78 -20.71 21.08 -23.79
N PRO C 79 -20.14 22.22 -23.36
CA PRO C 79 -19.67 23.20 -24.34
C PRO C 79 -18.61 22.66 -25.29
N TYR C 80 -17.69 21.83 -24.83
CA TYR C 80 -16.64 21.33 -25.70
C TYR C 80 -16.79 19.85 -26.05
N HIS C 81 -17.04 19.00 -25.06
CA HIS C 81 -16.97 17.55 -25.31
C HIS C 81 -18.28 16.97 -25.80
N ASN C 82 -18.62 17.38 -27.02
CA ASN C 82 -19.89 17.06 -27.65
C ASN C 82 -19.65 16.38 -28.99
N TRP C 83 -20.72 16.11 -29.73
CA TRP C 83 -20.58 15.37 -30.97
C TRP C 83 -19.73 16.12 -31.99
N MET C 84 -19.82 17.44 -31.99
CA MET C 84 -19.11 18.19 -33.02
C MET C 84 -17.60 18.09 -32.82
N HIS C 85 -17.20 17.89 -31.57
CA HIS C 85 -15.81 17.60 -31.23
C HIS C 85 -15.39 16.25 -31.80
N ALA C 86 -16.17 15.20 -31.51
CA ALA C 86 -15.93 13.86 -32.07
C ALA C 86 -15.92 13.85 -33.59
N PHE C 87 -16.86 14.55 -34.21
CA PHE C 87 -16.86 14.65 -35.65
C PHE C 87 -15.59 15.32 -36.15
N SER C 88 -15.25 16.49 -35.59
CA SER C 88 -14.06 17.22 -36.08
C SER C 88 -12.76 16.41 -35.83
N VAL C 89 -12.74 15.63 -34.75
CA VAL C 89 -11.60 14.75 -34.47
C VAL C 89 -11.53 13.64 -35.53
N SER C 90 -12.69 13.10 -35.89
CA SER C 90 -12.76 12.01 -36.86
C SER C 90 -12.35 12.52 -38.24
N HIS C 91 -12.72 13.76 -38.54
CA HIS C 91 -12.40 14.35 -39.83
C HIS C 91 -10.89 14.52 -39.97
N PHE C 92 -10.24 14.87 -38.87
CA PHE C 92 -8.78 15.04 -38.89
C PHE C 92 -8.09 13.71 -39.14
N CYS C 93 -8.65 12.64 -38.61
CA CYS C 93 -8.12 11.31 -38.87
C CYS C 93 -8.17 11.03 -40.37
N TYR C 94 -9.29 11.36 -40.98
CA TYR C 94 -9.46 11.27 -42.43
C TYR C 94 -8.38 12.08 -43.14
N LEU C 95 -8.16 13.30 -42.66
CA LEU C 95 -7.14 14.18 -43.22
C LEU C 95 -5.76 13.57 -43.15
N LEU C 96 -5.43 12.96 -42.02
CA LEU C 96 -4.14 12.29 -41.88
C LEU C 96 -4.01 11.21 -42.94
N TYR C 97 -5.08 10.46 -43.13
CA TYR C 97 -5.09 9.39 -44.13
C TYR C 97 -4.87 9.95 -45.53
N LYS C 98 -5.53 11.05 -45.84
CA LYS C 98 -5.49 11.61 -47.19
C LYS C 98 -4.16 12.28 -47.49
N ASN C 99 -3.51 12.81 -46.45
CA ASN C 99 -2.35 13.67 -46.65
C ASN C 99 -1.01 13.03 -46.32
N LEU C 100 -1.02 12.05 -45.43
CA LEU C 100 0.22 11.50 -44.90
C LEU C 100 0.51 10.09 -45.41
N GLU C 101 -0.43 9.53 -46.16
CA GLU C 101 -0.17 8.23 -46.76
C GLU C 101 -0.10 7.13 -45.71
N LEU C 102 -1.03 7.10 -44.76
CA LEU C 102 -0.94 6.21 -43.60
C LEU C 102 -0.81 4.73 -43.98
N THR C 103 -1.27 4.36 -45.18
CA THR C 103 -1.18 2.98 -45.63
C THR C 103 0.25 2.54 -45.92
N ASN C 104 1.20 3.46 -45.76
CA ASN C 104 2.61 3.12 -45.88
C ASN C 104 3.25 2.84 -44.52
N TYR C 105 2.44 2.90 -43.46
CA TYR C 105 2.92 2.88 -42.08
C TYR C 105 2.08 1.95 -41.20
N LEU C 106 0.78 1.92 -41.49
CA LEU C 106 -0.19 1.20 -40.68
C LEU C 106 -0.99 0.23 -41.54
N GLU C 107 -1.57 -0.78 -40.90
CA GLU C 107 -2.44 -1.72 -41.59
C GLU C 107 -3.80 -1.10 -41.75
N ASP C 108 -4.52 -1.49 -42.80
CA ASP C 108 -5.88 -0.97 -43.06
C ASP C 108 -6.74 -1.07 -41.80
N ILE C 109 -6.63 -2.18 -41.08
CA ILE C 109 -7.49 -2.38 -39.91
C ILE C 109 -7.08 -1.48 -38.74
N GLU C 110 -5.80 -1.14 -38.65
CA GLU C 110 -5.34 -0.22 -37.62
C GLU C 110 -5.86 1.18 -37.92
N ILE C 111 -5.87 1.55 -39.21
CA ILE C 111 -6.36 2.85 -39.63
C ILE C 111 -7.87 2.95 -39.41
N PHE C 112 -8.57 1.90 -39.81
CA PHE C 112 -10.01 1.78 -39.58
C PHE C 112 -10.35 1.98 -38.10
N ALA C 113 -9.69 1.21 -37.23
CA ALA C 113 -9.90 1.29 -35.79
C ALA C 113 -9.69 2.70 -35.30
N LEU C 114 -8.64 3.34 -35.81
CA LEU C 114 -8.34 4.70 -35.39
C LEU C 114 -9.52 5.64 -35.68
N PHE C 115 -10.08 5.52 -36.88
CA PHE C 115 -11.20 6.38 -37.29
C PHE C 115 -12.43 6.12 -36.43
N ILE C 116 -12.75 4.85 -36.23
CA ILE C 116 -13.88 4.47 -35.41
C ILE C 116 -13.63 4.93 -33.97
N SER C 117 -12.41 4.80 -33.50
CA SER C 117 -12.09 5.25 -32.13
C SER C 117 -12.29 6.78 -31.98
N CYS C 118 -11.86 7.54 -32.98
CA CYS C 118 -12.09 8.99 -32.94
C CYS C 118 -13.58 9.32 -32.77
N MET C 119 -14.44 8.61 -33.51
CA MET C 119 -15.88 8.80 -33.39
C MET C 119 -16.39 8.57 -31.96
N CYS C 120 -15.86 7.54 -31.31
CA CYS C 120 -16.36 7.09 -30.02
C CYS C 120 -15.58 7.61 -28.81
N HIS C 121 -14.50 8.34 -29.03
CA HIS C 121 -13.47 8.40 -27.99
C HIS C 121 -13.89 9.23 -26.76
N ASP C 122 -14.97 10.00 -26.89
CA ASP C 122 -15.43 10.84 -25.78
C ASP C 122 -16.93 10.56 -25.51
N LEU C 123 -17.43 9.40 -25.94
CA LEU C 123 -18.85 9.06 -25.75
C LEU C 123 -19.37 9.31 -24.34
N ASP C 124 -20.51 10.01 -24.27
CA ASP C 124 -21.20 10.27 -23.01
C ASP C 124 -20.36 11.08 -22.03
N HIS C 125 -19.46 11.89 -22.56
CA HIS C 125 -18.68 12.81 -21.71
C HIS C 125 -19.59 13.75 -20.93
N ARG C 126 -19.26 13.99 -19.68
CA ARG C 126 -20.17 14.80 -18.86
C ARG C 126 -19.61 16.17 -18.57
N GLY C 127 -18.53 16.55 -19.26
CA GLY C 127 -18.00 17.89 -19.12
C GLY C 127 -17.12 18.06 -17.90
N THR C 128 -16.67 16.95 -17.32
CA THR C 128 -15.72 17.01 -16.21
C THR C 128 -14.57 16.06 -16.49
N ASN C 129 -13.41 16.30 -15.85
CA ASN C 129 -12.27 15.39 -15.96
C ASN C 129 -12.40 14.16 -15.06
N ASN C 130 -11.36 13.34 -15.03
CA ASN C 130 -11.40 12.12 -14.25
C ASN C 130 -11.42 12.36 -12.74
N SER C 131 -10.54 13.21 -12.24
CA SER C 131 -10.44 13.39 -10.79
C SER C 131 -11.78 13.85 -10.23
N PHE C 132 -12.53 14.65 -10.99
CA PHE C 132 -13.85 15.07 -10.55
C PHE C 132 -14.80 13.89 -10.35
N GLN C 133 -14.84 12.94 -11.29
CA GLN C 133 -15.68 11.76 -11.08
C GLN C 133 -15.30 11.10 -9.76
N VAL C 134 -14.00 10.98 -9.52
CA VAL C 134 -13.55 10.30 -8.31
C VAL C 134 -13.91 11.11 -7.07
N ALA C 135 -13.69 12.41 -7.10
CA ALA C 135 -13.94 13.23 -5.92
C ALA C 135 -15.44 13.28 -5.59
N SER C 136 -16.29 13.23 -6.63
CA SER C 136 -17.73 13.22 -6.41
C SER C 136 -18.31 11.82 -6.18
N LYS C 137 -17.44 10.81 -6.24
CA LYS C 137 -17.85 9.42 -6.02
C LYS C 137 -19.03 9.03 -6.90
N SER C 138 -18.96 9.40 -8.18
CA SER C 138 -19.98 9.03 -9.15
C SER C 138 -19.97 7.53 -9.38
N VAL C 139 -21.00 7.03 -10.08
CA VAL C 139 -21.05 5.61 -10.46
C VAL C 139 -19.85 5.23 -11.32
N LEU C 140 -19.46 6.15 -12.19
CA LEU C 140 -18.32 5.92 -13.06
C LEU C 140 -17.07 5.68 -12.22
N ALA C 141 -16.89 6.49 -11.17
CA ALA C 141 -15.75 6.29 -10.26
C ALA C 141 -15.83 4.94 -9.55
N ALA C 142 -17.00 4.58 -9.05
CA ALA C 142 -17.18 3.30 -8.37
C ALA C 142 -16.77 2.13 -9.29
N LEU C 143 -17.07 2.28 -10.57
CA LEU C 143 -16.80 1.23 -11.55
C LEU C 143 -15.34 1.20 -12.01
N TYR C 144 -14.73 2.37 -12.14
CA TYR C 144 -13.45 2.48 -12.86
C TYR C 144 -12.27 3.14 -12.12
N SER C 145 -12.49 3.75 -10.95
CA SER C 145 -11.44 4.55 -10.34
C SER C 145 -10.16 3.73 -10.02
N SER C 146 -10.33 2.51 -9.49
CA SER C 146 -9.18 1.68 -9.15
C SER C 146 -8.41 1.20 -10.40
N GLU C 147 -9.02 1.30 -11.57
CA GLU C 147 -8.33 1.01 -12.84
C GLU C 147 -7.70 2.24 -13.46
N GLY C 148 -8.17 3.42 -13.08
CA GLY C 148 -7.71 4.68 -13.66
C GLY C 148 -8.36 4.95 -15.02
N SER C 149 -8.05 6.12 -15.59
CA SER C 149 -8.68 6.61 -16.82
C SER C 149 -10.20 6.42 -16.80
N VAL C 150 -10.83 6.94 -15.75
CA VAL C 150 -12.25 6.72 -15.50
C VAL C 150 -13.14 7.05 -16.71
N MET C 151 -13.04 8.26 -17.25
CA MET C 151 -13.93 8.63 -18.34
C MET C 151 -13.66 7.83 -19.61
N GLU C 152 -12.37 7.63 -19.91
CA GLU C 152 -11.99 6.89 -21.10
C GLU C 152 -12.44 5.43 -21.03
N ARG C 153 -12.38 4.83 -19.85
CA ARG C 153 -12.92 3.48 -19.67
C ARG C 153 -14.44 3.47 -19.93
N HIS C 154 -15.11 4.54 -19.49
CA HIS C 154 -16.53 4.73 -19.78
C HIS C 154 -16.77 4.90 -21.29
N HIS C 155 -15.94 5.72 -21.95
CA HIS C 155 -16.13 5.96 -23.39
C HIS C 155 -16.11 4.65 -24.18
N PHE C 156 -15.12 3.82 -23.88
CA PHE C 156 -14.98 2.53 -24.55
C PHE C 156 -16.16 1.61 -24.24
N ALA C 157 -16.59 1.60 -22.96
CA ALA C 157 -17.72 0.77 -22.59
C ALA C 157 -18.98 1.25 -23.30
N GLN C 158 -19.10 2.56 -23.52
CA GLN C 158 -20.27 3.06 -24.24
C GLN C 158 -20.20 2.60 -25.71
N ALA C 159 -19.00 2.53 -26.28
CA ALA C 159 -18.84 2.08 -27.66
C ALA C 159 -19.22 0.59 -27.78
N ILE C 160 -18.82 -0.20 -26.78
CA ILE C 160 -19.15 -1.62 -26.73
C ILE C 160 -20.66 -1.79 -26.67
N ALA C 161 -21.32 -1.01 -25.81
CA ALA C 161 -22.77 -1.05 -25.65
C ALA C 161 -23.48 -0.72 -26.96
N ILE C 162 -22.95 0.24 -27.71
CA ILE C 162 -23.52 0.58 -29.03
C ILE C 162 -23.36 -0.59 -29.98
N LEU C 163 -22.16 -1.14 -30.06
CA LEU C 163 -21.91 -2.31 -30.91
C LEU C 163 -22.82 -3.48 -30.54
N ASN C 164 -23.22 -3.53 -29.28
CA ASN C 164 -24.06 -4.62 -28.78
C ASN C 164 -25.56 -4.30 -28.90
N THR C 165 -25.87 -3.18 -29.53
CA THR C 165 -27.25 -2.79 -29.77
C THR C 165 -27.67 -3.41 -31.09
N HIS C 166 -28.88 -3.97 -31.13
CA HIS C 166 -29.36 -4.63 -32.34
C HIS C 166 -29.22 -3.73 -33.56
N GLY C 167 -28.74 -4.28 -34.65
CA GLY C 167 -28.66 -3.55 -35.91
C GLY C 167 -27.50 -2.58 -36.00
N CYS C 168 -26.61 -2.59 -35.00
CA CYS C 168 -25.52 -1.62 -34.93
C CYS C 168 -24.10 -2.21 -34.94
N ASN C 169 -23.96 -3.53 -34.97
CA ASN C 169 -22.62 -4.08 -34.94
C ASN C 169 -22.03 -4.17 -36.34
N ILE C 170 -21.33 -3.10 -36.71
CA ILE C 170 -20.68 -2.99 -38.02
C ILE C 170 -19.57 -4.00 -38.24
N PHE C 171 -19.13 -4.67 -37.17
CA PHE C 171 -18.05 -5.65 -37.25
C PHE C 171 -18.52 -7.09 -37.17
N ASP C 172 -19.84 -7.35 -37.15
CA ASP C 172 -20.27 -8.68 -36.71
C ASP C 172 -20.09 -9.75 -37.78
N HIS C 173 -19.73 -9.34 -38.99
CA HIS C 173 -19.44 -10.29 -40.06
C HIS C 173 -17.94 -10.48 -40.24
N PHE C 174 -17.14 -9.73 -39.48
CA PHE C 174 -15.68 -9.83 -39.53
C PHE C 174 -15.20 -11.22 -39.14
N SER C 175 -14.03 -11.60 -39.63
CA SER C 175 -13.33 -12.78 -39.14
C SER C 175 -13.11 -12.63 -37.64
N ARG C 176 -12.97 -13.76 -36.97
CA ARG C 176 -12.65 -13.78 -35.53
C ARG C 176 -11.45 -12.89 -35.21
N LYS C 177 -10.37 -13.07 -35.98
CA LYS C 177 -9.14 -12.31 -35.78
C LYS C 177 -9.33 -10.79 -36.01
N ASP C 178 -9.93 -10.42 -37.15
CA ASP C 178 -10.19 -9.00 -37.43
C ASP C 178 -11.13 -8.36 -36.40
N TYR C 179 -12.15 -9.11 -35.99
CA TYR C 179 -13.08 -8.66 -34.97
C TYR C 179 -12.37 -8.34 -33.66
N GLN C 180 -11.57 -9.30 -33.21
CA GLN C 180 -10.82 -9.18 -31.97
C GLN C 180 -9.84 -8.01 -32.05
N ARG C 181 -9.18 -7.87 -33.20
CA ARG C 181 -8.19 -6.81 -33.40
C ARG C 181 -8.85 -5.44 -33.29
N MET C 182 -10.02 -5.31 -33.89
CA MET C 182 -10.78 -4.07 -33.80
C MET C 182 -11.11 -3.68 -32.37
N LEU C 183 -11.67 -4.62 -31.59
CA LEU C 183 -12.00 -4.34 -30.20
C LEU C 183 -10.75 -3.98 -29.40
N ASP C 184 -9.69 -4.75 -29.58
CA ASP C 184 -8.46 -4.47 -28.87
C ASP C 184 -7.90 -3.09 -29.24
N LEU C 185 -7.96 -2.75 -30.53
CA LEU C 185 -7.41 -1.48 -31.01
C LEU C 185 -8.23 -0.31 -30.47
N MET C 186 -9.56 -0.44 -30.53
CA MET C 186 -10.42 0.62 -30.02
C MET C 186 -10.13 0.88 -28.53
N ARG C 187 -9.93 -0.19 -27.77
CA ARG C 187 -9.69 -0.04 -26.34
C ARG C 187 -8.35 0.67 -26.11
N ASP C 188 -7.31 0.20 -26.78
CA ASP C 188 -5.99 0.80 -26.65
C ASP C 188 -6.01 2.28 -27.06
N ILE C 189 -6.67 2.56 -28.18
CA ILE C 189 -6.65 3.92 -28.72
C ILE C 189 -7.46 4.87 -27.86
N ILE C 190 -8.65 4.44 -27.45
CA ILE C 190 -9.49 5.29 -26.61
C ILE C 190 -8.83 5.53 -25.25
N LEU C 191 -8.18 4.50 -24.69
CA LEU C 191 -7.42 4.67 -23.44
C LEU C 191 -6.25 5.63 -23.63
N ALA C 192 -5.71 5.69 -24.84
CA ALA C 192 -4.59 6.58 -25.12
C ALA C 192 -4.99 8.05 -25.08
N THR C 193 -6.30 8.33 -24.96
CA THR C 193 -6.75 9.72 -24.98
C THR C 193 -6.78 10.32 -23.59
N ASP C 194 -6.54 9.50 -22.58
CA ASP C 194 -6.28 10.00 -21.25
C ASP C 194 -4.98 10.78 -21.32
N LEU C 195 -5.06 12.08 -21.06
CA LEU C 195 -3.85 12.90 -21.01
C LEU C 195 -2.74 12.28 -20.13
N ALA C 196 -3.12 11.65 -19.02
CA ALA C 196 -2.13 10.98 -18.16
C ALA C 196 -1.37 9.86 -18.88
N HIS C 197 -2.05 9.14 -19.77
CA HIS C 197 -1.44 8.09 -20.56
C HIS C 197 -0.46 8.69 -21.58
N HIS C 198 -0.88 9.76 -22.26
CA HIS C 198 -0.01 10.42 -23.21
C HIS C 198 1.29 10.90 -22.55
N LEU C 199 1.19 11.44 -21.35
CA LEU C 199 2.34 12.07 -20.71
C LEU C 199 3.32 11.02 -20.21
N ARG C 200 2.84 9.78 -20.03
CA ARG C 200 3.66 8.66 -19.57
C ARG C 200 4.40 7.97 -20.73
N ILE C 201 3.78 7.92 -21.92
CA ILE C 201 4.43 7.27 -23.05
C ILE C 201 5.19 8.27 -23.95
N PHE C 202 5.19 9.53 -23.55
CA PHE C 202 5.79 10.58 -24.37
C PHE C 202 7.26 10.28 -24.72
N LYS C 203 8.01 9.75 -23.75
CA LYS C 203 9.40 9.38 -23.97
C LYS C 203 9.55 8.27 -25.01
N ASP C 204 8.64 7.30 -25.00
CA ASP C 204 8.69 6.21 -25.97
C ASP C 204 8.40 6.76 -27.37
N LEU C 205 7.41 7.63 -27.45
CA LEU C 205 7.07 8.31 -28.70
C LEU C 205 8.32 9.02 -29.23
N GLN C 206 8.97 9.79 -28.36
CA GLN C 206 10.23 10.44 -28.72
C GLN C 206 11.28 9.47 -29.21
N LYS C 207 11.44 8.35 -28.50
CA LYS C 207 12.49 7.40 -28.84
C LYS C 207 12.21 6.74 -30.19
N MET C 208 10.95 6.44 -30.43
CA MET C 208 10.51 5.92 -31.72
C MET C 208 10.84 6.92 -32.83
N ALA C 209 10.79 8.19 -32.50
CA ALA C 209 11.04 9.22 -33.48
C ALA C 209 12.51 9.26 -33.89
N GLU C 210 13.41 8.96 -32.97
CA GLU C 210 14.85 9.05 -33.31
C GLU C 210 15.40 7.79 -33.97
N VAL C 211 15.10 6.60 -33.45
CA VAL C 211 15.57 5.38 -34.10
C VAL C 211 14.89 5.18 -35.45
N GLY C 212 13.72 5.79 -35.61
CA GLY C 212 12.98 5.74 -36.86
C GLY C 212 11.89 4.69 -36.84
N TYR C 213 10.73 5.06 -37.39
CA TYR C 213 9.58 4.16 -37.41
C TYR C 213 9.90 2.86 -38.15
N ASP C 214 9.61 1.74 -37.49
CA ASP C 214 9.86 0.43 -38.05
C ASP C 214 8.53 -0.24 -38.41
N ARG C 215 8.28 -0.36 -39.71
CA ARG C 215 7.03 -0.94 -40.23
C ARG C 215 6.80 -2.36 -39.72
N ASN C 216 7.88 -3.11 -39.52
CA ASN C 216 7.79 -4.50 -39.06
C ASN C 216 7.69 -4.63 -37.53
N ASN C 217 7.68 -3.49 -36.84
CA ASN C 217 7.62 -3.44 -35.39
C ASN C 217 6.21 -3.10 -34.91
N LYS C 218 5.51 -4.08 -34.34
CA LYS C 218 4.12 -3.89 -33.95
C LYS C 218 3.96 -2.90 -32.78
N GLN C 219 5.01 -2.78 -31.97
CA GLN C 219 4.98 -1.81 -30.88
C GLN C 219 5.07 -0.39 -31.43
N HIS C 220 5.71 -0.24 -32.58
CA HIS C 220 5.78 1.07 -33.22
C HIS C 220 4.41 1.42 -33.83
N HIS C 221 3.73 0.43 -34.38
CA HIS C 221 2.35 0.59 -34.83
C HIS C 221 1.49 1.12 -33.69
N ARG C 222 1.60 0.47 -32.53
CA ARG C 222 0.81 0.82 -31.36
C ARG C 222 1.10 2.24 -30.91
N LEU C 223 2.39 2.60 -30.89
CA LEU C 223 2.79 3.93 -30.45
C LEU C 223 2.29 5.01 -31.40
N LEU C 224 2.47 4.78 -32.70
CA LEU C 224 2.02 5.70 -33.72
C LEU C 224 0.51 5.96 -33.61
N LEU C 225 -0.26 4.90 -33.45
CA LEU C 225 -1.70 5.04 -33.24
C LEU C 225 -2.03 5.98 -32.05
N CYS C 226 -1.30 5.84 -30.95
CA CYS C 226 -1.53 6.71 -29.79
C CYS C 226 -1.23 8.16 -30.15
N LEU C 227 -0.12 8.36 -30.85
CA LEU C 227 0.29 9.70 -31.25
C LEU C 227 -0.69 10.30 -32.24
N LEU C 228 -1.16 9.47 -33.17
CA LEU C 228 -2.10 9.95 -34.19
C LEU C 228 -3.42 10.29 -33.55
N MET C 229 -3.90 9.43 -32.66
CA MET C 229 -5.12 9.71 -31.94
C MET C 229 -5.03 11.05 -31.19
N THR C 230 -3.95 11.29 -30.47
CA THR C 230 -3.85 12.57 -29.73
C THR C 230 -3.79 13.76 -30.67
N SER C 231 -3.13 13.58 -31.81
CA SER C 231 -3.03 14.67 -32.77
C SER C 231 -4.42 14.97 -33.37
N CYS C 232 -5.30 13.98 -33.41
CA CYS C 232 -6.68 14.20 -33.84
C CYS C 232 -7.50 14.93 -32.76
N ASP C 233 -7.31 14.52 -31.51
CA ASP C 233 -8.02 15.11 -30.36
C ASP C 233 -7.73 16.61 -30.25
N LEU C 234 -6.55 17.02 -30.71
CA LEU C 234 -6.12 18.42 -30.54
C LEU C 234 -6.14 19.23 -31.82
N SER C 235 -6.75 18.68 -32.87
CA SER C 235 -6.66 19.29 -34.20
C SER C 235 -7.33 20.68 -34.33
N ASP C 236 -8.13 21.08 -33.34
CA ASP C 236 -8.68 22.44 -33.37
C ASP C 236 -7.55 23.47 -33.31
N GLN C 237 -6.38 23.07 -32.81
CA GLN C 237 -5.24 24.00 -32.76
C GLN C 237 -4.53 24.13 -34.12
N THR C 238 -4.85 23.25 -35.06
CA THR C 238 -4.18 23.26 -36.36
C THR C 238 -4.93 24.06 -37.44
N LYS C 239 -6.02 24.72 -37.07
CA LYS C 239 -6.77 25.51 -38.06
C LYS C 239 -6.35 26.98 -37.95
N GLY C 240 -7.26 27.89 -38.24
CA GLY C 240 -6.98 29.31 -38.13
C GLY C 240 -7.18 29.85 -36.72
N TRP C 241 -6.90 31.15 -36.54
CA TRP C 241 -7.05 31.81 -35.24
C TRP C 241 -8.48 31.69 -34.68
N LYS C 242 -9.47 31.89 -35.54
CA LYS C 242 -10.88 31.84 -35.15
C LYS C 242 -11.22 30.52 -34.44
N THR C 243 -10.66 29.43 -34.92
CA THR C 243 -10.95 28.13 -34.38
C THR C 243 -10.33 27.98 -32.98
N THR C 244 -9.05 28.33 -32.83
CA THR C 244 -8.41 28.15 -31.53
C THR C 244 -9.05 29.12 -30.52
N ARG C 245 -9.49 30.28 -31.00
CA ARG C 245 -10.17 31.23 -30.12
C ARG C 245 -11.48 30.65 -29.60
N LYS C 246 -12.27 30.12 -30.52
CA LYS C 246 -13.60 29.64 -30.19
C LYS C 246 -13.51 28.42 -29.27
N ILE C 247 -12.56 27.55 -29.55
CA ILE C 247 -12.45 26.30 -28.78
C ILE C 247 -11.96 26.63 -27.36
N ALA C 248 -11.13 27.66 -27.21
CA ALA C 248 -10.73 28.16 -25.88
C ALA C 248 -11.95 28.56 -25.06
N GLU C 249 -12.82 29.33 -25.68
CA GLU C 249 -14.07 29.69 -25.04
C GLU C 249 -14.89 28.47 -24.58
N LEU C 250 -15.08 27.51 -25.48
CA LEU C 250 -15.84 26.30 -25.17
C LEU C 250 -15.21 25.51 -24.02
N ILE C 251 -13.89 25.34 -24.12
CA ILE C 251 -13.17 24.54 -23.15
C ILE C 251 -13.14 25.25 -21.80
N TYR C 252 -12.97 26.58 -21.77
CA TYR C 252 -12.88 27.19 -20.45
C TYR C 252 -14.28 27.36 -19.85
N LYS C 253 -15.30 27.46 -20.71
CA LYS C 253 -16.67 27.36 -20.24
C LYS C 253 -16.84 26.03 -19.49
N GLU C 254 -16.41 24.96 -20.13
CA GLU C 254 -16.54 23.65 -19.54
C GLU C 254 -15.74 23.53 -18.24
N PHE C 255 -14.48 23.97 -18.25
CA PHE C 255 -13.64 23.87 -17.05
C PHE C 255 -14.26 24.63 -15.87
N PHE C 256 -14.64 25.89 -16.11
CA PHE C 256 -15.13 26.75 -15.03
C PHE C 256 -16.44 26.24 -14.43
N SER C 257 -17.19 25.49 -15.23
CA SER C 257 -18.39 24.83 -14.69
C SER C 257 -17.97 23.79 -13.64
N GLN C 258 -17.00 22.94 -13.98
CA GLN C 258 -16.50 21.95 -13.04
C GLN C 258 -15.96 22.61 -11.76
N GLY C 259 -15.17 23.66 -11.94
CA GLY C 259 -14.62 24.42 -10.82
C GLY C 259 -15.69 24.96 -9.89
N ASP C 260 -16.81 25.42 -10.47
CA ASP C 260 -17.93 25.89 -9.66
C ASP C 260 -18.48 24.73 -8.84
N LEU C 261 -18.72 23.59 -9.50
CA LEU C 261 -19.20 22.40 -8.80
C LEU C 261 -18.27 21.99 -7.66
N GLU C 262 -16.96 22.07 -7.91
CA GLU C 262 -15.96 21.69 -6.92
C GLU C 262 -15.96 22.63 -5.72
N LYS C 263 -16.01 23.93 -5.98
CA LYS C 263 -16.05 24.81 -4.81
C LYS C 263 -17.37 24.61 -4.06
N ALA C 264 -18.47 24.30 -4.74
CA ALA C 264 -19.73 23.99 -4.05
C ALA C 264 -19.64 22.68 -3.25
N MET C 265 -18.67 21.84 -3.60
CA MET C 265 -18.42 20.61 -2.85
C MET C 265 -17.47 20.85 -1.68
N GLY C 266 -17.00 22.09 -1.55
CA GLY C 266 -16.06 22.44 -0.51
C GLY C 266 -14.63 22.10 -0.89
N ASN C 267 -14.40 21.89 -2.17
CA ASN C 267 -13.06 21.58 -2.68
C ASN C 267 -12.45 22.75 -3.45
N ARG C 268 -11.12 22.78 -3.49
CA ARG C 268 -10.39 23.79 -4.25
C ARG C 268 -10.06 23.27 -5.65
N PRO C 269 -10.75 23.79 -6.68
CA PRO C 269 -10.47 23.34 -8.05
C PRO C 269 -9.07 23.75 -8.48
N MET C 270 -8.52 23.05 -9.46
CA MET C 270 -7.24 23.49 -10.00
C MET C 270 -7.46 24.89 -10.60
N GLU C 271 -6.39 25.66 -10.66
CA GLU C 271 -6.46 27.06 -11.09
C GLU C 271 -7.14 27.21 -12.46
N MET C 272 -6.83 26.34 -13.41
CA MET C 272 -7.38 26.49 -14.75
C MET C 272 -8.89 26.24 -14.79
N MET C 273 -9.45 25.72 -13.70
CA MET C 273 -10.88 25.49 -13.64
C MET C 273 -11.60 26.49 -12.75
N ASP C 274 -10.86 27.46 -12.20
CA ASP C 274 -11.42 28.43 -11.26
C ASP C 274 -11.55 29.77 -11.96
N ARG C 275 -12.78 30.11 -12.33
CA ARG C 275 -13.03 31.32 -13.11
C ARG C 275 -12.58 32.59 -12.40
N GLU C 276 -12.28 32.48 -11.11
CA GLU C 276 -11.79 33.56 -10.25
C GLU C 276 -10.27 33.71 -10.32
N LYS C 277 -9.57 32.64 -10.68
CA LYS C 277 -8.11 32.66 -10.69
C LYS C 277 -7.53 32.51 -12.11
N ALA C 278 -8.21 31.72 -12.95
CA ALA C 278 -7.70 31.35 -14.27
C ALA C 278 -7.43 32.54 -15.18
N TYR C 279 -6.21 32.60 -15.70
CA TYR C 279 -5.81 33.65 -16.63
C TYR C 279 -5.63 33.01 -18.01
N ILE C 280 -6.67 33.07 -18.82
CA ILE C 280 -6.77 32.24 -20.02
C ILE C 280 -5.59 32.34 -20.99
N PRO C 281 -5.05 33.55 -21.25
CA PRO C 281 -3.94 33.59 -22.21
C PRO C 281 -2.74 32.74 -21.78
N GLU C 282 -2.37 32.79 -20.51
CA GLU C 282 -1.21 32.03 -20.05
C GLU C 282 -1.53 30.54 -20.04
N LEU C 283 -2.78 30.20 -19.73
CA LEU C 283 -3.20 28.81 -19.68
C LEU C 283 -3.23 28.20 -21.07
N GLN C 284 -3.81 28.94 -22.03
CA GLN C 284 -3.89 28.48 -23.40
C GLN C 284 -2.50 28.37 -24.02
N ILE C 285 -1.65 29.36 -23.75
CA ILE C 285 -0.31 29.36 -24.30
C ILE C 285 0.53 28.22 -23.71
N SER C 286 0.36 27.96 -22.42
CA SER C 286 1.07 26.86 -21.75
C SER C 286 0.62 25.53 -22.33
N PHE C 287 -0.69 25.40 -22.52
CA PHE C 287 -1.25 24.19 -23.14
C PHE C 287 -0.67 23.96 -24.53
N MET C 288 -0.56 25.02 -25.32
CA MET C 288 -0.03 24.86 -26.68
C MET C 288 1.46 24.51 -26.66
N GLU C 289 2.21 25.19 -25.80
CA GLU C 289 3.66 24.99 -25.70
C GLU C 289 4.09 23.62 -25.21
N HIS C 290 3.37 23.10 -24.22
CA HIS C 290 3.86 21.95 -23.45
C HIS C 290 3.02 20.70 -23.66
N ILE C 291 1.91 20.83 -24.38
CA ILE C 291 1.08 19.68 -24.68
C ILE C 291 0.85 19.54 -26.19
N ALA C 292 0.31 20.57 -26.84
CA ALA C 292 -0.07 20.45 -28.25
C ALA C 292 1.14 20.46 -29.20
N MET C 293 1.99 21.47 -29.06
CA MET C 293 3.13 21.61 -29.95
C MET C 293 4.11 20.42 -29.94
N PRO C 294 4.43 19.87 -28.74
CA PRO C 294 5.25 18.64 -28.75
C PRO C 294 4.60 17.48 -29.49
N ILE C 295 3.27 17.38 -29.46
CA ILE C 295 2.60 16.34 -30.24
C ILE C 295 2.80 16.55 -31.74
N TYR C 296 2.64 17.78 -32.21
CA TYR C 296 2.75 18.05 -33.64
C TYR C 296 4.20 18.04 -34.09
N LYS C 297 5.12 18.33 -33.16
CA LYS C 297 6.54 18.24 -33.44
C LYS C 297 6.95 16.79 -33.67
N LEU C 298 6.41 15.91 -32.83
CA LEU C 298 6.62 14.47 -32.98
C LEU C 298 6.10 13.98 -34.31
N LEU C 299 4.90 14.44 -34.67
CA LEU C 299 4.25 14.06 -35.92
C LEU C 299 5.09 14.47 -37.11
N GLN C 300 5.58 15.71 -37.06
CA GLN C 300 6.47 16.24 -38.08
C GLN C 300 7.78 15.45 -38.16
N ASP C 301 8.30 15.02 -37.01
CA ASP C 301 9.54 14.25 -36.97
C ASP C 301 9.37 12.88 -37.63
N LEU C 302 8.12 12.41 -37.72
CA LEU C 302 7.84 11.13 -38.32
C LEU C 302 7.34 11.28 -39.75
N PHE C 303 6.56 12.32 -39.99
CA PHE C 303 6.00 12.61 -41.30
C PHE C 303 6.40 14.01 -41.74
N PRO C 304 7.39 14.11 -42.65
CA PRO C 304 7.84 15.42 -43.11
C PRO C 304 6.70 16.34 -43.57
N LYS C 305 5.67 15.77 -44.20
CA LYS C 305 4.57 16.59 -44.70
C LYS C 305 3.55 16.98 -43.61
N ALA C 306 3.87 16.65 -42.37
CA ALA C 306 3.08 17.11 -41.22
C ALA C 306 3.61 18.46 -40.73
N ALA C 307 4.66 18.94 -41.37
CA ALA C 307 5.32 20.19 -41.00
C ALA C 307 4.34 21.36 -40.90
N GLU C 308 3.41 21.43 -41.86
CA GLU C 308 2.50 22.57 -41.91
C GLU C 308 1.54 22.59 -40.71
N LEU C 309 1.38 21.43 -40.05
CA LEU C 309 0.53 21.37 -38.86
C LEU C 309 1.23 21.98 -37.65
N TYR C 310 2.50 21.63 -37.46
CA TYR C 310 3.26 22.17 -36.34
C TYR C 310 3.40 23.70 -36.44
N GLU C 311 3.73 24.19 -37.64
CA GLU C 311 3.87 25.63 -37.91
C GLU C 311 2.58 26.41 -37.61
N ARG C 312 1.46 25.81 -38.01
CA ARG C 312 0.17 26.44 -37.81
C ARG C 312 -0.18 26.54 -36.32
N VAL C 313 0.10 25.48 -35.56
CA VAL C 313 -0.09 25.51 -34.11
C VAL C 313 0.83 26.54 -33.48
N ALA C 314 2.09 26.54 -33.92
CA ALA C 314 3.06 27.51 -33.43
C ALA C 314 2.63 28.93 -33.81
N SER C 315 2.14 29.09 -35.04
CA SER C 315 1.62 30.37 -35.48
C SER C 315 0.44 30.83 -34.62
N ASN C 316 -0.47 29.91 -34.29
CA ASN C 316 -1.62 30.26 -33.46
C ASN C 316 -1.20 30.62 -32.05
N ARG C 317 -0.13 29.99 -31.59
CA ARG C 317 0.42 30.29 -30.28
C ARG C 317 0.97 31.72 -30.26
N GLU C 318 1.59 32.11 -31.37
CA GLU C 318 2.08 33.48 -31.53
C GLU C 318 0.91 34.45 -31.47
N HIS C 319 -0.19 34.10 -32.13
CA HIS C 319 -1.38 34.93 -32.10
C HIS C 319 -1.87 35.16 -30.68
N TRP C 320 -1.92 34.10 -29.88
CA TRP C 320 -2.35 34.23 -28.49
C TRP C 320 -1.43 35.17 -27.72
N THR C 321 -0.13 35.08 -27.95
CA THR C 321 0.83 35.99 -27.35
C THR C 321 0.53 37.43 -27.73
N LYS C 322 0.14 37.64 -28.99
CA LYS C 322 -0.07 38.97 -29.52
C LYS C 322 -1.40 39.59 -29.04
N VAL C 323 -2.36 38.77 -28.61
CA VAL C 323 -3.62 39.31 -28.12
C VAL C 323 -3.79 39.21 -26.59
N SER C 324 -2.79 38.67 -25.90
CA SER C 324 -2.88 38.50 -24.45
C SER C 324 -3.18 39.82 -23.71
N HIS C 325 -2.66 40.92 -24.25
CA HIS C 325 -2.80 42.23 -23.61
C HIS C 325 -4.25 42.68 -23.50
N LYS C 326 -5.12 42.16 -24.37
CA LYS C 326 -6.52 42.56 -24.36
C LYS C 326 -7.24 42.05 -23.12
N PHE C 327 -6.63 41.12 -22.40
CA PHE C 327 -7.22 40.60 -21.16
C PHE C 327 -6.95 41.55 -19.98
N THR C 328 -6.20 42.61 -20.24
CA THR C 328 -6.00 43.68 -19.26
C THR C 328 -6.82 44.89 -19.71
N ILE C 329 -7.59 45.46 -18.81
CA ILE C 329 -8.44 46.58 -19.17
C ILE C 329 -7.63 47.86 -19.19
N ARG C 330 -7.39 48.36 -20.40
CA ARG C 330 -6.82 49.68 -20.57
C ARG C 330 -7.91 50.67 -20.99
N GLY C 331 -7.70 51.96 -20.71
CA GLY C 331 -8.78 52.90 -20.89
C GLY C 331 -9.91 52.53 -19.93
N LEU C 332 -11.14 52.90 -20.29
CA LEU C 332 -12.30 52.55 -19.51
C LEU C 332 -12.95 51.31 -20.12
N PRO C 333 -13.79 50.61 -19.33
CA PRO C 333 -14.65 49.62 -19.98
C PRO C 333 -15.53 50.26 -21.04
N SER C 334 -16.08 49.45 -21.92
CA SER C 334 -16.81 50.01 -23.05
C SER C 334 -18.10 50.74 -22.65
N ASN C 335 -18.46 50.69 -21.36
CA ASN C 335 -19.59 51.47 -20.87
C ASN C 335 -19.16 52.75 -20.16
N ASN C 336 -17.87 53.10 -20.28
CA ASN C 336 -17.31 54.29 -19.64
C ASN C 336 -17.40 54.32 -18.12
N SER C 337 -17.59 53.16 -17.50
CA SER C 337 -17.81 53.11 -16.07
C SER C 337 -16.77 52.26 -15.37
N LEU C 338 -16.37 52.71 -14.18
CA LEU C 338 -15.55 51.88 -13.30
C LEU C 338 -16.48 51.28 -12.26
N ASP C 339 -17.73 51.06 -12.65
CA ASP C 339 -18.73 50.37 -11.84
C ASP C 339 -18.15 49.14 -11.18
N PHE C 340 -17.58 48.27 -12.02
CA PHE C 340 -17.14 46.94 -11.61
C PHE C 340 -16.14 46.96 -10.45
N LEU C 341 -15.50 48.11 -10.22
CA LEU C 341 -14.52 48.20 -9.14
C LEU C 341 -15.15 48.07 -7.76
N ASP C 342 -16.29 48.74 -7.56
CA ASP C 342 -17.01 48.66 -6.28
C ASP C 342 -17.66 47.30 -6.10
N TYR D 7 -41.34 -6.27 -0.21
CA TYR D 7 -40.68 -5.40 0.76
C TYR D 7 -41.35 -5.39 2.13
N THR D 8 -42.62 -5.02 2.15
CA THR D 8 -43.40 -4.98 3.38
C THR D 8 -43.56 -6.37 3.96
N LYS D 9 -43.80 -7.34 3.08
CA LYS D 9 -43.94 -8.73 3.49
C LYS D 9 -42.68 -9.19 4.20
N LEU D 10 -41.53 -8.85 3.62
CA LEU D 10 -40.26 -9.23 4.20
C LEU D 10 -40.06 -8.60 5.58
N LEU D 11 -40.30 -7.31 5.71
CA LEU D 11 -40.07 -6.63 6.99
C LEU D 11 -41.05 -7.08 8.06
N HIS D 12 -42.28 -7.33 7.68
CA HIS D 12 -43.33 -7.62 8.64
C HIS D 12 -43.03 -8.86 9.49
N ASP D 13 -42.35 -9.84 8.93
CA ASP D 13 -42.04 -11.03 9.73
C ASP D 13 -40.62 -11.51 9.53
N GLY D 14 -39.77 -10.65 8.97
CA GLY D 14 -38.46 -11.08 8.51
C GLY D 14 -37.29 -10.90 9.45
N ILE D 15 -37.47 -10.17 10.54
CA ILE D 15 -36.36 -9.99 11.46
C ILE D 15 -36.67 -10.75 12.76
N GLN D 16 -36.26 -12.02 12.76
CA GLN D 16 -36.66 -13.00 13.76
C GLN D 16 -35.38 -13.55 14.41
N PRO D 17 -35.43 -13.89 15.71
CA PRO D 17 -34.26 -14.53 16.31
C PRO D 17 -33.82 -15.77 15.52
N VAL D 18 -32.51 -15.97 15.34
CA VAL D 18 -32.04 -17.08 14.52
C VAL D 18 -32.37 -18.42 15.16
N ALA D 19 -32.48 -18.43 16.48
CA ALA D 19 -32.89 -19.62 17.22
C ALA D 19 -34.26 -20.12 16.74
N ALA D 20 -35.14 -19.19 16.38
CA ALA D 20 -36.48 -19.52 15.93
C ALA D 20 -36.52 -19.93 14.44
N ILE D 21 -35.39 -19.74 13.77
CA ILE D 21 -35.21 -20.27 12.44
C ILE D 21 -34.81 -21.72 12.59
N ASP D 22 -33.79 -21.95 13.42
CA ASP D 22 -33.30 -23.28 13.72
C ASP D 22 -32.48 -23.26 15.00
N SER D 23 -32.64 -24.30 15.83
CA SER D 23 -31.88 -24.41 17.07
C SER D 23 -30.38 -24.38 16.82
N ASN D 24 -29.95 -24.91 15.68
CA ASN D 24 -28.54 -25.01 15.35
C ASN D 24 -28.10 -24.03 14.26
N PHE D 25 -28.87 -22.95 14.10
CA PHE D 25 -28.62 -22.02 13.02
C PHE D 25 -27.23 -21.42 13.03
N ALA D 26 -26.66 -21.26 14.22
CA ALA D 26 -25.34 -20.63 14.33
C ALA D 26 -24.21 -21.66 14.43
N SER D 27 -24.53 -22.91 14.14
CA SER D 27 -23.57 -24.01 14.26
C SER D 27 -22.96 -24.39 12.89
N PHE D 28 -21.71 -24.83 12.92
CA PHE D 28 -21.03 -25.35 11.74
C PHE D 28 -21.71 -26.61 11.19
N THR D 29 -22.54 -27.25 12.02
CA THR D 29 -23.22 -28.47 11.57
C THR D 29 -24.46 -28.14 10.73
N TYR D 30 -24.90 -26.88 10.78
CA TYR D 30 -26.11 -26.49 10.09
C TYR D 30 -25.91 -26.42 8.60
N THR D 31 -26.85 -26.95 7.83
CA THR D 31 -26.78 -26.84 6.37
C THR D 31 -27.78 -25.85 5.81
N PRO D 32 -27.31 -24.62 5.49
CA PRO D 32 -28.19 -23.52 5.06
C PRO D 32 -29.03 -23.85 3.82
N ARG D 33 -28.57 -24.76 2.97
CA ARG D 33 -29.40 -25.19 1.84
C ARG D 33 -30.64 -25.96 2.29
N SER D 34 -30.69 -26.39 3.54
CA SER D 34 -31.91 -27.05 4.05
C SER D 34 -33.04 -26.02 4.16
N LEU D 35 -32.69 -24.75 4.24
CA LEU D 35 -33.72 -23.72 4.43
C LEU D 35 -34.47 -23.47 3.13
N PRO D 36 -35.82 -23.43 3.20
CA PRO D 36 -36.67 -23.13 2.05
C PRO D 36 -36.23 -21.82 1.38
N GLU D 37 -36.20 -21.78 0.05
CA GLU D 37 -35.63 -20.61 -0.64
C GLU D 37 -36.43 -19.35 -0.33
N ASP D 38 -37.72 -19.49 -0.02
CA ASP D 38 -38.53 -18.30 0.27
C ASP D 38 -38.34 -17.77 1.68
N ASP D 39 -37.56 -18.46 2.50
CA ASP D 39 -37.22 -17.95 3.83
C ASP D 39 -35.82 -17.37 3.88
N THR D 40 -35.09 -17.39 2.77
CA THR D 40 -33.68 -17.02 2.80
C THR D 40 -33.43 -15.52 2.99
N SER D 41 -34.30 -14.68 2.46
CA SER D 41 -34.17 -13.24 2.62
C SER D 41 -34.36 -12.86 4.08
N MET D 42 -35.35 -13.50 4.69
CA MET D 42 -35.61 -13.32 6.11
C MET D 42 -34.37 -13.74 6.89
N ALA D 43 -33.78 -14.87 6.53
CA ALA D 43 -32.57 -15.35 7.19
C ALA D 43 -31.42 -14.35 7.07
N ILE D 44 -31.30 -13.69 5.92
CA ILE D 44 -30.25 -12.71 5.71
C ILE D 44 -30.43 -11.55 6.72
N LEU D 45 -31.64 -11.01 6.79
CA LEU D 45 -31.95 -9.94 7.74
C LEU D 45 -31.73 -10.39 9.19
N SER D 46 -32.10 -11.63 9.49
CA SER D 46 -31.97 -12.13 10.85
C SER D 46 -30.49 -12.31 11.25
N MET D 47 -29.66 -12.68 10.30
CA MET D 47 -28.22 -12.78 10.57
C MET D 47 -27.63 -11.39 10.81
N LEU D 48 -28.06 -10.41 10.02
CA LEU D 48 -27.56 -9.06 10.18
C LEU D 48 -28.01 -8.51 11.53
N GLN D 49 -29.20 -8.91 11.97
CA GLN D 49 -29.70 -8.48 13.27
C GLN D 49 -28.95 -9.17 14.40
N ASP D 50 -28.66 -10.46 14.21
CA ASP D 50 -27.98 -11.26 15.22
C ASP D 50 -26.58 -10.74 15.49
N MET D 51 -25.91 -10.28 14.44
CA MET D 51 -24.58 -9.67 14.51
C MET D 51 -24.69 -8.20 14.95
N ASN D 52 -25.95 -7.75 15.05
CA ASN D 52 -26.36 -6.37 15.36
C ASN D 52 -25.85 -5.29 14.40
N PHE D 53 -25.66 -5.64 13.14
CA PHE D 53 -25.18 -4.70 12.15
C PHE D 53 -26.23 -3.67 11.75
N ILE D 54 -27.49 -4.10 11.73
CA ILE D 54 -28.57 -3.20 11.37
C ILE D 54 -28.61 -1.99 12.30
N ASN D 55 -28.65 -2.25 13.61
CA ASN D 55 -28.71 -1.19 14.63
C ASN D 55 -27.41 -0.39 14.71
N ASN D 56 -26.29 -1.09 14.79
CA ASN D 56 -25.00 -0.45 14.98
C ASN D 56 -24.58 0.43 13.80
N TYR D 57 -25.01 0.07 12.59
CA TYR D 57 -24.64 0.83 11.42
C TYR D 57 -25.79 1.71 10.94
N LYS D 58 -26.83 1.80 11.75
CA LYS D 58 -28.01 2.61 11.48
C LYS D 58 -28.60 2.32 10.11
N ILE D 59 -28.56 1.06 9.70
CA ILE D 59 -29.06 0.68 8.39
C ILE D 59 -30.57 0.84 8.37
N ASP D 60 -31.06 1.55 7.38
CA ASP D 60 -32.49 1.69 7.17
C ASP D 60 -33.08 0.35 6.74
N CYS D 61 -34.00 -0.21 7.56
CA CYS D 61 -34.55 -1.54 7.27
C CYS D 61 -35.28 -1.61 5.91
N PRO D 62 -36.12 -0.60 5.59
CA PRO D 62 -36.72 -0.59 4.25
C PRO D 62 -35.71 -0.76 3.12
N THR D 63 -34.69 0.09 3.13
CA THR D 63 -33.61 0.02 2.15
C THR D 63 -32.95 -1.35 2.16
N LEU D 64 -32.69 -1.89 3.35
CA LEU D 64 -32.03 -3.19 3.46
C LEU D 64 -32.92 -4.31 2.90
N ALA D 65 -34.23 -4.21 3.16
CA ALA D 65 -35.14 -5.24 2.63
C ALA D 65 -35.10 -5.21 1.09
N ARG D 66 -35.17 -4.01 0.52
CA ARG D 66 -35.15 -3.85 -0.93
C ARG D 66 -33.82 -4.33 -1.50
N PHE D 67 -32.72 -3.91 -0.88
CA PHE D 67 -31.40 -4.37 -1.30
C PHE D 67 -31.31 -5.90 -1.32
N CYS D 68 -31.80 -6.53 -0.26
CA CYS D 68 -31.80 -7.98 -0.14
C CYS D 68 -32.58 -8.64 -1.26
N LEU D 69 -33.79 -8.15 -1.53
CA LEU D 69 -34.60 -8.67 -2.62
C LEU D 69 -33.94 -8.48 -4.00
N MET D 70 -33.30 -7.34 -4.23
CA MET D 70 -32.66 -7.04 -5.50
C MET D 70 -31.50 -8.00 -5.75
N VAL D 71 -30.75 -8.27 -4.69
CA VAL D 71 -29.58 -9.13 -4.78
C VAL D 71 -30.02 -10.55 -5.14
N LYS D 72 -31.01 -11.06 -4.41
CA LYS D 72 -31.59 -12.38 -4.69
C LYS D 72 -32.07 -12.47 -6.15
N LYS D 73 -32.83 -11.47 -6.59
CA LYS D 73 -33.28 -11.32 -7.98
C LYS D 73 -32.14 -11.26 -9.00
N GLY D 74 -30.96 -10.84 -8.55
CA GLY D 74 -29.83 -10.62 -9.43
C GLY D 74 -29.07 -11.89 -9.80
N TYR D 75 -29.49 -13.01 -9.23
CA TYR D 75 -28.91 -14.31 -9.58
C TYR D 75 -29.79 -15.00 -10.61
N ARG D 76 -29.17 -15.67 -11.56
CA ARG D 76 -29.86 -16.52 -12.51
C ARG D 76 -30.04 -17.91 -11.91
N ASP D 77 -30.34 -18.91 -12.73
CA ASP D 77 -30.43 -20.25 -12.15
C ASP D 77 -29.71 -21.35 -12.93
N PRO D 78 -28.39 -21.17 -13.06
CA PRO D 78 -27.64 -22.35 -13.49
C PRO D 78 -27.64 -23.36 -12.34
N PRO D 79 -27.17 -24.60 -12.58
CA PRO D 79 -27.29 -25.60 -11.50
C PRO D 79 -26.61 -25.18 -10.17
N TYR D 80 -25.46 -24.55 -10.24
CA TYR D 80 -24.73 -24.26 -9.02
C TYR D 80 -24.70 -22.76 -8.66
N HIS D 81 -24.32 -21.90 -9.60
CA HIS D 81 -24.13 -20.48 -9.32
C HIS D 81 -25.45 -19.71 -9.33
N ASN D 82 -26.30 -20.03 -8.36
CA ASN D 82 -27.59 -19.41 -8.21
C ASN D 82 -27.68 -18.76 -6.84
N TRP D 83 -28.86 -18.24 -6.49
CA TRP D 83 -28.99 -17.52 -5.24
C TRP D 83 -28.75 -18.41 -4.03
N MET D 84 -29.21 -19.67 -4.08
CA MET D 84 -28.98 -20.55 -2.94
C MET D 84 -27.49 -20.71 -2.69
N HIS D 85 -26.66 -20.51 -3.71
CA HIS D 85 -25.22 -20.57 -3.51
C HIS D 85 -24.79 -19.34 -2.75
N ALA D 86 -25.21 -18.17 -3.24
CA ALA D 86 -24.87 -16.92 -2.58
C ALA D 86 -25.40 -16.90 -1.15
N PHE D 87 -26.63 -17.37 -0.95
CA PHE D 87 -27.18 -17.43 0.41
C PHE D 87 -26.34 -18.34 1.32
N SER D 88 -26.00 -19.54 0.86
CA SER D 88 -25.27 -20.46 1.72
C SER D 88 -23.87 -19.91 2.02
N VAL D 89 -23.31 -19.17 1.08
CA VAL D 89 -21.98 -18.59 1.27
C VAL D 89 -22.04 -17.49 2.32
N SER D 90 -23.11 -16.71 2.27
CA SER D 90 -23.36 -15.66 3.25
C SER D 90 -23.59 -16.24 4.64
N HIS D 91 -24.30 -17.36 4.71
CA HIS D 91 -24.54 -17.99 5.99
C HIS D 91 -23.22 -18.41 6.63
N PHE D 92 -22.31 -18.96 5.83
CA PHE D 92 -21.01 -19.36 6.38
C PHE D 92 -20.22 -18.17 6.94
N CYS D 93 -20.29 -17.04 6.26
CA CYS D 93 -19.68 -15.81 6.78
C CYS D 93 -20.20 -15.53 8.20
N TYR D 94 -21.51 -15.56 8.33
CA TYR D 94 -22.15 -15.44 9.64
C TYR D 94 -21.60 -16.48 10.62
N LEU D 95 -21.48 -17.74 10.20
CA LEU D 95 -20.93 -18.76 11.09
C LEU D 95 -19.51 -18.44 11.57
N LEU D 96 -18.67 -17.93 10.66
CA LEU D 96 -17.30 -17.57 11.03
C LEU D 96 -17.34 -16.49 12.11
N TYR D 97 -18.24 -15.53 11.91
CA TYR D 97 -18.41 -14.45 12.86
C TYR D 97 -18.83 -14.99 14.23
N LYS D 98 -19.79 -15.91 14.21
CA LYS D 98 -20.36 -16.42 15.45
C LYS D 98 -19.41 -17.34 16.19
N ASN D 99 -18.60 -18.09 15.44
CA ASN D 99 -17.80 -19.14 16.04
C ASN D 99 -16.32 -18.81 16.20
N LEU D 100 -15.81 -17.93 15.34
CA LEU D 100 -14.41 -17.54 15.40
C LEU D 100 -14.29 -16.13 15.98
N GLU D 101 -13.14 -15.83 16.57
CA GLU D 101 -12.83 -14.53 17.16
C GLU D 101 -12.52 -13.50 16.07
N LEU D 102 -13.38 -13.32 15.07
CA LEU D 102 -13.05 -12.43 13.95
C LEU D 102 -12.75 -11.00 14.37
N THR D 103 -13.46 -10.51 15.39
CA THR D 103 -13.32 -9.12 15.81
C THR D 103 -11.99 -8.88 16.53
N ASN D 104 -11.30 -9.97 16.88
CA ASN D 104 -9.95 -9.86 17.39
C ASN D 104 -8.97 -9.48 16.29
N TYR D 105 -9.30 -9.81 15.03
CA TYR D 105 -8.38 -9.59 13.92
C TYR D 105 -8.85 -8.57 12.87
N LEU D 106 -10.16 -8.40 12.75
CA LEU D 106 -10.71 -7.53 11.72
C LEU D 106 -11.60 -6.45 12.29
N GLU D 107 -11.66 -5.32 11.59
CA GLU D 107 -12.53 -4.23 11.97
C GLU D 107 -13.98 -4.55 11.63
N ASP D 108 -14.90 -3.94 12.37
CA ASP D 108 -16.32 -4.23 12.17
C ASP D 108 -16.76 -4.01 10.72
N ILE D 109 -16.31 -2.92 10.12
CA ILE D 109 -16.76 -2.57 8.78
C ILE D 109 -16.23 -3.57 7.75
N GLU D 110 -15.11 -4.19 8.07
CA GLU D 110 -14.54 -5.21 7.22
C GLU D 110 -15.38 -6.47 7.23
N ILE D 111 -15.86 -6.88 8.41
CA ILE D 111 -16.70 -8.06 8.54
C ILE D 111 -18.04 -7.83 7.85
N PHE D 112 -18.56 -6.63 8.00
CA PHE D 112 -19.81 -6.23 7.35
C PHE D 112 -19.65 -6.28 5.84
N ALA D 113 -18.54 -5.73 5.35
CA ALA D 113 -18.25 -5.72 3.92
C ALA D 113 -18.10 -7.15 3.39
N LEU D 114 -17.50 -8.01 4.19
CA LEU D 114 -17.33 -9.41 3.78
C LEU D 114 -18.70 -10.04 3.56
N PHE D 115 -19.61 -9.82 4.51
CA PHE D 115 -20.93 -10.43 4.45
C PHE D 115 -21.75 -9.94 3.26
N ILE D 116 -21.72 -8.64 3.03
CA ILE D 116 -22.37 -8.10 1.86
C ILE D 116 -21.73 -8.64 0.57
N SER D 117 -20.41 -8.76 0.57
CA SER D 117 -19.69 -9.21 -0.60
C SER D 117 -20.08 -10.65 -0.88
N CYS D 118 -20.22 -11.42 0.19
CA CYS D 118 -20.69 -12.80 0.08
C CYS D 118 -22.03 -12.86 -0.65
N MET D 119 -22.96 -11.99 -0.25
CA MET D 119 -24.26 -11.92 -0.91
C MET D 119 -24.16 -11.61 -2.40
N CYS D 120 -23.22 -10.71 -2.74
CA CYS D 120 -23.12 -10.19 -4.11
C CYS D 120 -22.09 -10.88 -5.01
N HIS D 121 -21.32 -11.82 -4.45
CA HIS D 121 -20.05 -12.18 -5.11
C HIS D 121 -20.13 -12.94 -6.44
N ASP D 122 -21.28 -13.54 -6.76
CA ASP D 122 -21.50 -14.25 -8.01
C ASP D 122 -22.68 -13.65 -8.80
N LEU D 123 -23.06 -12.41 -8.50
CA LEU D 123 -24.24 -11.80 -9.14
C LEU D 123 -24.26 -11.97 -10.65
N ASP D 124 -25.40 -12.44 -11.16
CA ASP D 124 -25.67 -12.58 -12.60
C ASP D 124 -24.72 -13.57 -13.27
N HIS D 125 -24.18 -14.49 -12.48
CA HIS D 125 -23.41 -15.60 -13.03
C HIS D 125 -24.20 -16.37 -14.08
N ARG D 126 -23.54 -16.74 -15.17
CA ARG D 126 -24.25 -17.41 -16.25
C ARG D 126 -23.91 -18.90 -16.36
N GLY D 127 -23.22 -19.45 -15.37
CA GLY D 127 -22.92 -20.87 -15.37
C GLY D 127 -21.72 -21.19 -16.25
N THR D 128 -20.99 -20.16 -16.65
CA THR D 128 -19.76 -20.34 -17.44
C THR D 128 -18.59 -19.63 -16.74
N ASN D 129 -17.37 -20.13 -16.95
CA ASN D 129 -16.18 -19.51 -16.35
C ASN D 129 -15.63 -18.31 -17.16
N ASN D 130 -14.48 -17.79 -16.73
CA ASN D 130 -13.91 -16.62 -17.39
C ASN D 130 -13.42 -16.92 -18.80
N SER D 131 -12.77 -18.06 -18.99
CA SER D 131 -12.27 -18.47 -20.31
C SER D 131 -13.37 -18.50 -21.35
N PHE D 132 -14.53 -19.01 -20.96
CA PHE D 132 -15.66 -19.09 -21.89
C PHE D 132 -16.12 -17.71 -22.37
N GLN D 133 -16.15 -16.74 -21.47
CA GLN D 133 -16.54 -15.37 -21.86
C GLN D 133 -15.60 -14.88 -22.95
N VAL D 134 -14.32 -15.12 -22.73
CA VAL D 134 -13.31 -14.67 -23.67
C VAL D 134 -13.43 -15.46 -24.99
N ALA D 135 -13.51 -16.78 -24.90
CA ALA D 135 -13.66 -17.62 -26.10
C ALA D 135 -14.91 -17.26 -26.92
N SER D 136 -16.01 -16.96 -26.24
CA SER D 136 -17.27 -16.71 -26.95
C SER D 136 -17.40 -15.24 -27.38
N LYS D 137 -16.41 -14.43 -27.02
CA LYS D 137 -16.42 -12.97 -27.26
C LYS D 137 -17.72 -12.34 -26.80
N SER D 138 -18.09 -12.63 -25.55
CA SER D 138 -19.30 -12.07 -24.98
C SER D 138 -19.06 -10.59 -24.68
N VAL D 139 -20.13 -9.86 -24.37
CA VAL D 139 -20.00 -8.45 -23.97
C VAL D 139 -19.13 -8.28 -22.74
N LEU D 140 -19.16 -9.28 -21.87
CA LEU D 140 -18.43 -9.20 -20.62
C LEU D 140 -16.94 -9.28 -20.91
N ALA D 141 -16.56 -10.14 -21.86
CA ALA D 141 -15.16 -10.21 -22.29
C ALA D 141 -14.74 -8.91 -22.96
N ALA D 142 -15.59 -8.36 -23.81
CA ALA D 142 -15.28 -7.08 -24.43
C ALA D 142 -14.96 -6.00 -23.38
N LEU D 143 -15.73 -5.99 -22.29
CA LEU D 143 -15.58 -4.96 -21.27
C LEU D 143 -14.39 -5.19 -20.36
N TYR D 144 -14.09 -6.47 -20.07
CA TYR D 144 -13.20 -6.83 -18.96
C TYR D 144 -11.99 -7.75 -19.26
N SER D 145 -11.93 -8.35 -20.44
CA SER D 145 -10.94 -9.43 -20.66
C SER D 145 -9.50 -8.96 -20.52
N SER D 146 -9.20 -7.72 -20.90
CA SER D 146 -7.83 -7.26 -20.87
C SER D 146 -7.39 -6.99 -19.43
N GLU D 147 -8.34 -6.77 -18.55
CA GLU D 147 -8.01 -6.52 -17.14
C GLU D 147 -8.08 -7.80 -16.31
N GLY D 148 -8.71 -8.84 -16.86
CA GLY D 148 -8.80 -10.11 -16.17
C GLY D 148 -9.96 -10.21 -15.19
N SER D 149 -10.18 -11.43 -14.71
CA SER D 149 -11.30 -11.75 -13.81
C SER D 149 -12.62 -11.26 -14.38
N VAL D 150 -12.96 -11.67 -15.60
CA VAL D 150 -14.13 -11.17 -16.29
C VAL D 150 -15.42 -11.22 -15.47
N MET D 151 -15.78 -12.41 -15.00
CA MET D 151 -17.04 -12.58 -14.30
C MET D 151 -17.04 -11.82 -13.00
N GLU D 152 -15.90 -11.78 -12.33
CA GLU D 152 -15.84 -11.17 -11.00
C GLU D 152 -15.93 -9.64 -11.14
N ARG D 153 -15.40 -9.11 -12.24
CA ARG D 153 -15.55 -7.69 -12.46
C ARG D 153 -17.03 -7.40 -12.76
N HIS D 154 -17.70 -8.31 -13.45
CA HIS D 154 -19.14 -8.16 -13.70
C HIS D 154 -19.96 -8.28 -12.40
N HIS D 155 -19.60 -9.24 -11.54
CA HIS D 155 -20.30 -9.41 -10.26
C HIS D 155 -20.21 -8.12 -9.44
N PHE D 156 -19.02 -7.55 -9.35
CA PHE D 156 -18.85 -6.28 -8.65
C PHE D 156 -19.67 -5.17 -9.31
N ALA D 157 -19.59 -5.09 -10.65
CA ALA D 157 -20.35 -4.10 -11.42
C ALA D 157 -21.84 -4.20 -11.14
N GLN D 158 -22.34 -5.43 -11.04
CA GLN D 158 -23.75 -5.64 -10.76
C GLN D 158 -24.14 -5.16 -9.36
N ALA D 159 -23.24 -5.35 -8.40
CA ALA D 159 -23.48 -4.89 -7.03
C ALA D 159 -23.60 -3.38 -7.02
N ILE D 160 -22.68 -2.70 -7.70
CA ILE D 160 -22.77 -1.24 -7.86
C ILE D 160 -24.10 -0.82 -8.48
N ALA D 161 -24.57 -1.56 -9.50
CA ALA D 161 -25.84 -1.17 -10.14
C ALA D 161 -27.00 -1.28 -9.15
N ILE D 162 -26.96 -2.30 -8.29
CA ILE D 162 -27.98 -2.47 -7.29
C ILE D 162 -27.90 -1.34 -6.24
N LEU D 163 -26.72 -1.07 -5.72
CA LEU D 163 -26.54 0.07 -4.81
C LEU D 163 -27.02 1.38 -5.46
N ASN D 164 -26.83 1.48 -6.77
CA ASN D 164 -27.21 2.66 -7.52
C ASN D 164 -28.68 2.70 -7.92
N THR D 165 -29.45 1.68 -7.52
CA THR D 165 -30.87 1.66 -7.77
C THR D 165 -31.60 2.42 -6.67
N HIS D 166 -32.54 3.29 -7.07
CA HIS D 166 -33.24 4.12 -6.11
C HIS D 166 -33.85 3.27 -5.00
N GLY D 167 -33.56 3.61 -3.75
CA GLY D 167 -34.14 2.93 -2.61
C GLY D 167 -33.36 1.73 -2.11
N CYS D 168 -32.20 1.48 -2.70
CA CYS D 168 -31.47 0.25 -2.42
C CYS D 168 -30.08 0.49 -1.87
N ASN D 169 -29.67 1.74 -1.70
CA ASN D 169 -28.30 2.00 -1.26
C ASN D 169 -28.22 1.97 0.26
N ILE D 170 -27.93 0.80 0.80
CA ILE D 170 -27.89 0.59 2.25
C ILE D 170 -26.77 1.38 2.92
N PHE D 171 -25.83 1.90 2.12
CA PHE D 171 -24.68 2.62 2.65
C PHE D 171 -24.77 4.16 2.57
N ASP D 172 -25.84 4.70 2.02
CA ASP D 172 -25.79 6.10 1.60
C ASP D 172 -25.80 7.11 2.76
N HIS D 173 -26.05 6.66 3.97
CA HIS D 173 -25.94 7.53 5.15
C HIS D 173 -24.54 7.45 5.78
N PHE D 174 -23.71 6.52 5.32
CA PHE D 174 -22.33 6.44 5.82
C PHE D 174 -21.59 7.74 5.54
N SER D 175 -20.56 8.00 6.33
CA SER D 175 -19.66 9.11 6.06
C SER D 175 -19.01 8.86 4.71
N ARG D 176 -18.50 9.92 4.09
CA ARG D 176 -17.92 9.76 2.75
C ARG D 176 -16.79 8.75 2.77
N LYS D 177 -15.99 8.78 3.84
CA LYS D 177 -14.89 7.83 3.85
C LYS D 177 -15.32 6.42 4.26
N ASP D 178 -16.34 6.28 5.10
CA ASP D 178 -16.86 4.93 5.39
C ASP D 178 -17.52 4.34 4.14
N TYR D 179 -18.19 5.20 3.39
CA TYR D 179 -18.84 4.80 2.16
C TYR D 179 -17.78 4.31 1.21
N GLN D 180 -16.69 5.07 1.08
CA GLN D 180 -15.65 4.70 0.13
C GLN D 180 -15.00 3.39 0.57
N ARG D 181 -14.86 3.21 1.88
CA ARG D 181 -14.23 1.99 2.38
C ARG D 181 -15.07 0.76 1.99
N MET D 182 -16.40 0.88 2.04
CA MET D 182 -17.28 -0.25 1.68
C MET D 182 -17.12 -0.65 0.22
N LEU D 183 -17.04 0.33 -0.66
CA LEU D 183 -16.86 0.04 -2.09
C LEU D 183 -15.51 -0.63 -2.36
N ASP D 184 -14.47 -0.09 -1.72
CA ASP D 184 -13.12 -0.61 -1.90
C ASP D 184 -13.04 -2.04 -1.38
N LEU D 185 -13.63 -2.28 -0.21
CA LEU D 185 -13.62 -3.61 0.38
C LEU D 185 -14.38 -4.61 -0.49
N MET D 186 -15.58 -4.25 -0.94
CA MET D 186 -16.37 -5.12 -1.80
C MET D 186 -15.64 -5.45 -3.11
N ARG D 187 -14.97 -4.45 -3.69
CA ARG D 187 -14.22 -4.68 -4.92
C ARG D 187 -13.09 -5.70 -4.69
N ASP D 188 -12.32 -5.48 -3.63
CA ASP D 188 -11.21 -6.37 -3.31
C ASP D 188 -11.71 -7.79 -3.03
N ILE D 189 -12.74 -7.87 -2.21
CA ILE D 189 -13.23 -9.16 -1.76
C ILE D 189 -13.85 -9.94 -2.91
N ILE D 190 -14.65 -9.27 -3.75
CA ILE D 190 -15.28 -9.99 -4.84
C ILE D 190 -14.23 -10.41 -5.90
N LEU D 191 -13.25 -9.54 -6.17
CA LEU D 191 -12.21 -9.89 -7.14
C LEU D 191 -11.33 -11.03 -6.64
N ALA D 192 -11.30 -11.21 -5.32
CA ALA D 192 -10.49 -12.27 -4.75
C ALA D 192 -11.11 -13.67 -4.94
N THR D 193 -12.30 -13.70 -5.52
CA THR D 193 -12.99 -14.97 -5.72
C THR D 193 -12.66 -15.59 -7.09
N ASP D 194 -11.87 -14.89 -7.89
CA ASP D 194 -11.35 -15.47 -9.12
C ASP D 194 -10.27 -16.46 -8.72
N LEU D 195 -10.49 -17.74 -8.99
CA LEU D 195 -9.55 -18.76 -8.58
C LEU D 195 -8.12 -18.48 -9.10
N ALA D 196 -8.02 -17.85 -10.27
CA ALA D 196 -6.71 -17.46 -10.78
C ALA D 196 -6.06 -16.41 -9.86
N HIS D 197 -6.87 -15.53 -9.28
CA HIS D 197 -6.36 -14.57 -8.29
C HIS D 197 -5.87 -15.29 -7.03
N HIS D 198 -6.73 -16.15 -6.49
CA HIS D 198 -6.39 -16.88 -5.27
C HIS D 198 -5.07 -17.65 -5.39
N LEU D 199 -4.86 -18.30 -6.54
CA LEU D 199 -3.63 -19.09 -6.72
C LEU D 199 -2.39 -18.21 -6.80
N ARG D 200 -2.54 -17.03 -7.40
CA ARG D 200 -1.44 -16.07 -7.48
C ARG D 200 -1.01 -15.60 -6.09
N ILE D 201 -1.98 -15.38 -5.20
CA ILE D 201 -1.68 -14.76 -3.93
C ILE D 201 -1.60 -15.76 -2.80
N PHE D 202 -1.73 -17.05 -3.11
CA PHE D 202 -1.64 -18.07 -2.07
C PHE D 202 -0.35 -17.96 -1.25
N LYS D 203 0.76 -17.69 -1.94
CA LYS D 203 2.05 -17.55 -1.27
C LYS D 203 2.00 -16.43 -0.23
N ASP D 204 1.27 -15.36 -0.52
CA ASP D 204 1.17 -14.24 0.42
C ASP D 204 0.35 -14.63 1.64
N LEU D 205 -0.73 -15.38 1.40
CA LEU D 205 -1.49 -15.99 2.48
C LEU D 205 -0.62 -16.89 3.37
N GLN D 206 0.19 -17.77 2.77
CA GLN D 206 1.09 -18.63 3.54
C GLN D 206 2.06 -17.80 4.37
N LYS D 207 2.65 -16.81 3.73
CA LYS D 207 3.67 -16.02 4.39
C LYS D 207 3.06 -15.29 5.58
N MET D 208 1.82 -14.85 5.43
CA MET D 208 1.11 -14.21 6.53
C MET D 208 0.92 -15.18 7.68
N ALA D 209 0.50 -16.40 7.39
CA ALA D 209 0.33 -17.42 8.45
C ALA D 209 1.67 -17.74 9.09
N GLU D 210 2.72 -17.70 8.29
CA GLU D 210 4.07 -18.02 8.76
C GLU D 210 4.60 -16.99 9.76
N VAL D 211 4.50 -15.71 9.43
CA VAL D 211 5.04 -14.70 10.33
C VAL D 211 4.07 -14.41 11.48
N GLY D 212 2.82 -14.82 11.31
CA GLY D 212 1.77 -14.53 12.27
C GLY D 212 1.02 -13.27 11.87
N TYR D 213 -0.29 -13.30 12.06
CA TYR D 213 -1.14 -12.17 11.71
C TYR D 213 -0.76 -10.93 12.51
N ASP D 214 -0.65 -9.80 11.82
CA ASP D 214 -0.35 -8.52 12.44
C ASP D 214 -1.57 -7.63 12.32
N ARG D 215 -2.32 -7.50 13.42
CA ARG D 215 -3.51 -6.62 13.51
C ARG D 215 -3.25 -5.19 13.01
N ASN D 216 -1.99 -4.77 13.06
CA ASN D 216 -1.64 -3.42 12.64
C ASN D 216 -1.21 -3.31 11.18
N ASN D 217 -1.13 -4.46 10.50
CA ASN D 217 -0.71 -4.51 9.11
C ASN D 217 -1.92 -4.54 8.17
N LYS D 218 -2.08 -3.49 7.38
CA LYS D 218 -3.27 -3.34 6.56
C LYS D 218 -3.34 -4.41 5.48
N GLN D 219 -2.19 -4.86 5.00
CA GLN D 219 -2.19 -5.88 3.95
C GLN D 219 -2.63 -7.21 4.55
N HIS D 220 -2.33 -7.41 5.83
CA HIS D 220 -2.79 -8.64 6.50
C HIS D 220 -4.32 -8.65 6.58
N HIS D 221 -4.92 -7.51 6.87
CA HIS D 221 -6.38 -7.41 6.88
C HIS D 221 -6.97 -7.79 5.51
N ARG D 222 -6.40 -7.24 4.43
CA ARG D 222 -6.88 -7.53 3.08
C ARG D 222 -6.70 -9.03 2.76
N LEU D 223 -5.54 -9.58 3.07
CA LEU D 223 -5.27 -11.01 2.86
C LEU D 223 -6.22 -11.92 3.61
N LEU D 224 -6.44 -11.61 4.89
CA LEU D 224 -7.34 -12.39 5.73
C LEU D 224 -8.77 -12.33 5.17
N LEU D 225 -9.20 -11.13 4.76
CA LEU D 225 -10.50 -10.98 4.10
C LEU D 225 -10.63 -11.86 2.84
N CYS D 226 -9.59 -11.89 2.02
CA CYS D 226 -9.58 -12.76 0.84
C CYS D 226 -9.70 -14.23 1.27
N LEU D 227 -8.93 -14.63 2.28
CA LEU D 227 -8.99 -16.01 2.75
C LEU D 227 -10.36 -16.39 3.31
N LEU D 228 -10.93 -15.51 4.12
CA LEU D 228 -12.26 -15.76 4.67
C LEU D 228 -13.28 -15.86 3.54
N MET D 229 -13.17 -14.98 2.55
CA MET D 229 -14.12 -15.01 1.44
C MET D 229 -14.03 -16.36 0.72
N THR D 230 -12.82 -16.82 0.44
CA THR D 230 -12.71 -18.07 -0.28
C THR D 230 -13.19 -19.23 0.59
N SER D 231 -13.02 -19.11 1.91
CA SER D 231 -13.46 -20.18 2.78
C SER D 231 -14.99 -20.24 2.78
N CYS D 232 -15.63 -19.08 2.61
CA CYS D 232 -17.08 -19.02 2.49
C CYS D 232 -17.57 -19.62 1.17
N ASP D 233 -16.84 -19.33 0.09
CA ASP D 233 -17.22 -19.75 -1.27
C ASP D 233 -17.20 -21.30 -1.36
N LEU D 234 -16.31 -21.92 -0.59
CA LEU D 234 -16.13 -23.37 -0.64
C LEU D 234 -16.83 -24.10 0.50
N SER D 235 -17.62 -23.37 1.29
CA SER D 235 -18.15 -23.91 2.55
C SER D 235 -19.06 -25.14 2.41
N ASP D 236 -19.53 -25.43 1.20
CA ASP D 236 -20.30 -26.65 0.97
C ASP D 236 -19.46 -27.92 1.27
N GLN D 237 -18.14 -27.79 1.19
CA GLN D 237 -17.25 -28.91 1.52
C GLN D 237 -17.10 -29.16 3.02
N THR D 238 -17.60 -28.25 3.86
CA THR D 238 -17.43 -28.36 5.31
C THR D 238 -18.64 -28.94 6.02
N LYS D 239 -19.63 -29.39 5.27
CA LYS D 239 -20.80 -30.02 5.88
C LYS D 239 -20.63 -31.54 5.84
N GLY D 240 -21.71 -32.28 5.60
CA GLY D 240 -21.64 -33.73 5.52
C GLY D 240 -21.43 -34.25 4.11
N TRP D 241 -21.38 -35.58 3.96
CA TRP D 241 -21.21 -36.22 2.66
C TRP D 241 -22.32 -35.85 1.68
N LYS D 242 -23.55 -35.88 2.18
CA LYS D 242 -24.73 -35.57 1.40
C LYS D 242 -24.54 -34.25 0.67
N THR D 243 -24.11 -33.25 1.44
CA THR D 243 -23.90 -31.94 0.85
C THR D 243 -22.79 -31.95 -0.20
N THR D 244 -21.65 -32.59 0.10
CA THR D 244 -20.57 -32.49 -0.89
C THR D 244 -20.95 -33.27 -2.15
N ARG D 245 -21.71 -34.34 -1.99
CA ARG D 245 -22.16 -35.16 -3.12
C ARG D 245 -23.13 -34.41 -4.03
N LYS D 246 -24.11 -33.77 -3.40
CA LYS D 246 -25.08 -32.95 -4.11
C LYS D 246 -24.42 -31.83 -4.89
N ILE D 247 -23.54 -31.10 -4.22
CA ILE D 247 -22.90 -29.96 -4.86
C ILE D 247 -22.03 -30.42 -6.03
N ALA D 248 -21.40 -31.59 -5.89
CA ALA D 248 -20.67 -32.15 -7.04
C ALA D 248 -21.60 -32.37 -8.23
N GLU D 249 -22.79 -32.91 -7.98
CA GLU D 249 -23.79 -33.08 -9.03
C GLU D 249 -24.11 -31.77 -9.71
N LEU D 250 -24.33 -30.76 -8.90
CA LEU D 250 -24.74 -29.45 -9.39
C LEU D 250 -23.63 -28.80 -10.21
N ILE D 251 -22.42 -28.80 -9.69
CA ILE D 251 -21.34 -28.10 -10.36
C ILE D 251 -20.86 -28.84 -11.61
N TYR D 252 -20.90 -30.18 -11.64
CA TYR D 252 -20.51 -30.84 -12.87
C TYR D 252 -21.61 -30.71 -13.91
N LYS D 253 -22.88 -30.69 -13.47
CA LYS D 253 -23.95 -30.46 -14.42
C LYS D 253 -23.70 -29.12 -15.11
N GLU D 254 -23.34 -28.13 -14.29
CA GLU D 254 -23.04 -26.82 -14.82
C GLU D 254 -21.76 -26.82 -15.68
N PHE D 255 -20.68 -27.44 -15.20
CA PHE D 255 -19.43 -27.57 -15.98
C PHE D 255 -19.69 -28.24 -17.34
N PHE D 256 -20.36 -29.39 -17.30
CA PHE D 256 -20.60 -30.14 -18.52
C PHE D 256 -21.49 -29.40 -19.52
N SER D 257 -22.40 -28.56 -19.04
CA SER D 257 -23.18 -27.75 -19.97
C SER D 257 -22.25 -26.78 -20.70
N GLN D 258 -21.31 -26.19 -19.99
CA GLN D 258 -20.34 -25.32 -20.65
C GLN D 258 -19.53 -26.10 -21.69
N GLY D 259 -19.06 -27.28 -21.33
CA GLY D 259 -18.27 -28.09 -22.26
C GLY D 259 -19.02 -28.39 -23.53
N ASP D 260 -20.28 -28.77 -23.39
CA ASP D 260 -21.14 -29.05 -24.55
C ASP D 260 -21.14 -27.86 -25.50
N LEU D 261 -21.35 -26.67 -24.95
CA LEU D 261 -21.39 -25.45 -25.76
C LEU D 261 -20.07 -25.23 -26.49
N GLU D 262 -18.98 -25.41 -25.75
CA GLU D 262 -17.65 -25.25 -26.32
C GLU D 262 -17.45 -26.21 -27.49
N LYS D 263 -17.85 -27.46 -27.30
CA LYS D 263 -17.71 -28.44 -28.38
C LYS D 263 -18.47 -27.97 -29.62
N ALA D 264 -19.68 -27.46 -29.43
CA ALA D 264 -20.51 -26.96 -30.53
C ALA D 264 -19.88 -25.74 -31.21
N MET D 265 -19.11 -24.97 -30.45
CA MET D 265 -18.41 -23.82 -31.02
C MET D 265 -17.14 -24.21 -31.76
N GLY D 266 -16.76 -25.48 -31.68
CA GLY D 266 -15.58 -25.97 -32.37
C GLY D 266 -14.36 -25.92 -31.47
N ASN D 267 -14.62 -25.72 -30.18
CA ASN D 267 -13.51 -25.59 -29.24
C ASN D 267 -13.42 -26.77 -28.30
N ARG D 268 -12.21 -27.03 -27.82
CA ARG D 268 -11.97 -28.16 -26.94
C ARG D 268 -12.08 -27.74 -25.47
N PRO D 269 -13.07 -28.28 -24.76
CA PRO D 269 -13.27 -27.91 -23.35
C PRO D 269 -12.15 -28.46 -22.48
N MET D 270 -11.88 -27.80 -21.36
CA MET D 270 -10.99 -28.37 -20.36
C MET D 270 -11.56 -29.72 -19.91
N GLU D 271 -10.67 -30.59 -19.45
CA GLU D 271 -11.08 -31.95 -19.08
C GLU D 271 -12.28 -31.99 -18.12
N MET D 272 -12.26 -31.17 -17.09
CA MET D 272 -13.30 -31.23 -16.07
C MET D 272 -14.67 -30.78 -16.56
N MET D 273 -14.72 -30.21 -17.77
CA MET D 273 -15.98 -29.73 -18.35
C MET D 273 -16.42 -30.56 -19.55
N ASP D 274 -15.66 -31.60 -19.82
CA ASP D 274 -15.97 -32.50 -20.93
C ASP D 274 -16.58 -33.76 -20.34
N ARG D 275 -17.88 -33.96 -20.57
CA ARG D 275 -18.58 -35.08 -19.95
C ARG D 275 -18.09 -36.43 -20.45
N GLU D 276 -17.28 -36.44 -21.51
CA GLU D 276 -16.68 -37.67 -22.02
C GLU D 276 -15.32 -38.02 -21.40
N LYS D 277 -14.69 -37.06 -20.74
CA LYS D 277 -13.34 -37.22 -20.18
C LYS D 277 -13.31 -37.02 -18.66
N ALA D 278 -14.28 -36.28 -18.15
CA ALA D 278 -14.28 -35.93 -16.73
C ALA D 278 -14.48 -37.17 -15.86
N TYR D 279 -13.49 -37.48 -15.04
CA TYR D 279 -13.62 -38.57 -14.09
C TYR D 279 -13.88 -37.93 -12.72
N ILE D 280 -15.15 -37.77 -12.38
CA ILE D 280 -15.55 -36.97 -11.21
C ILE D 280 -14.84 -37.27 -9.87
N PRO D 281 -14.64 -38.55 -9.52
CA PRO D 281 -14.03 -38.76 -8.20
C PRO D 281 -12.62 -38.21 -8.09
N GLU D 282 -11.83 -38.41 -9.14
CA GLU D 282 -10.47 -37.89 -9.21
C GLU D 282 -10.50 -36.36 -9.20
N LEU D 283 -11.38 -35.80 -10.02
CA LEU D 283 -11.53 -34.34 -10.10
C LEU D 283 -11.93 -33.72 -8.77
N GLN D 284 -12.91 -34.34 -8.10
CA GLN D 284 -13.41 -33.81 -6.84
C GLN D 284 -12.35 -33.91 -5.75
N ILE D 285 -11.70 -35.07 -5.67
CA ILE D 285 -10.60 -35.27 -4.72
C ILE D 285 -9.46 -34.29 -4.97
N SER D 286 -9.11 -34.04 -6.24
CA SER D 286 -8.04 -33.09 -6.55
C SER D 286 -8.40 -31.67 -6.08
N PHE D 287 -9.61 -31.23 -6.39
CA PHE D 287 -10.11 -29.96 -5.91
C PHE D 287 -10.09 -29.88 -4.39
N MET D 288 -10.47 -30.96 -3.74
CA MET D 288 -10.50 -30.95 -2.28
C MET D 288 -9.09 -30.90 -1.70
N GLU D 289 -8.20 -31.71 -2.26
CA GLU D 289 -6.83 -31.79 -1.77
C GLU D 289 -6.01 -30.53 -2.07
N HIS D 290 -6.21 -29.95 -3.24
CA HIS D 290 -5.26 -28.94 -3.68
C HIS D 290 -5.83 -27.55 -3.69
N ILE D 291 -7.15 -27.43 -3.57
CA ILE D 291 -7.76 -26.11 -3.49
C ILE D 291 -8.43 -25.88 -2.13
N ALA D 292 -9.43 -26.68 -1.79
CA ALA D 292 -10.21 -26.47 -0.58
C ALA D 292 -9.42 -26.71 0.70
N MET D 293 -8.76 -27.86 0.81
CA MET D 293 -8.05 -28.16 2.05
C MET D 293 -6.94 -27.15 2.41
N PRO D 294 -6.13 -26.71 1.41
CA PRO D 294 -5.14 -25.70 1.79
C PRO D 294 -5.74 -24.38 2.31
N ILE D 295 -6.92 -24.00 1.83
CA ILE D 295 -7.63 -22.83 2.38
C ILE D 295 -8.04 -23.07 3.83
N TYR D 296 -8.62 -24.23 4.13
CA TYR D 296 -9.07 -24.44 5.50
C TYR D 296 -7.92 -24.73 6.45
N LYS D 297 -6.78 -25.16 5.90
CA LYS D 297 -5.56 -25.35 6.67
C LYS D 297 -5.02 -23.99 7.12
N LEU D 298 -5.04 -23.04 6.20
CA LEU D 298 -4.66 -21.67 6.52
C LEU D 298 -5.66 -21.04 7.51
N LEU D 299 -6.95 -21.31 7.32
CA LEU D 299 -7.96 -20.82 8.26
C LEU D 299 -7.71 -21.38 9.67
N GLN D 300 -7.36 -22.66 9.74
CA GLN D 300 -7.05 -23.33 10.99
C GLN D 300 -5.82 -22.74 11.68
N ASP D 301 -4.78 -22.50 10.90
CA ASP D 301 -3.54 -21.91 11.42
C ASP D 301 -3.80 -20.55 12.03
N LEU D 302 -4.64 -19.74 11.39
CA LEU D 302 -4.95 -18.41 11.91
C LEU D 302 -5.99 -18.44 13.02
N PHE D 303 -6.92 -19.38 12.92
CA PHE D 303 -7.99 -19.55 13.90
C PHE D 303 -8.03 -21.00 14.35
N PRO D 304 -7.50 -21.30 15.54
CA PRO D 304 -7.51 -22.68 16.03
C PRO D 304 -8.92 -23.28 16.18
N LYS D 305 -9.93 -22.47 16.49
CA LYS D 305 -11.29 -22.99 16.55
C LYS D 305 -11.80 -23.46 15.18
N ALA D 306 -11.07 -23.15 14.10
CA ALA D 306 -11.49 -23.54 12.77
C ALA D 306 -11.02 -24.94 12.40
N ALA D 307 -10.35 -25.62 13.33
CA ALA D 307 -9.82 -26.96 13.11
C ALA D 307 -10.89 -27.94 12.59
N GLU D 308 -12.09 -27.89 13.16
CA GLU D 308 -13.11 -28.88 12.80
C GLU D 308 -13.54 -28.72 11.34
N LEU D 309 -13.42 -27.52 10.81
CA LEU D 309 -13.74 -27.26 9.41
C LEU D 309 -12.76 -28.00 8.50
N TYR D 310 -11.47 -27.83 8.79
CA TYR D 310 -10.44 -28.53 8.03
C TYR D 310 -10.61 -30.06 8.13
N GLU D 311 -10.86 -30.55 9.32
CA GLU D 311 -11.05 -31.99 9.57
C GLU D 311 -12.26 -32.51 8.81
N ARG D 312 -13.34 -31.72 8.76
CA ARG D 312 -14.49 -32.24 8.04
C ARG D 312 -14.26 -32.29 6.54
N VAL D 313 -13.54 -31.33 5.98
CA VAL D 313 -13.22 -31.37 4.56
C VAL D 313 -12.35 -32.56 4.26
N ALA D 314 -11.35 -32.80 5.09
CA ALA D 314 -10.49 -33.98 4.97
C ALA D 314 -11.32 -35.26 5.07
N SER D 315 -12.29 -35.25 5.96
CA SER D 315 -13.19 -36.39 6.14
C SER D 315 -14.01 -36.64 4.87
N ASN D 316 -14.56 -35.57 4.29
CA ASN D 316 -15.37 -35.69 3.07
C ASN D 316 -14.53 -36.14 1.88
N ARG D 317 -13.28 -35.71 1.87
CA ARG D 317 -12.35 -36.18 0.84
C ARG D 317 -12.12 -37.68 0.96
N GLU D 318 -11.97 -38.16 2.19
CA GLU D 318 -11.75 -39.59 2.39
C GLU D 318 -13.00 -40.40 1.96
N HIS D 319 -14.17 -39.81 2.17
CA HIS D 319 -15.38 -40.47 1.71
C HIS D 319 -15.44 -40.55 0.18
N TRP D 320 -14.99 -39.51 -0.52
CA TRP D 320 -14.90 -39.57 -1.96
C TRP D 320 -13.95 -40.68 -2.40
N THR D 321 -12.82 -40.80 -1.73
CA THR D 321 -11.91 -41.91 -2.00
C THR D 321 -12.61 -43.26 -1.81
N LYS D 322 -13.46 -43.35 -0.80
CA LYS D 322 -14.08 -44.63 -0.42
C LYS D 322 -15.17 -45.07 -1.43
N VAL D 323 -15.82 -44.12 -2.08
CA VAL D 323 -16.88 -44.47 -3.03
C VAL D 323 -16.41 -44.41 -4.47
N SER D 324 -15.13 -44.11 -4.66
CA SER D 324 -14.58 -43.93 -6.00
C SER D 324 -14.72 -45.18 -6.88
N HIS D 325 -14.61 -46.36 -6.27
CA HIS D 325 -14.71 -47.62 -6.99
C HIS D 325 -16.08 -47.79 -7.64
N LYS D 326 -17.10 -47.10 -7.13
CA LYS D 326 -18.46 -47.24 -7.64
C LYS D 326 -18.64 -46.64 -9.03
N PHE D 327 -17.68 -45.85 -9.46
CA PHE D 327 -17.74 -45.25 -10.80
C PHE D 327 -17.26 -46.25 -11.85
N THR D 328 -16.84 -47.41 -11.40
CA THR D 328 -16.46 -48.49 -12.32
C THR D 328 -17.60 -49.48 -12.37
N ILE D 329 -18.08 -49.75 -13.58
CA ILE D 329 -19.22 -50.64 -13.70
C ILE D 329 -18.71 -52.07 -13.66
N ARG D 330 -18.86 -52.69 -12.50
CA ARG D 330 -18.57 -54.12 -12.39
C ARG D 330 -19.85 -54.90 -12.54
N GLY D 331 -19.76 -56.09 -13.10
CA GLY D 331 -20.97 -56.81 -13.44
C GLY D 331 -21.75 -56.05 -14.50
N LEU D 332 -23.06 -56.11 -14.43
CA LEU D 332 -23.92 -55.36 -15.35
C LEU D 332 -24.44 -54.10 -14.69
N PRO D 333 -24.77 -53.07 -15.48
CA PRO D 333 -25.49 -51.91 -14.95
C PRO D 333 -26.77 -52.33 -14.21
N SER D 334 -27.36 -51.41 -13.47
CA SER D 334 -28.60 -51.67 -12.72
C SER D 334 -29.70 -52.26 -13.61
N ASN D 335 -29.76 -51.83 -14.86
CA ASN D 335 -30.80 -52.31 -15.79
C ASN D 335 -30.51 -53.66 -16.42
N ASN D 336 -29.39 -54.29 -16.04
CA ASN D 336 -28.95 -55.55 -16.67
C ASN D 336 -28.78 -55.42 -18.19
N SER D 337 -28.56 -54.21 -18.68
CA SER D 337 -28.47 -54.00 -20.12
C SER D 337 -27.12 -53.40 -20.49
N LEU D 338 -26.53 -53.88 -21.59
CA LEU D 338 -25.30 -53.30 -22.12
C LEU D 338 -25.59 -52.32 -23.25
N ASP D 339 -26.83 -51.88 -23.38
CA ASP D 339 -27.19 -51.02 -24.50
C ASP D 339 -26.61 -49.62 -24.37
N PHE D 340 -26.12 -49.27 -23.18
CA PHE D 340 -25.45 -47.98 -23.01
C PHE D 340 -24.13 -47.95 -23.80
N LEU D 341 -23.65 -49.13 -24.21
CA LEU D 341 -22.42 -49.21 -25.00
C LEU D 341 -22.52 -48.60 -26.40
N ASP D 342 -23.68 -48.75 -27.04
CA ASP D 342 -23.89 -48.15 -28.36
C ASP D 342 -23.91 -46.62 -28.28
#